data_4CBY
#
_entry.id   4CBY
#
_cell.length_a   54.151
_cell.length_b   161.816
_cell.length_c   83.732
_cell.angle_alpha   90.00
_cell.angle_beta   97.03
_cell.angle_gamma   90.00
#
_symmetry.space_group_name_H-M   'P 1 21 1'
#
loop_
_entity.id
_entity.type
_entity.pdbx_description
1 polymer 'HISTONE DEACETYLASE 4'
2 non-polymer (1R,2R,3R)-2-[4-(1,3-oxazol-5-yl)phenyl]-N-oxidanyl-3-phenyl-cyclopropane-1-carboxamide
3 non-polymer 'ZINC ION'
4 non-polymer 'SODIUM ION'
5 water water
#
_entity_poly.entity_id   1
_entity_poly.type   'polypeptide(L)'
_entity_poly.pdbx_seq_one_letter_code
;MGSTKPRFTTGLVYDTLMLKHQCTCGSSSSHPEHAGRIQSIWSRLQETGLRGKCECIRGRKATLEELQTVHSEAHTLLYG
TNPANRQKLDSKKLLGSLASVFVRLPCGGVGVDSDTIWNEVHSAGAARLAVGCVVELVFKVATGELKNGFAVVRPPGHHA
EESTPMGFCYFNSVAVAAKLLQQRLSVSKILIVDWDVHHGNGTQQAFYSDPSVLYMSLHRYDDGNFFPGSGAPDEVGTGP
GVGFNVNMAFTGGLDPPMGDAEYLAAFRTVVMPIASEFAPDVVLVSSGFDAVEGHPTPLGGYNLSARCFGYLTKQLMGLA
GGRIVLALEGGHDLTAICDASEACVSALLGNELDPLPEKVLQQRPNANAVRSMEKVMEIHSKYWRCLQRHHHHHH
;
_entity_poly.pdbx_strand_id   A,B,C,D
#
loop_
_chem_comp.id
_chem_comp.type
_chem_comp.name
_chem_comp.formula
KEE non-polymer (1R,2R,3R)-2-[4-(1,3-oxazol-5-yl)phenyl]-N-oxidanyl-3-phenyl-cyclopropane-1-carboxamide 'C19 H16 N2 O3'
NA non-polymer 'SODIUM ION' 'Na 1'
ZN non-polymer 'ZINC ION' 'Zn 2'
#
# COMPACT_ATOMS: atom_id res chain seq x y z
N THR A 9 -16.91 -46.55 -2.33
CA THR A 9 -18.16 -46.18 -3.06
C THR A 9 -18.08 -44.80 -3.77
N THR A 10 -18.46 -44.75 -5.06
CA THR A 10 -18.35 -43.56 -5.89
C THR A 10 -19.60 -42.67 -5.80
N GLY A 11 -19.39 -41.35 -5.72
CA GLY A 11 -20.49 -40.39 -5.61
C GLY A 11 -20.80 -39.64 -6.90
N LEU A 12 -22.05 -39.22 -7.04
CA LEU A 12 -22.48 -38.34 -8.13
C LEU A 12 -23.35 -37.19 -7.59
N VAL A 13 -23.25 -36.00 -8.19
CA VAL A 13 -24.11 -34.87 -7.84
C VAL A 13 -24.70 -34.18 -9.09
N TYR A 14 -25.95 -33.75 -8.96
CA TYR A 14 -26.73 -33.20 -10.08
C TYR A 14 -27.97 -32.55 -9.49
N ASP A 15 -28.48 -31.50 -10.15
CA ASP A 15 -29.71 -30.84 -9.69
C ASP A 15 -30.42 -30.18 -10.88
N THR A 16 -31.73 -30.38 -10.98
CA THR A 16 -32.47 -29.91 -12.17
C THR A 16 -32.69 -28.40 -12.17
N LEU A 17 -32.45 -27.75 -11.03
CA LEU A 17 -32.48 -26.28 -11.00
C LEU A 17 -31.31 -25.63 -11.80
N MET A 18 -30.26 -26.39 -12.08
CA MET A 18 -29.17 -25.88 -12.93
C MET A 18 -29.59 -25.73 -14.40
N LEU A 19 -30.65 -26.46 -14.78
CA LEU A 19 -31.20 -26.37 -16.14
C LEU A 19 -31.82 -25.00 -16.39
N LYS A 20 -32.30 -24.34 -15.33
CA LYS A 20 -33.00 -23.05 -15.47
C LYS A 20 -32.13 -21.85 -15.84
N HIS A 21 -30.81 -21.98 -15.79
CA HIS A 21 -29.92 -20.92 -16.26
C HIS A 21 -29.92 -20.89 -17.77
N GLN A 22 -30.67 -19.95 -18.33
CA GLN A 22 -30.98 -19.92 -19.75
C GLN A 22 -31.21 -18.50 -20.22
N CYS A 23 -30.76 -18.18 -21.42
CA CYS A 23 -30.88 -16.81 -21.87
C CYS A 23 -32.32 -16.38 -22.06
N THR A 24 -32.55 -15.09 -21.85
CA THR A 24 -33.90 -14.50 -21.90
C THR A 24 -34.45 -14.43 -23.32
N CYS A 25 -33.60 -14.53 -24.34
CA CYS A 25 -34.06 -14.63 -25.74
C CYS A 25 -34.78 -15.94 -26.04
N GLY A 26 -34.70 -16.91 -25.12
CA GLY A 26 -35.53 -18.11 -25.23
C GLY A 26 -35.09 -19.10 -26.27
N SER A 27 -33.81 -19.09 -26.65
CA SER A 27 -33.27 -19.88 -27.74
C SER A 27 -31.83 -20.29 -27.47
N SER A 28 -31.66 -21.51 -26.99
CA SER A 28 -30.33 -22.01 -26.66
C SER A 28 -29.38 -22.22 -27.85
N SER A 29 -29.89 -22.10 -29.08
CA SER A 29 -29.04 -22.28 -30.26
C SER A 29 -28.03 -21.15 -30.48
N SER A 30 -28.25 -20.02 -29.82
CA SER A 30 -27.26 -18.93 -29.83
C SER A 30 -26.22 -19.04 -28.69
N HIS A 31 -26.38 -20.05 -27.82
CA HIS A 31 -25.59 -20.17 -26.57
C HIS A 31 -25.06 -21.55 -26.33
N PRO A 32 -23.76 -21.76 -26.60
CA PRO A 32 -23.15 -23.08 -26.56
C PRO A 32 -23.20 -23.75 -25.21
N GLU A 33 -23.11 -22.98 -24.14
CA GLU A 33 -23.18 -23.53 -22.80
C GLU A 33 -24.65 -23.63 -22.39
N HIS A 34 -25.30 -24.70 -22.86
CA HIS A 34 -26.75 -24.85 -22.69
C HIS A 34 -27.19 -25.96 -21.78
N ALA A 35 -28.42 -25.84 -21.27
CA ALA A 35 -28.97 -26.77 -20.26
C ALA A 35 -28.84 -28.24 -20.66
N GLY A 36 -29.06 -28.53 -21.94
CA GLY A 36 -29.02 -29.91 -22.45
C GLY A 36 -27.73 -30.66 -22.19
N ARG A 37 -26.64 -29.92 -22.05
CA ARG A 37 -25.33 -30.50 -21.75
C ARG A 37 -25.39 -31.46 -20.57
N ILE A 38 -25.94 -31.01 -19.45
CA ILE A 38 -26.00 -31.86 -18.26
C ILE A 38 -27.08 -32.88 -18.37
N GLN A 39 -28.21 -32.46 -18.92
CA GLN A 39 -29.38 -33.33 -19.02
C GLN A 39 -29.04 -34.62 -19.74
N SER A 40 -28.28 -34.50 -20.83
CA SER A 40 -27.92 -35.66 -21.63
C SER A 40 -26.90 -36.54 -20.90
N ILE A 41 -25.86 -35.91 -20.34
CA ILE A 41 -24.90 -36.63 -19.53
C ILE A 41 -25.64 -37.41 -18.46
N TRP A 42 -26.65 -36.78 -17.87
CA TRP A 42 -27.37 -37.39 -16.77
C TRP A 42 -28.12 -38.60 -17.22
N SER A 43 -28.83 -38.49 -18.33
CA SER A 43 -29.56 -39.65 -18.84
C SER A 43 -28.61 -40.74 -19.38
N ARG A 44 -27.48 -40.33 -19.96
CA ARG A 44 -26.47 -41.32 -20.41
C ARG A 44 -26.05 -42.24 -19.27
N LEU A 45 -25.89 -41.68 -18.07
CA LEU A 45 -25.44 -42.46 -16.92
C LEU A 45 -26.55 -43.37 -16.40
N GLN A 46 -27.78 -43.00 -16.70
CA GLN A 46 -28.93 -43.81 -16.37
C GLN A 46 -29.02 -44.98 -17.35
N GLU A 47 -29.01 -44.68 -18.64
CA GLU A 47 -29.25 -45.68 -19.70
C GLU A 47 -28.06 -46.67 -19.81
N THR A 48 -26.95 -46.39 -19.13
CA THR A 48 -25.82 -47.31 -19.02
C THR A 48 -25.79 -48.08 -17.69
N GLY A 49 -26.65 -47.73 -16.75
CA GLY A 49 -26.69 -48.39 -15.44
C GLY A 49 -25.63 -47.90 -14.45
N LEU A 50 -24.78 -46.96 -14.87
CA LEU A 50 -23.74 -46.43 -14.00
C LEU A 50 -24.31 -45.64 -12.84
N ARG A 51 -25.37 -44.88 -13.10
CA ARG A 51 -26.03 -44.11 -12.05
C ARG A 51 -26.56 -45.02 -10.92
N GLY A 52 -27.03 -46.21 -11.30
CA GLY A 52 -27.54 -47.17 -10.34
C GLY A 52 -26.49 -47.68 -9.37
N LYS A 53 -25.24 -47.72 -9.83
CA LYS A 53 -24.15 -48.25 -9.00
C LYS A 53 -23.53 -47.20 -8.08
N CYS A 54 -23.94 -45.94 -8.20
CA CYS A 54 -23.34 -44.85 -7.43
C CYS A 54 -24.28 -44.34 -6.37
N GLU A 55 -23.73 -43.57 -5.45
CA GLU A 55 -24.50 -42.79 -4.50
C GLU A 55 -24.74 -41.42 -5.10
N CYS A 56 -25.99 -41.01 -5.22
CA CYS A 56 -26.33 -39.68 -5.71
C CYS A 56 -26.67 -38.75 -4.54
N ILE A 57 -25.80 -37.78 -4.27
CA ILE A 57 -25.96 -36.92 -3.10
C ILE A 57 -26.83 -35.71 -3.39
N ARG A 58 -27.25 -35.07 -2.30
CA ARG A 58 -28.11 -33.90 -2.32
C ARG A 58 -27.27 -32.64 -2.49
N GLY A 59 -27.56 -31.82 -3.48
CA GLY A 59 -26.84 -30.56 -3.65
C GLY A 59 -27.35 -29.48 -2.72
N ARG A 60 -26.68 -28.33 -2.74
CA ARG A 60 -27.19 -27.13 -2.08
C ARG A 60 -26.57 -25.88 -2.71
N LYS A 61 -27.09 -24.71 -2.37
CA LYS A 61 -26.52 -23.46 -2.83
C LYS A 61 -25.34 -23.09 -1.94
N ALA A 62 -24.29 -22.53 -2.54
CA ALA A 62 -23.18 -21.99 -1.76
C ALA A 62 -23.62 -20.72 -1.03
N THR A 63 -23.22 -20.54 0.22
CA THR A 63 -23.45 -19.26 0.92
C THR A 63 -22.53 -18.19 0.32
N LEU A 64 -22.88 -16.93 0.51
CA LEU A 64 -22.04 -15.83 0.03
C LEU A 64 -20.69 -15.79 0.77
N GLU A 65 -20.68 -16.21 2.03
CA GLU A 65 -19.45 -16.34 2.79
C GLU A 65 -18.50 -17.30 2.03
N GLU A 66 -19.04 -18.45 1.59
CA GLU A 66 -18.23 -19.46 0.91
C GLU A 66 -17.65 -18.97 -0.42
N LEU A 67 -18.46 -18.24 -1.18
CA LEU A 67 -18.02 -17.66 -2.46
C LEU A 67 -16.94 -16.61 -2.26
N GLN A 68 -16.94 -15.99 -1.09
CA GLN A 68 -16.03 -14.88 -0.80
C GLN A 68 -14.61 -15.32 -0.44
N THR A 69 -14.39 -16.63 -0.38
CA THR A 69 -13.02 -17.17 -0.32
C THR A 69 -12.24 -16.92 -1.64
N VAL A 70 -12.96 -16.84 -2.75
CA VAL A 70 -12.35 -16.61 -4.07
C VAL A 70 -12.69 -15.25 -4.64
N HIS A 71 -13.97 -14.87 -4.51
CA HIS A 71 -14.48 -13.67 -5.16
C HIS A 71 -14.79 -12.58 -4.20
N SER A 72 -14.78 -11.34 -4.69
CA SER A 72 -15.07 -10.17 -3.86
C SER A 72 -16.56 -10.14 -3.46
N GLU A 73 -16.86 -9.36 -2.42
CA GLU A 73 -18.24 -9.13 -1.99
C GLU A 73 -19.08 -8.60 -3.11
N ALA A 74 -18.57 -7.53 -3.74
CA ALA A 74 -19.27 -6.87 -4.84
C ALA A 74 -19.69 -7.87 -5.91
N HIS A 75 -18.78 -8.75 -6.25
CA HIS A 75 -19.04 -9.74 -7.25
C HIS A 75 -20.06 -10.75 -6.79
N THR A 76 -20.06 -11.09 -5.51
CA THR A 76 -20.97 -12.11 -5.01
C THR A 76 -22.40 -11.56 -4.86
N LEU A 77 -22.52 -10.26 -4.62
CA LEU A 77 -23.83 -9.62 -4.55
C LEU A 77 -24.41 -9.55 -5.96
N LEU A 78 -23.58 -9.08 -6.88
CA LEU A 78 -23.94 -8.93 -8.28
C LEU A 78 -24.43 -10.21 -8.95
N TYR A 79 -23.81 -11.36 -8.66
CA TYR A 79 -24.19 -12.60 -9.33
C TYR A 79 -24.73 -13.71 -8.41
N GLY A 80 -24.83 -13.44 -7.12
CA GLY A 80 -25.36 -14.44 -6.20
C GLY A 80 -26.70 -14.12 -5.54
N THR A 81 -27.30 -13.00 -5.88
CA THR A 81 -28.57 -12.62 -5.24
C THR A 81 -29.57 -12.20 -6.29
N ASN A 82 -30.84 -12.39 -5.96
CA ASN A 82 -31.92 -11.79 -6.76
C ASN A 82 -32.02 -10.28 -6.45
N PRO A 83 -32.63 -9.49 -7.36
CA PRO A 83 -32.47 -8.02 -7.29
C PRO A 83 -32.93 -7.33 -6.01
N ALA A 84 -33.98 -7.85 -5.40
CA ALA A 84 -34.52 -7.23 -4.19
C ALA A 84 -33.49 -7.31 -3.07
N ASN A 85 -32.98 -8.51 -2.82
CA ASN A 85 -31.98 -8.68 -1.76
C ASN A 85 -30.64 -8.08 -2.12
N ARG A 86 -30.35 -8.03 -3.41
CA ARG A 86 -29.13 -7.39 -3.89
C ARG A 86 -28.99 -5.98 -3.31
N GLN A 87 -30.08 -5.22 -3.24
CA GLN A 87 -30.04 -3.87 -2.60
C GLN A 87 -29.97 -4.00 -1.11
N LYS A 88 -30.79 -4.90 -0.56
CA LYS A 88 -30.88 -5.14 0.87
C LYS A 88 -29.50 -5.40 1.45
N LEU A 89 -28.74 -6.26 0.79
CA LEU A 89 -27.49 -6.76 1.34
C LEU A 89 -26.27 -5.90 1.02
N ASP A 90 -26.42 -4.86 0.20
CA ASP A 90 -25.27 -4.05 -0.17
C ASP A 90 -25.13 -2.82 0.74
N SER A 91 -25.10 -3.10 2.05
CA SER A 91 -25.02 -2.04 3.06
C SER A 91 -23.77 -1.22 2.90
N LYS A 92 -22.70 -1.84 2.42
CA LYS A 92 -21.42 -1.15 2.29
C LYS A 92 -21.39 -0.25 1.08
N LYS A 93 -22.44 -0.33 0.26
CA LYS A 93 -22.59 0.44 -0.96
C LYS A 93 -21.41 0.26 -1.90
N LEU A 94 -21.17 -0.99 -2.27
CA LEU A 94 -20.08 -1.35 -3.16
C LEU A 94 -20.46 -1.24 -4.64
N LEU A 95 -21.72 -1.50 -4.95
CA LEU A 95 -22.19 -1.55 -6.35
C LEU A 95 -22.57 -0.18 -6.87
N GLY A 96 -22.15 0.12 -8.10
CA GLY A 96 -22.65 1.28 -8.81
C GLY A 96 -24.03 1.03 -9.40
N SER A 97 -24.30 1.65 -10.53
CA SER A 97 -25.56 1.51 -11.22
C SER A 97 -25.61 0.25 -12.06
N LEU A 98 -26.67 -0.54 -11.92
CA LEU A 98 -26.82 -1.73 -12.75
C LEU A 98 -26.93 -1.35 -14.22
N ALA A 99 -27.48 -0.18 -14.49
CA ALA A 99 -27.52 0.44 -15.82
C ALA A 99 -26.23 0.23 -16.59
N SER A 100 -25.08 0.36 -15.92
CA SER A 100 -23.79 0.22 -16.58
C SER A 100 -23.27 -1.23 -16.65
N VAL A 101 -23.93 -2.17 -15.99
CA VAL A 101 -23.46 -3.54 -15.97
C VAL A 101 -24.19 -4.36 -17.03
N PHE A 102 -25.45 -4.04 -17.31
CA PHE A 102 -26.24 -4.84 -18.23
C PHE A 102 -26.27 -4.27 -19.64
N VAL A 103 -26.09 -5.15 -20.61
CA VAL A 103 -26.17 -4.81 -22.01
C VAL A 103 -27.12 -5.78 -22.72
N ARG A 104 -27.57 -5.39 -23.90
CA ARG A 104 -28.37 -6.26 -24.74
C ARG A 104 -27.47 -7.03 -25.68
N LEU A 105 -27.57 -8.35 -25.65
CA LEU A 105 -26.75 -9.22 -26.50
C LEU A 105 -27.27 -9.25 -27.97
N PRO A 106 -26.44 -9.76 -28.91
CA PRO A 106 -26.88 -9.81 -30.32
C PRO A 106 -28.11 -10.69 -30.53
N CYS A 107 -28.31 -11.65 -29.64
CA CYS A 107 -29.52 -12.50 -29.69
C CYS A 107 -30.76 -11.84 -29.05
N GLY A 108 -30.60 -10.63 -28.51
CA GLY A 108 -31.71 -9.90 -27.91
C GLY A 108 -31.91 -10.11 -26.42
N GLY A 109 -31.16 -11.03 -25.81
CA GLY A 109 -31.25 -11.28 -24.37
C GLY A 109 -30.36 -10.35 -23.57
N VAL A 110 -30.52 -10.41 -22.25
CA VAL A 110 -29.72 -9.66 -21.32
C VAL A 110 -28.44 -10.40 -20.98
N GLY A 111 -27.32 -9.69 -21.04
CA GLY A 111 -26.02 -10.22 -20.65
C GLY A 111 -25.15 -9.15 -20.00
N VAL A 112 -23.88 -9.48 -19.75
CA VAL A 112 -23.00 -8.64 -18.94
C VAL A 112 -21.72 -8.18 -19.67
N ASP A 113 -21.06 -9.09 -20.38
CA ASP A 113 -20.00 -8.74 -21.32
C ASP A 113 -20.55 -9.16 -22.67
N SER A 114 -19.83 -8.89 -23.75
CA SER A 114 -20.35 -9.19 -25.10
C SER A 114 -20.74 -10.65 -25.34
N ASP A 115 -20.07 -11.58 -24.67
CA ASP A 115 -20.33 -13.01 -24.83
C ASP A 115 -21.28 -13.59 -23.79
N THR A 116 -21.15 -13.15 -22.54
CA THR A 116 -21.79 -13.85 -21.40
C THR A 116 -23.22 -13.37 -21.06
N ILE A 117 -24.11 -14.32 -20.80
CA ILE A 117 -25.55 -14.04 -20.57
C ILE A 117 -25.87 -13.79 -19.10
N TRP A 118 -27.12 -13.37 -18.81
CA TRP A 118 -27.64 -13.29 -17.42
C TRP A 118 -29.15 -13.30 -17.29
N ASN A 119 -29.69 -14.32 -16.61
CA ASN A 119 -31.11 -14.40 -16.28
C ASN A 119 -31.34 -13.92 -14.84
N GLU A 120 -32.06 -12.82 -14.68
CA GLU A 120 -32.28 -12.21 -13.34
C GLU A 120 -33.18 -13.02 -12.38
N VAL A 121 -33.94 -13.95 -12.93
CA VAL A 121 -34.79 -14.79 -12.10
C VAL A 121 -34.07 -16.06 -11.68
N HIS A 122 -33.16 -16.57 -12.54
CA HIS A 122 -32.63 -17.96 -12.39
C HIS A 122 -31.13 -18.17 -12.35
N SER A 123 -30.34 -17.27 -12.89
CA SER A 123 -28.90 -17.48 -13.00
C SER A 123 -28.14 -17.46 -11.65
N ALA A 124 -28.48 -16.52 -10.78
CA ALA A 124 -27.84 -16.47 -9.46
C ALA A 124 -28.02 -17.80 -8.70
N GLY A 125 -29.25 -18.29 -8.66
CA GLY A 125 -29.53 -19.57 -8.01
C GLY A 125 -28.70 -20.68 -8.64
N ALA A 126 -28.73 -20.74 -9.96
CA ALA A 126 -28.05 -21.79 -10.68
C ALA A 126 -26.55 -21.74 -10.46
N ALA A 127 -25.97 -20.54 -10.57
CA ALA A 127 -24.54 -20.38 -10.39
C ALA A 127 -24.10 -20.83 -8.99
N ARG A 128 -24.95 -20.59 -8.00
CA ARG A 128 -24.63 -20.95 -6.62
C ARG A 128 -24.84 -22.41 -6.29
N LEU A 129 -25.73 -23.06 -7.02
CA LEU A 129 -25.99 -24.47 -6.79
C LEU A 129 -24.85 -25.29 -7.40
N ALA A 130 -24.29 -24.78 -8.49
CA ALA A 130 -23.13 -25.42 -9.13
C ALA A 130 -21.98 -25.51 -8.12
N VAL A 131 -21.73 -24.40 -7.42
CA VAL A 131 -20.65 -24.38 -6.43
C VAL A 131 -20.98 -25.30 -5.26
N GLY A 132 -22.16 -25.12 -4.69
CA GLY A 132 -22.58 -25.91 -3.56
C GLY A 132 -22.61 -27.41 -3.80
N CYS A 133 -22.92 -27.81 -5.03
CA CYS A 133 -22.89 -29.22 -5.40
C CYS A 133 -21.46 -29.79 -5.34
N VAL A 134 -20.51 -29.05 -5.89
CA VAL A 134 -19.13 -29.47 -5.93
C VAL A 134 -18.63 -29.60 -4.49
N VAL A 135 -18.78 -28.50 -3.75
CA VAL A 135 -18.35 -28.45 -2.36
C VAL A 135 -18.85 -29.65 -1.57
N GLU A 136 -20.15 -29.94 -1.67
CA GLU A 136 -20.73 -31.05 -0.91
C GLU A 136 -20.00 -32.33 -1.22
N LEU A 137 -19.88 -32.62 -2.52
CA LEU A 137 -19.19 -33.83 -2.98
C LEU A 137 -17.73 -33.86 -2.54
N VAL A 138 -17.00 -32.77 -2.74
CA VAL A 138 -15.59 -32.72 -2.38
C VAL A 138 -15.38 -33.05 -0.89
N PHE A 139 -16.12 -32.37 -0.03
CA PHE A 139 -16.02 -32.61 1.40
C PHE A 139 -16.38 -34.05 1.78
N LYS A 140 -17.33 -34.66 1.07
CA LYS A 140 -17.72 -36.04 1.40
C LYS A 140 -16.60 -37.02 1.08
N VAL A 141 -15.86 -36.76 0.00
CA VAL A 141 -14.71 -37.60 -0.34
C VAL A 141 -13.50 -37.30 0.55
N ALA A 142 -13.32 -36.04 0.94
CA ALA A 142 -12.14 -35.66 1.71
C ALA A 142 -12.18 -36.23 3.12
N THR A 143 -13.39 -36.31 3.70
CA THR A 143 -13.56 -36.88 5.03
C THR A 143 -13.68 -38.40 5.01
N GLY A 144 -13.65 -39.02 3.83
CA GLY A 144 -13.65 -40.48 3.71
C GLY A 144 -15.03 -41.12 3.77
N GLU A 145 -16.08 -40.30 3.63
CA GLU A 145 -17.45 -40.81 3.53
C GLU A 145 -17.70 -41.45 2.16
N LEU A 146 -16.91 -41.08 1.14
CA LEU A 146 -16.96 -41.71 -0.19
C LEU A 146 -15.56 -41.89 -0.79
N LYS A 147 -15.44 -42.86 -1.69
CA LYS A 147 -14.17 -43.21 -2.32
C LYS A 147 -13.69 -42.09 -3.25
N ASN A 148 -14.61 -41.63 -4.11
CA ASN A 148 -14.31 -40.62 -5.12
C ASN A 148 -15.64 -40.05 -5.64
N GLY A 149 -15.61 -39.21 -6.69
CA GLY A 149 -16.86 -38.75 -7.29
C GLY A 149 -16.81 -37.92 -8.56
N PHE A 150 -17.99 -37.67 -9.13
CA PHE A 150 -18.14 -36.90 -10.38
C PHE A 150 -19.28 -35.89 -10.27
N ALA A 151 -18.98 -34.62 -10.50
CA ALA A 151 -19.95 -33.54 -10.31
C ALA A 151 -20.48 -33.08 -11.65
N VAL A 152 -21.73 -33.46 -11.96
CA VAL A 152 -22.34 -33.10 -13.23
C VAL A 152 -23.04 -31.77 -13.05
N VAL A 153 -22.30 -30.69 -13.32
CA VAL A 153 -22.71 -29.35 -12.95
C VAL A 153 -22.59 -28.34 -14.11
N ARG A 154 -23.15 -27.16 -13.87
CA ARG A 154 -23.42 -26.16 -14.88
C ARG A 154 -24.02 -24.98 -14.14
N PRO A 155 -23.57 -23.74 -14.42
CA PRO A 155 -22.51 -23.34 -15.35
C PRO A 155 -21.09 -23.68 -14.91
N PRO A 156 -20.12 -23.59 -15.83
CA PRO A 156 -18.74 -23.87 -15.52
C PRO A 156 -18.06 -22.78 -14.68
N GLY A 157 -16.84 -23.07 -14.22
CA GLY A 157 -16.19 -22.26 -13.20
C GLY A 157 -14.83 -21.69 -13.50
N HIS A 158 -13.98 -22.41 -14.22
CA HIS A 158 -12.54 -22.14 -14.16
C HIS A 158 -12.03 -20.85 -14.79
N HIS A 159 -12.90 -20.08 -15.42
CA HIS A 159 -12.50 -18.78 -16.00
C HIS A 159 -12.90 -17.63 -15.13
N ALA A 160 -13.74 -17.89 -14.13
CA ALA A 160 -14.22 -16.85 -13.23
C ALA A 160 -13.08 -16.32 -12.38
N GLU A 161 -12.76 -15.04 -12.56
CA GLU A 161 -11.74 -14.34 -11.79
C GLU A 161 -12.36 -13.68 -10.54
N GLU A 162 -11.50 -13.12 -9.69
CA GLU A 162 -11.92 -12.50 -8.45
C GLU A 162 -13.18 -11.63 -8.61
N SER A 163 -13.15 -10.75 -9.61
CA SER A 163 -14.22 -9.78 -9.85
C SER A 163 -14.68 -9.69 -11.31
N THR A 164 -14.44 -10.73 -12.10
CA THR A 164 -14.83 -10.72 -13.50
C THR A 164 -15.39 -12.07 -13.94
N PRO A 165 -16.64 -12.10 -14.43
CA PRO A 165 -17.12 -13.32 -15.04
C PRO A 165 -16.67 -13.33 -16.47
N MET A 166 -16.39 -14.51 -17.00
CA MET A 166 -15.98 -14.60 -18.40
C MET A 166 -16.04 -16.05 -18.81
N GLY A 167 -16.04 -16.29 -20.13
CA GLY A 167 -16.10 -17.65 -20.67
C GLY A 167 -17.29 -18.45 -20.14
N PHE A 168 -18.41 -17.76 -19.97
CA PHE A 168 -19.65 -18.35 -19.48
C PHE A 168 -19.56 -18.85 -18.04
N CYS A 169 -18.54 -18.37 -17.32
CA CYS A 169 -18.34 -18.71 -15.92
C CYS A 169 -18.64 -17.51 -15.03
N TYR A 170 -19.22 -17.76 -13.87
CA TYR A 170 -19.56 -16.68 -12.91
C TYR A 170 -18.86 -16.84 -11.54
N PHE A 171 -18.85 -18.07 -11.02
CA PHE A 171 -18.09 -18.38 -9.81
C PHE A 171 -17.22 -19.59 -10.09
N ASN A 172 -15.99 -19.59 -9.54
CA ASN A 172 -15.04 -20.69 -9.76
C ASN A 172 -15.31 -21.81 -8.75
N SER A 173 -16.25 -22.68 -9.10
CA SER A 173 -16.69 -23.76 -8.22
C SER A 173 -15.53 -24.55 -7.60
N VAL A 174 -14.52 -24.91 -8.41
CA VAL A 174 -13.44 -25.78 -7.91
C VAL A 174 -12.50 -25.05 -6.96
N ALA A 175 -12.16 -23.80 -7.30
CA ALA A 175 -11.36 -22.96 -6.42
C ALA A 175 -12.00 -22.84 -5.05
N VAL A 176 -13.29 -22.59 -5.02
CA VAL A 176 -13.98 -22.42 -3.76
C VAL A 176 -13.89 -23.70 -2.93
N ALA A 177 -14.16 -24.84 -3.57
CA ALA A 177 -14.00 -26.15 -2.95
C ALA A 177 -12.67 -26.27 -2.25
N ALA A 178 -11.62 -25.84 -2.96
CA ALA A 178 -10.26 -26.01 -2.45
C ALA A 178 -10.06 -25.11 -1.25
N LYS A 179 -10.48 -23.86 -1.36
CA LYS A 179 -10.28 -22.89 -0.28
C LYS A 179 -10.99 -23.38 0.99
N LEU A 180 -12.24 -23.83 0.84
CA LEU A 180 -12.97 -24.37 1.97
C LEU A 180 -12.28 -25.58 2.58
N LEU A 181 -11.73 -26.46 1.75
CA LEU A 181 -10.93 -27.57 2.28
C LEU A 181 -9.76 -27.09 3.15
N GLN A 182 -9.08 -26.02 2.72
CA GLN A 182 -7.99 -25.43 3.52
C GLN A 182 -8.53 -24.88 4.85
N GLN A 183 -9.46 -23.94 4.75
CA GLN A 183 -10.00 -23.25 5.91
C GLN A 183 -10.73 -24.13 6.91
N ARG A 184 -11.56 -25.05 6.45
CA ARG A 184 -12.39 -25.79 7.38
C ARG A 184 -11.87 -27.17 7.76
N LEU A 185 -10.86 -27.67 7.05
CA LEU A 185 -10.24 -28.97 7.36
C LEU A 185 -8.71 -28.93 7.51
N SER A 186 -8.08 -27.79 7.22
CA SER A 186 -6.61 -27.64 7.22
C SER A 186 -5.91 -28.72 6.39
N VAL A 187 -6.44 -29.01 5.22
CA VAL A 187 -5.83 -29.96 4.32
C VAL A 187 -4.49 -29.37 3.82
N SER A 188 -3.41 -30.09 4.05
CA SER A 188 -2.05 -29.59 3.86
C SER A 188 -1.66 -29.37 2.41
N LYS A 189 -2.03 -30.32 1.54
CA LYS A 189 -1.70 -30.29 0.10
C LYS A 189 -2.89 -30.68 -0.80
N ILE A 190 -3.22 -29.82 -1.75
CA ILE A 190 -4.28 -30.06 -2.72
C ILE A 190 -3.73 -29.97 -4.15
N LEU A 191 -4.11 -30.94 -4.98
CA LEU A 191 -3.78 -30.90 -6.41
C LEU A 191 -5.02 -30.62 -7.23
N ILE A 192 -4.92 -29.61 -8.10
CA ILE A 192 -5.96 -29.32 -9.09
C ILE A 192 -5.41 -29.60 -10.48
N VAL A 193 -6.02 -30.54 -11.16
CA VAL A 193 -5.68 -30.86 -12.56
C VAL A 193 -6.81 -30.34 -13.43
N ASP A 194 -6.44 -29.56 -14.44
CA ASP A 194 -7.42 -28.93 -15.35
C ASP A 194 -7.14 -29.40 -16.78
N TRP A 195 -7.84 -30.46 -17.19
CA TRP A 195 -7.66 -31.02 -18.52
C TRP A 195 -8.70 -30.58 -19.54
N ASP A 196 -9.53 -29.59 -19.20
CA ASP A 196 -10.31 -28.84 -20.19
C ASP A 196 -9.33 -28.25 -21.19
N VAL A 197 -9.72 -28.23 -22.46
CA VAL A 197 -8.82 -27.74 -23.52
C VAL A 197 -8.43 -26.27 -23.34
N HIS A 198 -9.24 -25.49 -22.60
CA HIS A 198 -8.92 -24.07 -22.32
C HIS A 198 -8.23 -23.89 -20.98
N HIS A 199 -7.35 -22.89 -20.91
CA HIS A 199 -6.63 -22.61 -19.66
C HIS A 199 -7.57 -22.12 -18.62
N GLY A 200 -7.35 -22.51 -17.37
CA GLY A 200 -8.18 -22.04 -16.27
C GLY A 200 -7.59 -20.79 -15.61
N ASN A 201 -7.68 -19.66 -16.30
CA ASN A 201 -7.15 -18.38 -15.83
C ASN A 201 -7.60 -17.98 -14.39
N GLY A 202 -8.82 -18.38 -14.01
CA GLY A 202 -9.31 -18.09 -12.67
C GLY A 202 -8.56 -18.89 -11.63
N THR A 203 -8.39 -20.17 -11.88
CA THR A 203 -7.79 -21.05 -10.90
C THR A 203 -6.32 -20.69 -10.72
N GLN A 204 -5.64 -20.54 -11.83
CA GLN A 204 -4.25 -20.05 -11.79
C GLN A 204 -4.15 -18.81 -10.90
N GLN A 205 -5.03 -17.83 -11.10
CA GLN A 205 -5.04 -16.62 -10.28
C GLN A 205 -5.22 -16.93 -8.79
N ALA A 206 -6.16 -17.81 -8.46
CA ALA A 206 -6.54 -18.03 -7.08
C ALA A 206 -5.46 -18.74 -6.22
N PHE A 207 -4.44 -19.36 -6.81
CA PHE A 207 -3.45 -20.11 -6.03
C PHE A 207 -1.99 -19.89 -6.46
N TYR A 208 -1.79 -18.78 -7.17
CA TYR A 208 -0.52 -18.47 -7.82
C TYR A 208 0.60 -18.30 -6.82
N SER A 209 0.27 -17.82 -5.63
CA SER A 209 1.25 -17.59 -4.58
C SER A 209 1.20 -18.61 -3.44
N ASP A 210 0.29 -19.57 -3.55
CA ASP A 210 0.06 -20.58 -2.51
C ASP A 210 0.77 -21.89 -2.91
N PRO A 211 1.76 -22.32 -2.10
CA PRO A 211 2.46 -23.59 -2.37
C PRO A 211 1.78 -24.83 -1.78
N SER A 212 0.68 -24.66 -1.04
CA SER A 212 -0.11 -25.80 -0.55
C SER A 212 -1.20 -26.21 -1.54
N VAL A 213 -1.27 -25.51 -2.68
CA VAL A 213 -2.11 -25.93 -3.80
C VAL A 213 -1.34 -25.83 -5.11
N LEU A 214 -1.31 -26.97 -5.80
CA LEU A 214 -0.61 -27.15 -7.06
C LEU A 214 -1.64 -27.26 -8.18
N TYR A 215 -1.52 -26.37 -9.17
CA TYR A 215 -2.43 -26.30 -10.29
C TYR A 215 -1.69 -26.74 -11.54
N MET A 216 -2.19 -27.79 -12.19
CA MET A 216 -1.64 -28.27 -13.48
C MET A 216 -2.72 -28.21 -14.55
N SER A 217 -2.46 -27.47 -15.63
CA SER A 217 -3.40 -27.40 -16.75
C SER A 217 -2.75 -27.94 -18.00
N LEU A 218 -3.44 -28.85 -18.68
CA LEU A 218 -3.13 -29.18 -20.07
C LEU A 218 -4.11 -28.36 -20.90
N HIS A 219 -3.59 -27.57 -21.84
CA HIS A 219 -4.44 -26.73 -22.68
C HIS A 219 -3.75 -26.28 -23.92
N ARG A 220 -4.55 -25.89 -24.91
CA ARG A 220 -4.03 -25.34 -26.15
C ARG A 220 -3.61 -23.89 -25.90
N TYR A 221 -2.36 -23.57 -26.19
CA TYR A 221 -1.83 -22.22 -25.94
C TYR A 221 -1.50 -21.46 -27.23
N ASP A 222 -0.68 -22.08 -28.08
CA ASP A 222 -0.34 -21.52 -29.41
C ASP A 222 0.14 -20.09 -29.36
N ASP A 223 1.10 -19.81 -28.52
CA ASP A 223 1.62 -18.43 -28.62
C ASP A 223 0.58 -17.31 -28.23
N GLY A 224 -0.38 -17.61 -27.36
CA GLY A 224 -1.19 -16.55 -26.73
C GLY A 224 -2.49 -16.00 -27.29
N ASN A 225 -2.94 -16.48 -28.44
CA ASN A 225 -4.23 -16.02 -28.92
C ASN A 225 -5.39 -17.03 -28.84
N PHE A 226 -5.16 -18.23 -28.28
CA PHE A 226 -6.27 -19.18 -28.18
C PHE A 226 -6.91 -18.70 -26.91
N PHE A 227 -8.22 -18.86 -26.81
CA PHE A 227 -8.94 -18.39 -25.63
C PHE A 227 -8.49 -19.19 -24.41
N PRO A 228 -8.29 -18.51 -23.27
CA PRO A 228 -8.39 -17.08 -23.03
C PRO A 228 -7.06 -16.31 -23.11
N GLY A 229 -6.03 -16.89 -23.71
CA GLY A 229 -4.77 -16.16 -23.94
C GLY A 229 -3.82 -16.08 -22.76
N SER A 230 -4.16 -16.74 -21.66
CA SER A 230 -3.24 -16.91 -20.54
C SER A 230 -2.74 -18.36 -20.52
N GLY A 231 -1.87 -18.67 -19.56
CA GLY A 231 -1.40 -20.06 -19.35
C GLY A 231 -0.11 -20.43 -20.06
N ALA A 232 0.85 -19.50 -20.12
CA ALA A 232 2.14 -19.76 -20.75
C ALA A 232 2.94 -20.68 -19.85
N PRO A 233 3.85 -21.49 -20.43
CA PRO A 233 4.71 -22.41 -19.64
C PRO A 233 5.56 -21.74 -18.55
N ASP A 234 6.09 -20.55 -18.84
CA ASP A 234 6.98 -19.87 -17.90
C ASP A 234 6.23 -19.19 -16.75
N GLU A 235 4.91 -19.14 -16.82
CA GLU A 235 4.12 -18.78 -15.65
C GLU A 235 4.13 -19.95 -14.66
N VAL A 236 4.90 -19.78 -13.59
CA VAL A 236 5.29 -20.87 -12.70
C VAL A 236 4.83 -20.68 -11.24
N GLY A 237 4.34 -19.49 -10.92
CA GLY A 237 3.96 -19.14 -9.56
C GLY A 237 4.69 -17.90 -9.08
N THR A 238 4.41 -17.50 -7.84
CA THR A 238 5.03 -16.29 -7.27
C THR A 238 5.23 -16.45 -5.77
N GLY A 239 6.27 -15.81 -5.27
CA GLY A 239 6.62 -15.93 -3.85
C GLY A 239 6.90 -17.35 -3.43
N PRO A 240 6.34 -17.78 -2.28
CA PRO A 240 6.48 -19.18 -1.85
C PRO A 240 5.78 -20.15 -2.79
N GLY A 241 4.86 -19.66 -3.60
CA GLY A 241 4.18 -20.48 -4.60
C GLY A 241 5.00 -20.87 -5.83
N VAL A 242 6.19 -20.29 -5.98
CA VAL A 242 7.02 -20.56 -7.17
C VAL A 242 7.18 -22.08 -7.33
N GLY A 243 6.86 -22.57 -8.53
CA GLY A 243 7.01 -23.97 -8.87
C GLY A 243 5.74 -24.78 -8.71
N PHE A 244 4.72 -24.21 -8.05
CA PHE A 244 3.47 -24.95 -7.81
C PHE A 244 2.36 -24.51 -8.77
N ASN A 245 2.76 -23.85 -9.86
CA ASN A 245 1.88 -23.64 -11.02
C ASN A 245 2.50 -24.20 -12.31
N VAL A 246 1.91 -25.30 -12.80
CA VAL A 246 2.41 -26.01 -13.98
C VAL A 246 1.45 -25.88 -15.17
N ASN A 247 1.82 -25.03 -16.14
CA ASN A 247 1.07 -24.85 -17.38
C ASN A 247 1.63 -25.75 -18.49
N MET A 248 1.08 -26.95 -18.63
CA MET A 248 1.43 -27.86 -19.74
C MET A 248 0.79 -27.34 -21.01
N ALA A 249 1.49 -26.42 -21.65
CA ALA A 249 0.95 -25.60 -22.72
C ALA A 249 1.36 -26.16 -24.07
N PHE A 250 0.38 -26.49 -24.91
CA PHE A 250 0.65 -27.01 -26.26
C PHE A 250 0.77 -25.89 -27.29
N THR A 251 1.84 -25.96 -28.07
CA THR A 251 2.17 -24.95 -29.05
C THR A 251 2.32 -25.63 -30.39
N GLY A 252 2.11 -24.89 -31.47
CA GLY A 252 2.27 -25.43 -32.82
C GLY A 252 1.00 -25.38 -33.68
N GLY A 253 -0.15 -25.12 -33.07
CA GLY A 253 -1.42 -25.11 -33.79
C GLY A 253 -1.96 -26.50 -34.06
N LEU A 254 -2.75 -26.62 -35.12
CA LEU A 254 -3.43 -27.86 -35.46
C LEU A 254 -2.72 -28.65 -36.59
N ASP A 255 -1.41 -28.48 -36.71
CA ASP A 255 -0.66 -29.12 -37.81
C ASP A 255 0.48 -30.05 -37.33
N PRO A 256 0.13 -31.28 -36.91
CA PRO A 256 -1.20 -31.85 -36.79
C PRO A 256 -1.89 -31.58 -35.46
N PRO A 257 -3.18 -31.92 -35.36
CA PRO A 257 -3.92 -31.73 -34.11
C PRO A 257 -3.48 -32.71 -33.04
N MET A 258 -3.54 -32.32 -31.78
CA MET A 258 -3.13 -33.18 -30.67
C MET A 258 -4.20 -34.24 -30.43
N GLY A 259 -3.78 -35.43 -30.00
CA GLY A 259 -4.68 -36.53 -29.73
C GLY A 259 -4.17 -37.43 -28.63
N ASP A 260 -4.71 -38.64 -28.54
CA ASP A 260 -4.42 -39.56 -27.44
C ASP A 260 -2.93 -39.78 -27.16
N ALA A 261 -2.14 -40.02 -28.21
CA ALA A 261 -0.71 -40.26 -28.03
C ALA A 261 -0.08 -39.10 -27.29
N GLU A 262 -0.42 -37.89 -27.72
CA GLU A 262 0.16 -36.68 -27.16
C GLU A 262 -0.17 -36.50 -25.68
N TYR A 263 -1.44 -36.62 -25.36
CA TYR A 263 -1.91 -36.44 -24.01
C TYR A 263 -1.37 -37.53 -23.07
N LEU A 264 -1.41 -38.78 -23.51
CA LEU A 264 -0.86 -39.87 -22.69
C LEU A 264 0.64 -39.63 -22.44
N ALA A 265 1.35 -39.17 -23.47
CA ALA A 265 2.76 -38.81 -23.33
C ALA A 265 2.98 -37.72 -22.26
N ALA A 266 2.19 -36.65 -22.31
CA ALA A 266 2.29 -35.57 -21.33
C ALA A 266 2.01 -36.07 -19.91
N PHE A 267 1.00 -36.92 -19.76
CA PHE A 267 0.73 -37.48 -18.43
C PHE A 267 1.92 -38.23 -17.87
N ARG A 268 2.47 -39.14 -18.68
CA ARG A 268 3.56 -39.97 -18.22
C ARG A 268 4.81 -39.18 -17.95
N THR A 269 5.11 -38.22 -18.81
CA THR A 269 6.40 -37.51 -18.70
C THR A 269 6.39 -36.17 -17.91
N VAL A 270 5.22 -35.55 -17.74
CA VAL A 270 5.12 -34.27 -17.01
C VAL A 270 4.14 -34.28 -15.82
N VAL A 271 2.89 -34.62 -16.08
CA VAL A 271 1.87 -34.51 -15.04
C VAL A 271 2.09 -35.48 -13.89
N MET A 272 2.19 -36.78 -14.17
CA MET A 272 2.24 -37.80 -13.09
C MET A 272 3.53 -37.83 -12.27
N PRO A 273 4.68 -37.57 -12.91
CA PRO A 273 5.90 -37.49 -12.11
C PRO A 273 5.84 -36.35 -11.11
N ILE A 274 5.40 -35.18 -11.55
CA ILE A 274 5.29 -34.03 -10.66
C ILE A 274 4.23 -34.25 -9.58
N ALA A 275 3.06 -34.74 -9.98
CA ALA A 275 1.99 -35.00 -9.00
C ALA A 275 2.43 -35.97 -7.92
N SER A 276 3.19 -36.99 -8.32
CA SER A 276 3.68 -37.99 -7.39
C SER A 276 4.64 -37.43 -6.37
N GLU A 277 5.52 -36.56 -6.83
CA GLU A 277 6.46 -35.89 -5.95
C GLU A 277 5.71 -35.03 -4.93
N PHE A 278 4.72 -34.28 -5.40
CA PHE A 278 3.91 -33.42 -4.54
C PHE A 278 3.17 -34.23 -3.47
N ALA A 279 2.69 -35.42 -3.85
CA ALA A 279 2.09 -36.34 -2.89
C ALA A 279 0.95 -35.67 -2.14
N PRO A 280 -0.11 -35.30 -2.86
CA PRO A 280 -1.25 -34.57 -2.30
C PRO A 280 -2.23 -35.41 -1.48
N ASP A 281 -2.96 -34.73 -0.59
CA ASP A 281 -3.95 -35.36 0.28
C ASP A 281 -5.30 -35.52 -0.42
N VAL A 282 -5.58 -34.64 -1.38
CA VAL A 282 -6.83 -34.67 -2.16
C VAL A 282 -6.49 -34.19 -3.58
N VAL A 283 -7.16 -34.77 -4.57
CA VAL A 283 -7.03 -34.34 -5.95
C VAL A 283 -8.38 -33.81 -6.47
N LEU A 284 -8.37 -32.57 -6.97
CA LEU A 284 -9.56 -32.01 -7.64
C LEU A 284 -9.28 -31.90 -9.14
N VAL A 285 -10.28 -32.21 -9.97
CA VAL A 285 -10.12 -32.16 -11.43
C VAL A 285 -11.18 -31.28 -12.12
N SER A 286 -10.70 -30.21 -12.75
CA SER A 286 -11.53 -29.41 -13.66
C SER A 286 -11.65 -30.24 -14.93
N SER A 287 -12.75 -30.99 -15.02
CA SER A 287 -12.90 -31.99 -16.05
C SER A 287 -13.73 -31.49 -17.22
N GLY A 288 -13.12 -30.69 -18.08
CA GLY A 288 -13.74 -30.27 -19.33
C GLY A 288 -13.45 -31.29 -20.41
N PHE A 289 -14.41 -31.50 -21.31
CA PHE A 289 -14.26 -32.50 -22.36
C PHE A 289 -14.22 -31.89 -23.77
N ASP A 290 -13.81 -30.63 -23.86
CA ASP A 290 -13.71 -29.99 -25.18
C ASP A 290 -12.48 -30.37 -25.98
N ALA A 291 -11.55 -31.12 -25.40
CA ALA A 291 -10.39 -31.64 -26.15
C ALA A 291 -10.77 -32.82 -27.07
N VAL A 292 -11.92 -33.46 -26.82
CA VAL A 292 -12.40 -34.60 -27.63
C VAL A 292 -12.68 -34.26 -29.11
N GLU A 293 -12.52 -35.27 -29.97
CA GLU A 293 -12.88 -35.18 -31.39
C GLU A 293 -14.27 -34.64 -31.55
N GLY A 294 -14.41 -33.62 -32.39
CA GLY A 294 -15.72 -32.99 -32.69
C GLY A 294 -15.91 -31.61 -32.06
N HIS A 295 -14.82 -30.86 -31.96
CA HIS A 295 -14.87 -29.50 -31.44
C HIS A 295 -14.08 -28.63 -32.38
N PRO A 296 -14.77 -27.93 -33.28
CA PRO A 296 -14.14 -27.07 -34.28
C PRO A 296 -13.14 -26.04 -33.74
N THR A 297 -12.29 -25.55 -34.64
CA THR A 297 -11.10 -24.74 -34.30
C THR A 297 -11.30 -23.56 -33.36
N PRO A 298 -12.50 -22.96 -33.33
CA PRO A 298 -12.69 -21.92 -32.32
C PRO A 298 -12.82 -22.49 -30.90
N LEU A 299 -13.62 -23.55 -30.76
CA LEU A 299 -13.96 -24.10 -29.45
C LEU A 299 -12.91 -25.10 -28.96
N GLY A 300 -12.27 -25.83 -29.88
CA GLY A 300 -11.36 -26.90 -29.51
C GLY A 300 -10.26 -27.08 -30.53
N GLY A 301 -10.40 -28.08 -31.39
CA GLY A 301 -9.42 -28.32 -32.46
C GLY A 301 -8.70 -29.64 -32.31
N TYR A 302 -8.67 -30.17 -31.09
CA TYR A 302 -7.94 -31.40 -30.80
C TYR A 302 -8.80 -32.65 -31.02
N ASN A 303 -8.14 -33.79 -31.10
CA ASN A 303 -8.75 -35.05 -31.52
C ASN A 303 -8.68 -36.18 -30.51
N LEU A 304 -8.89 -35.91 -29.23
CA LEU A 304 -8.92 -37.01 -28.25
C LEU A 304 -10.17 -37.89 -28.40
N SER A 305 -10.05 -39.14 -27.95
CA SER A 305 -11.20 -40.04 -27.82
C SER A 305 -11.74 -39.92 -26.42
N ALA A 306 -13.04 -40.14 -26.25
CA ALA A 306 -13.61 -40.22 -24.92
C ALA A 306 -12.93 -41.30 -24.07
N ARG A 307 -12.80 -42.52 -24.63
CA ARG A 307 -12.11 -43.62 -23.93
C ARG A 307 -10.87 -43.12 -23.18
N CYS A 308 -10.08 -42.29 -23.83
CA CYS A 308 -8.82 -41.83 -23.27
C CYS A 308 -8.93 -41.23 -21.86
N PHE A 309 -10.02 -40.51 -21.61
CA PHE A 309 -10.24 -39.90 -20.31
C PHE A 309 -10.41 -40.94 -19.21
N GLY A 310 -10.82 -42.15 -19.59
CA GLY A 310 -10.82 -43.28 -18.65
C GLY A 310 -9.41 -43.59 -18.16
N TYR A 311 -8.46 -43.62 -19.09
CA TYR A 311 -7.05 -43.80 -18.75
C TYR A 311 -6.51 -42.66 -17.86
N LEU A 312 -6.91 -41.43 -18.15
CA LEU A 312 -6.42 -40.30 -17.39
C LEU A 312 -6.98 -40.32 -15.98
N THR A 313 -8.25 -40.66 -15.87
CA THR A 313 -8.88 -40.81 -14.55
C THR A 313 -8.19 -41.90 -13.74
N LYS A 314 -7.97 -43.05 -14.36
CA LYS A 314 -7.38 -44.17 -13.63
C LYS A 314 -6.01 -43.81 -13.09
N GLN A 315 -5.22 -43.12 -13.90
CA GLN A 315 -3.91 -42.68 -13.48
C GLN A 315 -3.96 -41.77 -12.27
N LEU A 316 -4.88 -40.79 -12.28
CA LEU A 316 -5.00 -39.88 -11.13
C LEU A 316 -5.51 -40.59 -9.88
N MET A 317 -6.27 -41.67 -10.07
CA MET A 317 -6.84 -42.40 -8.95
C MET A 317 -5.77 -43.04 -8.07
N GLY A 318 -4.57 -43.23 -8.62
CA GLY A 318 -3.44 -43.76 -7.85
C GLY A 318 -2.94 -42.83 -6.76
N LEU A 319 -3.22 -41.53 -6.90
CA LEU A 319 -2.78 -40.51 -5.97
C LEU A 319 -3.74 -40.36 -4.82
N ALA A 320 -3.30 -39.67 -3.77
CA ALA A 320 -4.19 -39.23 -2.69
C ALA A 320 -4.99 -40.34 -2.07
N GLY A 321 -4.45 -41.55 -2.11
CA GLY A 321 -5.19 -42.72 -1.70
C GLY A 321 -6.55 -42.85 -2.36
N GLY A 322 -6.66 -42.38 -3.60
CA GLY A 322 -7.91 -42.49 -4.37
C GLY A 322 -8.89 -41.35 -4.21
N ARG A 323 -8.62 -40.41 -3.30
CA ARG A 323 -9.51 -39.29 -3.03
C ARG A 323 -9.50 -38.25 -4.16
N ILE A 324 -10.24 -38.57 -5.20
CA ILE A 324 -10.30 -37.76 -6.42
C ILE A 324 -11.76 -37.38 -6.72
N VAL A 325 -11.96 -36.15 -7.17
CA VAL A 325 -13.30 -35.67 -7.52
C VAL A 325 -13.21 -34.85 -8.80
N LEU A 326 -14.05 -35.21 -9.77
CA LEU A 326 -14.08 -34.54 -11.06
C LEU A 326 -15.32 -33.65 -11.17
N ALA A 327 -15.14 -32.41 -11.63
CA ALA A 327 -16.26 -31.49 -11.81
C ALA A 327 -16.29 -31.01 -13.26
N LEU A 328 -17.47 -31.04 -13.86
CA LEU A 328 -17.63 -30.60 -15.25
C LEU A 328 -17.26 -29.13 -15.44
N GLU A 329 -16.49 -28.85 -16.49
CA GLU A 329 -16.21 -27.50 -16.94
C GLU A 329 -16.76 -27.39 -18.37
N GLY A 330 -15.90 -27.31 -19.39
CA GLY A 330 -16.35 -27.21 -20.78
C GLY A 330 -16.68 -28.55 -21.44
N GLY A 331 -16.91 -28.50 -22.77
CA GLY A 331 -17.33 -29.66 -23.55
C GLY A 331 -18.74 -29.51 -24.09
N HIS A 332 -18.88 -29.43 -25.41
CA HIS A 332 -20.12 -29.00 -26.08
C HIS A 332 -20.83 -30.12 -26.77
N ASP A 333 -20.08 -30.84 -27.58
CA ASP A 333 -20.60 -31.95 -28.38
C ASP A 333 -21.23 -33.06 -27.52
N LEU A 334 -22.51 -33.35 -27.75
CA LEU A 334 -23.26 -34.20 -26.85
C LEU A 334 -22.75 -35.66 -26.77
N THR A 335 -22.41 -36.24 -27.92
CA THR A 335 -21.87 -37.58 -27.97
C THR A 335 -20.58 -37.64 -27.20
N ALA A 336 -19.68 -36.70 -27.52
CA ALA A 336 -18.38 -36.63 -26.89
C ALA A 336 -18.50 -36.54 -25.37
N ILE A 337 -19.22 -35.53 -24.88
CA ILE A 337 -19.25 -35.28 -23.43
C ILE A 337 -19.96 -36.41 -22.67
N CYS A 338 -20.93 -37.04 -23.32
CA CYS A 338 -21.59 -38.22 -22.73
C CYS A 338 -20.66 -39.43 -22.75
N ASP A 339 -19.98 -39.64 -23.87
CA ASP A 339 -19.02 -40.76 -23.98
C ASP A 339 -17.91 -40.62 -22.93
N ALA A 340 -17.29 -39.42 -22.89
CA ALA A 340 -16.22 -39.15 -21.93
C ALA A 340 -16.71 -39.31 -20.49
N SER A 341 -17.88 -38.78 -20.17
CA SER A 341 -18.43 -38.90 -18.84
C SER A 341 -18.64 -40.36 -18.51
N GLU A 342 -19.08 -41.13 -19.49
CA GLU A 342 -19.22 -42.57 -19.30
C GLU A 342 -17.88 -43.21 -18.89
N ALA A 343 -16.84 -42.90 -19.63
CA ALA A 343 -15.53 -43.45 -19.35
C ALA A 343 -15.06 -43.13 -17.92
N CYS A 344 -15.25 -41.88 -17.49
CA CYS A 344 -14.67 -41.45 -16.23
C CYS A 344 -15.35 -42.12 -15.05
N VAL A 345 -16.69 -42.08 -15.02
CA VAL A 345 -17.43 -42.72 -13.93
C VAL A 345 -17.13 -44.21 -13.89
N SER A 346 -16.99 -44.81 -15.06
CA SER A 346 -16.65 -46.21 -15.16
C SER A 346 -15.29 -46.46 -14.50
N ALA A 347 -14.34 -45.56 -14.76
CA ALA A 347 -13.01 -45.66 -14.15
C ALA A 347 -13.07 -45.50 -12.64
N LEU A 348 -13.76 -44.46 -12.19
CA LEU A 348 -13.91 -44.20 -10.75
C LEU A 348 -14.52 -45.40 -10.01
N LEU A 349 -15.42 -46.12 -10.67
CA LEU A 349 -16.06 -47.27 -10.05
C LEU A 349 -15.13 -48.47 -9.90
N GLY A 350 -14.10 -48.53 -10.73
CA GLY A 350 -13.11 -49.59 -10.64
C GLY A 350 -13.09 -50.59 -11.79
N ASN A 351 -13.92 -50.37 -12.80
CA ASN A 351 -13.99 -51.30 -13.92
C ASN A 351 -12.71 -51.29 -14.76
N GLU A 352 -12.46 -52.36 -15.51
CA GLU A 352 -11.30 -52.41 -16.40
C GLU A 352 -11.50 -51.36 -17.51
N LEU A 353 -10.42 -50.70 -17.91
CA LEU A 353 -10.54 -49.63 -18.90
C LEU A 353 -10.91 -50.23 -20.25
N ASP A 354 -11.96 -49.72 -20.89
CA ASP A 354 -12.28 -50.06 -22.29
C ASP A 354 -11.16 -49.51 -23.16
N PRO A 355 -10.27 -50.38 -23.63
CA PRO A 355 -8.97 -49.93 -24.16
C PRO A 355 -9.02 -49.08 -25.45
N LEU A 356 -7.89 -48.42 -25.71
CA LEU A 356 -7.57 -47.81 -26.98
C LEU A 356 -6.88 -48.83 -27.90
N PRO A 357 -6.94 -48.62 -29.22
CA PRO A 357 -6.29 -49.54 -30.19
C PRO A 357 -4.78 -49.61 -29.98
N GLU A 358 -4.20 -50.80 -30.17
CA GLU A 358 -2.75 -50.97 -30.09
C GLU A 358 -2.03 -50.02 -31.06
N LYS A 359 -2.64 -49.73 -32.21
CA LYS A 359 -2.05 -48.79 -33.18
C LYS A 359 -1.71 -47.45 -32.50
N VAL A 360 -2.63 -47.00 -31.64
CA VAL A 360 -2.48 -45.75 -30.89
C VAL A 360 -1.50 -45.90 -29.74
N LEU A 361 -1.69 -46.93 -28.94
CA LEU A 361 -0.81 -47.23 -27.81
C LEU A 361 0.68 -47.36 -28.20
N GLN A 362 0.98 -47.51 -29.49
CA GLN A 362 2.37 -47.50 -29.97
C GLN A 362 2.79 -46.21 -30.69
N GLN A 363 1.93 -45.20 -30.71
CA GLN A 363 2.19 -44.01 -31.51
C GLN A 363 3.09 -43.01 -30.81
N ARG A 364 4.18 -42.61 -31.48
CA ARG A 364 5.04 -41.54 -30.98
C ARG A 364 4.31 -40.19 -31.12
N PRO A 365 4.35 -39.36 -30.08
CA PRO A 365 3.73 -38.04 -30.15
C PRO A 365 4.38 -37.10 -31.18
N ASN A 366 3.60 -36.21 -31.77
CA ASN A 366 4.11 -35.36 -32.85
C ASN A 366 5.20 -34.37 -32.40
N ALA A 367 5.91 -33.83 -33.37
CA ALA A 367 7.07 -32.95 -33.11
C ALA A 367 6.69 -31.78 -32.22
N ASN A 368 5.57 -31.16 -32.54
CA ASN A 368 5.03 -30.05 -31.74
C ASN A 368 4.77 -30.45 -30.29
N ALA A 369 4.15 -31.61 -30.11
CA ALA A 369 3.88 -32.14 -28.77
C ALA A 369 5.17 -32.32 -28.00
N VAL A 370 6.17 -32.89 -28.66
CA VAL A 370 7.44 -33.13 -27.99
C VAL A 370 8.08 -31.80 -27.64
N ARG A 371 8.11 -30.86 -28.59
CA ARG A 371 8.74 -29.57 -28.32
C ARG A 371 8.08 -28.85 -27.15
N SER A 372 6.75 -28.93 -27.10
CA SER A 372 5.95 -28.30 -26.04
C SER A 372 6.27 -28.94 -24.70
N MET A 373 6.41 -30.26 -24.68
CA MET A 373 6.78 -30.98 -23.45
C MET A 373 8.19 -30.68 -22.97
N GLU A 374 9.14 -30.49 -23.89
CA GLU A 374 10.51 -30.25 -23.47
C GLU A 374 10.67 -28.85 -22.87
N LYS A 375 9.89 -27.89 -23.34
CA LYS A 375 9.98 -26.53 -22.81
C LYS A 375 9.51 -26.49 -21.35
N VAL A 376 8.38 -27.13 -21.09
CA VAL A 376 7.85 -27.20 -19.72
C VAL A 376 8.87 -27.92 -18.84
N MET A 377 9.37 -29.05 -19.31
CA MET A 377 10.32 -29.84 -18.53
C MET A 377 11.54 -29.01 -18.14
N GLU A 378 12.08 -28.24 -19.08
CA GLU A 378 13.28 -27.43 -18.82
C GLU A 378 12.97 -26.40 -17.76
N ILE A 379 11.84 -25.73 -17.90
CA ILE A 379 11.46 -24.71 -16.95
C ILE A 379 11.28 -25.29 -15.54
N HIS A 380 10.50 -26.35 -15.43
CA HIS A 380 10.19 -26.91 -14.11
C HIS A 380 11.24 -27.84 -13.60
N SER A 381 12.33 -27.99 -14.36
CA SER A 381 13.47 -28.77 -13.91
C SER A 381 14.10 -28.11 -12.68
N LYS A 382 14.05 -26.77 -12.64
CA LYS A 382 14.53 -26.01 -11.47
C LYS A 382 13.81 -26.38 -10.15
N TYR A 383 12.57 -26.85 -10.23
CA TYR A 383 11.74 -26.96 -9.02
C TYR A 383 11.35 -28.37 -8.61
N TRP A 384 11.63 -29.36 -9.45
CA TRP A 384 11.16 -30.74 -9.19
C TRP A 384 12.23 -31.75 -9.42
N ARG A 385 12.53 -32.56 -8.41
CA ARG A 385 13.65 -33.51 -8.48
C ARG A 385 13.45 -34.52 -9.62
N CYS A 386 12.21 -34.95 -9.84
CA CYS A 386 11.89 -35.95 -10.87
C CYS A 386 12.13 -35.48 -12.32
N LEU A 387 12.38 -34.20 -12.53
CA LEU A 387 12.74 -33.71 -13.86
C LEU A 387 14.25 -33.41 -14.04
N GLN A 388 15.10 -33.92 -13.15
CA GLN A 388 16.55 -33.71 -13.26
C GLN A 388 17.24 -35.02 -13.61
N PHE B 8 12.32 5.54 31.19
CA PHE B 8 13.65 6.13 30.80
C PHE B 8 14.03 5.79 29.36
N THR B 9 13.70 6.70 28.47
CA THR B 9 13.83 6.45 27.04
C THR B 9 14.12 7.79 26.34
N THR B 10 13.74 7.82 25.07
CA THR B 10 13.86 8.97 24.20
C THR B 10 12.67 9.90 24.32
N GLY B 11 12.92 11.20 24.33
CA GLY B 11 11.86 12.21 24.43
C GLY B 11 11.51 12.88 23.11
N LEU B 12 10.26 13.33 22.99
CA LEU B 12 9.83 14.17 21.87
C LEU B 12 9.02 15.37 22.39
N VAL B 13 9.13 16.52 21.72
CA VAL B 13 8.25 17.65 22.02
C VAL B 13 7.66 18.27 20.75
N TYR B 14 6.42 18.75 20.86
CA TYR B 14 5.64 19.29 19.74
C TYR B 14 4.43 20.02 20.32
N ASP B 15 3.97 21.06 19.63
CA ASP B 15 2.80 21.81 20.10
C ASP B 15 2.10 22.47 18.92
N THR B 16 0.78 22.34 18.88
CA THR B 16 0.03 22.77 17.70
C THR B 16 -0.09 24.27 17.60
N LEU B 17 0.21 24.99 18.68
CA LEU B 17 0.24 26.45 18.62
C LEU B 17 1.37 26.99 17.75
N MET B 18 2.38 26.18 17.50
CA MET B 18 3.44 26.58 16.58
C MET B 18 2.96 26.65 15.11
N LEU B 19 1.87 25.94 14.81
CA LEU B 19 1.29 25.99 13.48
C LEU B 19 0.71 27.36 13.16
N LYS B 20 0.28 28.10 14.19
CA LYS B 20 -0.40 29.38 13.99
C LYS B 20 0.49 30.53 13.53
N HIS B 21 1.81 30.36 13.57
CA HIS B 21 2.74 31.37 13.00
C HIS B 21 2.70 31.31 11.49
N GLN B 22 1.95 32.25 10.91
CA GLN B 22 1.61 32.21 9.48
C GLN B 22 1.43 33.61 8.96
N CYS B 23 1.85 33.87 7.75
CA CYS B 23 1.76 35.23 7.24
C CYS B 23 0.33 35.71 7.06
N THR B 24 0.14 37.03 7.22
CA THR B 24 -1.19 37.63 7.18
C THR B 24 -1.79 37.69 5.78
N CYS B 25 -0.98 37.50 4.74
CA CYS B 25 -1.48 37.33 3.37
C CYS B 25 -2.29 36.05 3.17
N GLY B 26 -2.23 35.13 4.13
CA GLY B 26 -3.09 33.96 4.12
C GLY B 26 -2.71 32.89 3.11
N SER B 27 -1.44 32.85 2.70
CA SER B 27 -0.99 31.96 1.64
C SER B 27 0.45 31.49 1.88
N SER B 28 0.59 30.28 2.44
CA SER B 28 1.92 29.74 2.78
C SER B 28 2.79 29.42 1.56
N SER B 29 2.23 29.50 0.36
CA SER B 29 3.00 29.20 -0.83
C SER B 29 4.02 30.29 -1.18
N SER B 30 3.90 31.47 -0.57
CA SER B 30 4.92 32.52 -0.69
C SER B 30 6.02 32.43 0.41
N HIS B 31 5.86 31.48 1.34
CA HIS B 31 6.70 31.39 2.55
C HIS B 31 7.21 30.00 2.84
N PRO B 32 8.50 29.74 2.53
CA PRO B 32 9.09 28.41 2.64
C PRO B 32 9.06 27.81 4.04
N GLU B 33 9.20 28.64 5.07
CA GLU B 33 9.18 28.18 6.44
C GLU B 33 7.71 28.12 6.90
N HIS B 34 7.01 27.05 6.50
CA HIS B 34 5.55 26.96 6.69
C HIS B 34 5.11 25.90 7.67
N ALA B 35 3.90 26.09 8.21
CA ALA B 35 3.37 25.25 9.29
C ALA B 35 3.45 23.76 8.97
N GLY B 36 3.18 23.40 7.72
CA GLY B 36 3.16 22.00 7.30
C GLY B 36 4.44 21.22 7.56
N ARG B 37 5.57 21.94 7.60
CA ARG B 37 6.87 21.33 7.90
C ARG B 37 6.82 20.44 9.14
N ILE B 38 6.36 20.98 10.26
CA ILE B 38 6.35 20.24 11.51
C ILE B 38 5.17 19.26 11.53
N GLN B 39 4.05 19.66 10.95
CA GLN B 39 2.86 18.83 10.91
C GLN B 39 3.13 17.48 10.26
N SER B 40 3.86 17.52 9.14
CA SER B 40 4.14 16.30 8.38
C SER B 40 5.14 15.43 9.12
N ILE B 41 6.23 16.03 9.60
CA ILE B 41 7.18 15.32 10.42
C ILE B 41 6.44 14.63 11.55
N TRP B 42 5.48 15.34 12.14
CA TRP B 42 4.77 14.80 13.29
C TRP B 42 3.98 13.60 12.94
N SER B 43 3.23 13.66 11.84
CA SER B 43 2.44 12.52 11.43
C SER B 43 3.32 11.37 10.92
N ARG B 44 4.45 11.70 10.29
CA ARG B 44 5.40 10.67 9.88
C ARG B 44 5.85 9.77 11.05
N LEU B 45 6.09 10.39 12.20
CA LEU B 45 6.54 9.65 13.39
C LEU B 45 5.40 8.83 14.01
N GLN B 46 4.16 9.24 13.73
CA GLN B 46 2.98 8.50 14.16
C GLN B 46 2.80 7.27 13.29
N GLU B 47 2.78 7.47 11.97
CA GLU B 47 2.47 6.41 11.01
C GLU B 47 3.55 5.33 10.98
N THR B 48 4.70 5.63 11.55
CA THR B 48 5.81 4.68 11.64
C THR B 48 5.86 3.99 13.02
N GLY B 49 5.04 4.45 13.97
CA GLY B 49 5.03 3.88 15.31
C GLY B 49 6.14 4.38 16.22
N LEU B 50 7.02 5.24 15.71
CA LEU B 50 8.12 5.78 16.51
C LEU B 50 7.61 6.67 17.65
N ARG B 51 6.59 7.48 17.37
CA ARG B 51 5.99 8.34 18.42
C ARG B 51 5.48 7.51 19.60
N GLY B 52 4.95 6.32 19.30
CA GLY B 52 4.44 5.43 20.34
C GLY B 52 5.52 4.91 21.28
N LYS B 53 6.74 4.80 20.79
CA LYS B 53 7.85 4.31 21.60
C LYS B 53 8.57 5.39 22.40
N CYS B 54 8.16 6.64 22.25
CA CYS B 54 8.82 7.75 22.94
C CYS B 54 7.94 8.34 24.02
N GLU B 55 8.56 9.14 24.88
CA GLU B 55 7.85 9.98 25.82
C GLU B 55 7.61 11.34 25.17
N CYS B 56 6.36 11.75 25.05
CA CYS B 56 6.03 13.06 24.50
C CYS B 56 5.75 14.05 25.62
N ILE B 57 6.63 15.02 25.81
CA ILE B 57 6.51 15.96 26.93
C ILE B 57 5.64 17.15 26.59
N ARG B 58 5.27 17.86 27.65
CA ARG B 58 4.44 19.06 27.58
C ARG B 58 5.34 20.29 27.34
N GLY B 59 5.06 21.06 26.30
CA GLY B 59 5.85 22.27 26.03
C GLY B 59 5.37 23.43 26.89
N ARG B 60 6.09 24.55 26.80
CA ARG B 60 5.66 25.80 27.41
C ARG B 60 6.31 26.99 26.69
N LYS B 61 5.82 28.18 26.99
CA LYS B 61 6.43 29.39 26.45
C LYS B 61 7.65 29.77 27.30
N ALA B 62 8.71 30.24 26.65
CA ALA B 62 9.85 30.78 27.36
C ALA B 62 9.45 32.08 28.04
N THR B 63 9.88 32.31 29.29
CA THR B 63 9.72 33.63 29.94
C THR B 63 10.66 34.66 29.28
N LEU B 64 10.35 35.93 29.41
CA LEU B 64 11.21 36.97 28.83
C LEU B 64 12.59 36.98 29.53
N GLU B 65 12.61 36.61 30.81
CA GLU B 65 13.86 36.50 31.53
C GLU B 65 14.75 35.47 30.81
N GLU B 66 14.17 34.34 30.45
CA GLU B 66 14.92 33.26 29.81
C GLU B 66 15.48 33.66 28.45
N LEU B 67 14.67 34.38 27.67
CA LEU B 67 15.09 34.86 26.35
C LEU B 67 16.22 35.89 26.46
N GLN B 68 16.28 36.57 27.58
CA GLN B 68 17.21 37.65 27.80
C GLN B 68 18.63 37.18 28.13
N THR B 69 18.81 35.87 28.27
CA THR B 69 20.17 35.28 28.33
C THR B 69 20.92 35.44 27.00
N VAL B 70 20.17 35.49 25.89
CA VAL B 70 20.75 35.62 24.55
C VAL B 70 20.41 36.96 23.87
N HIS B 71 19.15 37.41 24.04
CA HIS B 71 18.66 38.60 23.34
C HIS B 71 18.42 39.75 24.25
N SER B 72 18.46 40.97 23.70
CA SER B 72 18.21 42.19 24.48
C SER B 72 16.75 42.31 24.90
N GLU B 73 16.50 43.13 25.92
CA GLU B 73 15.15 43.41 26.38
C GLU B 73 14.27 43.93 25.26
N ALA B 74 14.77 44.95 24.58
CA ALA B 74 14.05 45.58 23.47
C ALA B 74 13.57 44.54 22.48
N HIS B 75 14.46 43.62 22.15
CA HIS B 75 14.15 42.61 21.20
C HIS B 75 13.10 41.68 21.73
N THR B 76 13.12 41.40 23.02
CA THR B 76 12.20 40.43 23.58
C THR B 76 10.81 41.00 23.74
N LEU B 77 10.73 42.32 23.91
CA LEU B 77 9.43 42.98 24.01
C LEU B 77 8.79 42.99 22.61
N LEU B 78 9.61 43.39 21.65
CA LEU B 78 9.21 43.50 20.26
C LEU B 78 8.67 42.21 19.67
N TYR B 79 9.28 41.07 19.97
CA TYR B 79 8.88 39.82 19.35
C TYR B 79 8.32 38.77 20.33
N GLY B 80 8.27 39.10 21.61
CA GLY B 80 7.76 38.15 22.61
C GLY B 80 6.44 38.52 23.26
N THR B 81 5.82 39.63 22.85
CA THR B 81 4.57 40.02 23.45
C THR B 81 3.55 40.44 22.39
N ASN B 82 2.27 40.26 22.70
CA ASN B 82 1.20 40.88 21.91
C ASN B 82 1.12 42.38 22.20
N PRO B 83 0.52 43.18 21.31
CA PRO B 83 0.71 44.65 21.34
C PRO B 83 0.26 45.36 22.60
N ALA B 84 -0.81 44.86 23.23
CA ALA B 84 -1.33 45.49 24.43
C ALA B 84 -0.31 45.37 25.55
N ASN B 85 0.16 44.16 25.81
CA ASN B 85 1.16 43.96 26.86
C ASN B 85 2.52 44.55 26.48
N ARG B 86 2.81 44.62 25.19
CA ARG B 86 4.05 45.23 24.72
C ARG B 86 4.22 46.62 25.30
N GLN B 87 3.15 47.42 25.37
CA GLN B 87 3.29 48.76 25.97
C GLN B 87 3.28 48.65 27.49
N LYS B 88 2.44 47.76 28.03
CA LYS B 88 2.35 47.54 29.48
C LYS B 88 3.73 47.21 30.06
N LEU B 89 4.48 46.33 29.39
CA LEU B 89 5.72 45.79 29.95
C LEU B 89 6.95 46.61 29.62
N ASP B 90 6.85 47.62 28.77
CA ASP B 90 8.01 48.40 28.38
C ASP B 90 8.12 49.63 29.27
N SER B 91 8.14 49.38 30.58
CA SER B 91 8.23 50.43 31.59
C SER B 91 9.50 51.26 31.46
N LYS B 92 10.57 50.64 30.97
CA LYS B 92 11.83 51.33 30.80
C LYS B 92 11.85 52.23 29.57
N LYS B 93 10.80 52.13 28.75
CA LYS B 93 10.63 52.90 27.50
C LYS B 93 11.81 52.71 26.55
N LEU B 94 12.05 51.46 26.19
CA LEU B 94 13.14 51.13 25.29
C LEU B 94 12.72 51.20 23.82
N LEU B 95 11.46 50.89 23.53
CA LEU B 95 10.99 50.77 22.14
C LEU B 95 10.57 52.10 21.54
N GLY B 96 11.00 52.35 20.31
CA GLY B 96 10.46 53.47 19.54
C GLY B 96 9.09 53.15 18.95
N SER B 97 8.81 53.77 17.82
CA SER B 97 7.53 53.65 17.14
C SER B 97 7.46 52.39 16.31
N LEU B 98 6.39 51.62 16.47
CA LEU B 98 6.21 50.43 15.66
C LEU B 98 6.10 50.80 14.18
N ALA B 99 5.58 52.00 13.93
CA ALA B 99 5.58 52.63 12.59
C ALA B 99 6.84 52.35 11.80
N SER B 100 7.99 52.46 12.46
CA SER B 100 9.29 52.29 11.79
C SER B 100 9.78 50.84 11.75
N VAL B 101 9.07 49.94 12.41
CA VAL B 101 9.47 48.53 12.46
C VAL B 101 8.77 47.73 11.37
N PHE B 102 7.52 48.06 11.08
CA PHE B 102 6.71 47.24 10.19
C PHE B 102 6.68 47.77 8.77
N VAL B 103 6.84 46.85 7.82
CA VAL B 103 6.75 47.10 6.40
C VAL B 103 5.78 46.10 5.74
N ARG B 104 5.28 46.45 4.56
CA ARG B 104 4.41 45.55 3.80
C ARG B 104 5.26 44.75 2.86
N LEU B 105 5.15 43.43 2.95
CA LEU B 105 5.93 42.52 2.12
C LEU B 105 5.37 42.44 0.68
N PRO B 106 6.16 41.87 -0.26
CA PRO B 106 5.66 41.75 -1.65
C PRO B 106 4.41 40.87 -1.77
N CYS B 107 4.20 39.94 -0.85
CA CYS B 107 2.99 39.13 -0.83
C CYS B 107 1.78 39.85 -0.20
N GLY B 108 1.99 41.07 0.29
CA GLY B 108 0.91 41.86 0.90
C GLY B 108 0.73 41.73 2.42
N GLY B 109 1.47 40.81 3.05
CA GLY B 109 1.43 40.65 4.50
C GLY B 109 2.36 41.60 5.22
N VAL B 110 2.24 41.61 6.55
CA VAL B 110 3.12 42.39 7.40
C VAL B 110 4.38 41.61 7.71
N GLY B 111 5.52 42.28 7.59
CA GLY B 111 6.82 41.73 7.98
C GLY B 111 7.71 42.81 8.58
N VAL B 112 8.96 42.45 8.85
CA VAL B 112 9.89 43.33 9.59
C VAL B 112 11.10 43.75 8.74
N ASP B 113 11.72 42.79 8.06
CA ASP B 113 12.75 43.06 7.06
C ASP B 113 12.15 42.56 5.76
N SER B 114 12.84 42.75 4.64
CA SER B 114 12.30 42.40 3.32
C SER B 114 11.91 40.91 3.17
N ASP B 115 12.59 40.02 3.90
CA ASP B 115 12.34 38.59 3.82
C ASP B 115 11.39 38.08 4.93
N THR B 116 11.55 38.58 6.16
CA THR B 116 10.91 37.94 7.34
C THR B 116 9.51 38.48 7.70
N ILE B 117 8.60 37.56 8.00
CA ILE B 117 7.18 37.90 8.24
C ILE B 117 6.91 38.22 9.70
N TRP B 118 5.68 38.69 9.99
CA TRP B 118 5.20 38.84 11.39
C TRP B 118 3.71 38.88 11.55
N ASN B 119 3.16 37.92 12.29
CA ASN B 119 1.75 37.89 12.66
C ASN B 119 1.56 38.44 14.07
N GLU B 120 0.90 39.58 14.18
CA GLU B 120 0.72 40.27 15.48
C GLU B 120 -0.19 39.55 16.48
N VAL B 121 -1.01 38.62 15.99
CA VAL B 121 -1.86 37.86 16.90
C VAL B 121 -1.11 36.60 17.39
N HIS B 122 -0.26 36.01 16.56
CA HIS B 122 0.20 34.60 16.77
C HIS B 122 1.68 34.32 16.79
N SER B 123 2.49 35.18 16.18
CA SER B 123 3.92 34.90 16.07
C SER B 123 4.71 34.94 17.39
N ALA B 124 4.43 35.93 18.24
CA ALA B 124 5.11 36.02 19.54
C ALA B 124 4.93 34.74 20.35
N GLY B 125 3.68 34.29 20.44
CA GLY B 125 3.38 33.07 21.18
C GLY B 125 4.15 31.91 20.58
N ALA B 126 4.09 31.80 19.26
CA ALA B 126 4.72 30.70 18.57
C ALA B 126 6.24 30.72 18.74
N ALA B 127 6.84 31.90 18.56
CA ALA B 127 8.30 32.02 18.70
C ALA B 127 8.77 31.65 20.11
N ARG B 128 7.96 31.95 21.12
CA ARG B 128 8.31 31.64 22.52
C ARG B 128 8.07 30.20 22.92
N LEU B 129 7.15 29.54 22.25
CA LEU B 129 6.84 28.16 22.57
C LEU B 129 7.92 27.27 21.97
N ALA B 130 8.48 27.72 20.84
CA ALA B 130 9.61 27.05 20.22
C ALA B 130 10.77 26.95 21.20
N VAL B 131 11.09 28.07 21.83
CA VAL B 131 12.20 28.13 22.76
C VAL B 131 11.90 27.30 24.01
N GLY B 132 10.73 27.52 24.59
CA GLY B 132 10.30 26.79 25.78
C GLY B 132 10.23 25.27 25.61
N CYS B 133 9.86 24.83 24.41
CA CYS B 133 9.81 23.41 24.12
C CYS B 133 11.20 22.78 24.16
N VAL B 134 12.16 23.45 23.55
CA VAL B 134 13.51 22.95 23.48
C VAL B 134 14.05 22.89 24.89
N VAL B 135 13.98 24.01 25.58
CA VAL B 135 14.44 24.12 26.96
C VAL B 135 13.91 22.99 27.85
N GLU B 136 12.60 22.74 27.81
CA GLU B 136 12.00 21.68 28.63
C GLU B 136 12.65 20.33 28.35
N LEU B 137 12.72 19.96 27.07
CA LEU B 137 13.35 18.72 26.66
C LEU B 137 14.83 18.67 27.06
N VAL B 138 15.60 19.73 26.78
CA VAL B 138 17.03 19.73 27.12
C VAL B 138 17.26 19.46 28.62
N PHE B 139 16.54 20.21 29.45
CA PHE B 139 16.66 20.04 30.89
C PHE B 139 16.25 18.65 31.38
N LYS B 140 15.27 18.04 30.74
CA LYS B 140 14.86 16.71 31.14
C LYS B 140 15.95 15.68 30.85
N VAL B 141 16.68 15.87 29.76
CA VAL B 141 17.79 14.96 29.43
C VAL B 141 19.03 15.26 30.26
N ALA B 142 19.27 16.53 30.56
CA ALA B 142 20.49 16.90 31.27
C ALA B 142 20.46 16.42 32.72
N THR B 143 19.27 16.43 33.35
CA THR B 143 19.10 15.93 34.72
C THR B 143 18.94 14.40 34.78
N GLY B 144 18.90 13.73 33.63
CA GLY B 144 18.85 12.27 33.59
C GLY B 144 17.45 11.67 33.68
N GLU B 145 16.42 12.50 33.53
CA GLU B 145 15.05 12.03 33.48
C GLU B 145 14.74 11.34 32.14
N LEU B 146 15.52 11.65 31.10
CA LEU B 146 15.43 10.96 29.80
C LEU B 146 16.80 10.72 29.18
N LYS B 147 16.86 9.71 28.33
CA LYS B 147 18.12 9.29 27.67
C LYS B 147 18.59 10.35 26.67
N ASN B 148 17.68 10.81 25.83
CA ASN B 148 17.98 11.75 24.75
C ASN B 148 16.66 12.33 24.23
N GLY B 149 16.69 13.10 23.13
CA GLY B 149 15.45 13.59 22.53
C GLY B 149 15.49 14.35 21.20
N PHE B 150 14.30 14.61 20.67
CA PHE B 150 14.12 15.34 19.41
C PHE B 150 13.02 16.40 19.50
N ALA B 151 13.35 17.65 19.20
CA ALA B 151 12.39 18.75 19.32
C ALA B 151 11.85 19.12 17.96
N VAL B 152 10.59 18.77 17.72
CA VAL B 152 9.94 19.12 16.46
C VAL B 152 9.31 20.50 16.61
N VAL B 153 10.09 21.53 16.26
CA VAL B 153 9.77 22.91 16.57
C VAL B 153 9.91 23.85 15.37
N ARG B 154 9.40 25.05 15.57
CA ARG B 154 9.12 26.00 14.51
C ARG B 154 8.59 27.22 15.21
N PRO B 155 9.06 28.42 14.84
CA PRO B 155 10.07 28.75 13.83
C PRO B 155 11.51 28.40 14.25
N PRO B 156 12.45 28.42 13.29
CA PRO B 156 13.83 28.07 13.58
C PRO B 156 14.56 29.20 14.34
N GLY B 157 15.77 28.88 14.78
CA GLY B 157 16.48 29.71 15.75
C GLY B 157 17.86 30.23 15.38
N HIS B 158 18.65 29.43 14.68
CA HIS B 158 20.10 29.64 14.68
C HIS B 158 20.65 30.88 13.98
N HIS B 159 19.80 31.65 13.33
CA HIS B 159 20.21 32.90 12.70
C HIS B 159 19.89 34.12 13.53
N ALA B 160 19.07 33.95 14.55
CA ALA B 160 18.63 35.06 15.37
C ALA B 160 19.82 35.59 16.18
N GLU B 161 20.15 36.85 15.94
CA GLU B 161 21.21 37.55 16.67
C GLU B 161 20.65 38.29 17.90
N GLU B 162 21.53 38.87 18.69
CA GLU B 162 21.16 39.54 19.95
C GLU B 162 19.94 40.44 19.78
N SER B 163 19.96 41.27 18.73
CA SER B 163 18.89 42.26 18.47
C SER B 163 18.41 42.30 17.02
N THR B 164 18.61 41.22 16.28
CA THR B 164 18.18 41.19 14.89
C THR B 164 17.58 39.83 14.53
N PRO B 165 16.30 39.80 14.10
CA PRO B 165 15.76 38.57 13.53
C PRO B 165 16.20 38.47 12.09
N MET B 166 16.44 37.26 11.60
CA MET B 166 16.81 37.08 10.21
C MET B 166 16.69 35.61 9.87
N GLY B 167 16.67 35.31 8.56
CA GLY B 167 16.53 33.94 8.09
C GLY B 167 15.33 33.23 8.67
N PHE B 168 14.24 33.96 8.82
CA PHE B 168 12.98 33.43 9.38
C PHE B 168 13.10 33.00 10.83
N CYS B 169 14.15 33.47 11.50
CA CYS B 169 14.37 33.20 12.92
C CYS B 169 14.13 34.46 13.76
N TYR B 170 13.56 34.28 14.96
CA TYR B 170 13.29 35.40 15.86
C TYR B 170 14.04 35.29 17.22
N PHE B 171 14.03 34.09 17.81
CA PHE B 171 14.81 33.81 19.02
C PHE B 171 15.63 32.55 18.79
N ASN B 172 16.87 32.54 19.30
CA ASN B 172 17.78 31.40 19.08
C ASN B 172 17.52 30.33 20.13
N SER B 173 16.54 29.48 19.85
CA SER B 173 16.07 28.47 20.82
C SER B 173 17.19 27.68 21.46
N VAL B 174 18.16 27.24 20.65
CA VAL B 174 19.21 26.37 21.18
C VAL B 174 20.24 27.11 22.06
N ALA B 175 20.66 28.30 21.62
CA ALA B 175 21.51 29.14 22.47
C ALA B 175 20.89 29.37 23.85
N VAL B 176 19.61 29.69 23.89
CA VAL B 176 18.95 29.95 25.17
C VAL B 176 19.01 28.71 26.05
N ALA B 177 18.66 27.57 25.47
CA ALA B 177 18.79 26.26 26.13
C ALA B 177 20.15 26.09 26.80
N ALA B 178 21.20 26.45 26.06
CA ALA B 178 22.54 26.25 26.55
C ALA B 178 22.80 27.17 27.70
N LYS B 179 22.42 28.44 27.56
CA LYS B 179 22.69 29.45 28.59
C LYS B 179 22.03 29.03 29.87
N LEU B 180 20.76 28.63 29.76
CA LEU B 180 20.02 28.14 30.93
C LEU B 180 20.67 26.93 31.58
N LEU B 181 21.16 25.98 30.79
CA LEU B 181 21.97 24.87 31.32
C LEU B 181 23.20 25.34 32.14
N GLN B 182 23.90 26.37 31.66
CA GLN B 182 25.01 26.97 32.42
C GLN B 182 24.53 27.59 33.74
N GLN B 183 23.64 28.58 33.63
CA GLN B 183 23.16 29.34 34.77
C GLN B 183 22.43 28.53 35.81
N ARG B 184 21.55 27.62 35.40
CA ARG B 184 20.71 26.93 36.40
C ARG B 184 21.17 25.53 36.79
N LEU B 185 22.15 24.95 36.08
CA LEU B 185 22.73 23.65 36.43
C LEU B 185 24.24 23.62 36.52
N SER B 186 24.90 24.73 36.19
CA SER B 186 26.35 24.83 36.18
C SER B 186 27.00 23.73 35.38
N VAL B 187 26.44 23.43 34.23
CA VAL B 187 27.02 22.41 33.35
C VAL B 187 28.36 22.93 32.78
N SER B 188 29.44 22.19 33.02
CA SER B 188 30.81 22.65 32.78
C SER B 188 31.16 22.81 31.33
N LYS B 189 30.74 21.84 30.52
CA LYS B 189 31.05 21.80 29.09
C LYS B 189 29.82 21.41 28.25
N ILE B 190 29.51 22.24 27.24
CA ILE B 190 28.43 21.97 26.31
C ILE B 190 28.94 21.96 24.88
N LEU B 191 28.51 20.97 24.11
CA LEU B 191 28.79 20.92 22.67
C LEU B 191 27.54 21.22 21.85
N ILE B 192 27.65 22.19 20.96
CA ILE B 192 26.59 22.49 20.00
C ILE B 192 27.08 22.16 18.60
N VAL B 193 26.39 21.21 17.97
CA VAL B 193 26.70 20.79 16.60
C VAL B 193 25.56 21.30 15.73
N ASP B 194 25.93 22.00 14.66
CA ASP B 194 24.97 22.61 13.75
C ASP B 194 25.20 22.06 12.35
N TRP B 195 24.45 21.01 12.00
CA TRP B 195 24.58 20.38 10.70
C TRP B 195 23.54 20.79 9.68
N ASP B 196 22.75 21.82 9.99
CA ASP B 196 21.96 22.54 8.98
C ASP B 196 22.95 23.03 7.94
N VAL B 197 22.54 23.01 6.67
CA VAL B 197 23.41 23.40 5.58
C VAL B 197 23.87 24.84 5.68
N HIS B 198 23.11 25.69 6.39
CA HIS B 198 23.48 27.11 6.57
C HIS B 198 24.19 27.34 7.88
N HIS B 199 25.09 28.31 7.89
CA HIS B 199 25.85 28.66 9.11
C HIS B 199 24.98 29.27 10.15
N GLY B 200 25.22 28.96 11.41
CA GLY B 200 24.41 29.49 12.50
C GLY B 200 25.03 30.75 13.09
N ASN B 201 24.96 31.84 12.33
CA ASN B 201 25.55 33.13 12.73
C ASN B 201 25.16 33.62 14.15
N GLY B 202 23.94 33.30 14.59
CA GLY B 202 23.48 33.67 15.93
C GLY B 202 24.21 32.89 16.99
N THR B 203 24.32 31.59 16.81
CA THR B 203 24.94 30.71 17.81
C THR B 203 26.42 31.03 17.93
N GLN B 204 27.09 31.11 16.80
CA GLN B 204 28.48 31.56 16.79
C GLN B 204 28.66 32.84 17.62
N GLN B 205 27.81 33.83 17.38
CA GLN B 205 27.86 35.08 18.13
C GLN B 205 27.72 34.85 19.65
N ALA B 206 26.76 34.02 20.05
CA ALA B 206 26.41 33.86 21.48
C ALA B 206 27.51 33.22 22.36
N PHE B 207 28.48 32.52 21.75
CA PHE B 207 29.46 31.76 22.52
C PHE B 207 30.91 31.91 22.04
N TYR B 208 31.13 32.98 21.28
CA TYR B 208 32.40 33.22 20.59
C TYR B 208 33.56 33.39 21.55
N SER B 209 33.29 33.93 22.73
CA SER B 209 34.31 34.16 23.74
C SER B 209 34.24 33.21 24.94
N ASP B 210 33.29 32.26 24.90
CA ASP B 210 33.06 31.30 25.97
C ASP B 210 33.71 29.95 25.61
N PRO B 211 34.72 29.53 26.40
CA PRO B 211 35.36 28.22 26.19
C PRO B 211 34.66 27.03 26.86
N SER B 212 33.60 27.28 27.63
CA SER B 212 32.77 26.18 28.19
C SER B 212 31.65 25.76 27.23
N VAL B 213 31.57 26.40 26.07
CA VAL B 213 30.66 26.00 25.01
C VAL B 213 31.41 26.00 23.68
N LEU B 214 31.40 24.82 23.04
CA LEU B 214 32.05 24.56 21.77
C LEU B 214 30.99 24.45 20.68
N TYR B 215 31.11 25.29 19.66
CA TYR B 215 30.16 25.33 18.56
C TYR B 215 30.85 24.79 17.32
N MET B 216 30.31 23.72 16.73
CA MET B 216 30.81 23.19 15.45
C MET B 216 29.72 23.23 14.41
N SER B 217 29.97 23.90 13.29
CA SER B 217 29.01 23.94 12.19
C SER B 217 29.61 23.32 10.95
N LEU B 218 28.87 22.38 10.34
CA LEU B 218 29.13 21.98 8.97
C LEU B 218 28.17 22.76 8.12
N HIS B 219 28.69 23.49 7.14
CA HIS B 219 27.86 24.30 6.28
C HIS B 219 28.52 24.66 4.99
N ARG B 220 27.70 25.00 4.01
CA ARG B 220 28.20 25.44 2.71
C ARG B 220 28.66 26.88 2.87
N TYR B 221 29.92 27.15 2.56
CA TYR B 221 30.50 28.49 2.73
C TYR B 221 30.80 29.16 1.38
N ASP B 222 31.58 28.48 0.53
CA ASP B 222 31.91 28.97 -0.81
C ASP B 222 32.46 30.39 -0.78
N ASP B 223 33.43 30.62 0.10
CA ASP B 223 34.11 31.91 0.24
C ASP B 223 33.16 33.10 0.36
N GLY B 224 32.12 32.89 1.17
CA GLY B 224 31.26 33.96 1.63
C GLY B 224 30.00 34.11 0.80
N ASN B 225 29.88 33.35 -0.27
CA ASN B 225 28.86 33.59 -1.31
C ASN B 225 27.55 32.83 -1.13
N PHE B 226 27.38 32.19 0.02
CA PHE B 226 26.14 31.47 0.36
C PHE B 226 25.54 32.07 1.65
N PHE B 227 24.22 31.99 1.78
CA PHE B 227 23.56 32.57 2.94
C PHE B 227 24.02 31.83 4.20
N PRO B 228 24.28 32.56 5.30
CA PRO B 228 24.20 34.00 5.45
C PRO B 228 25.55 34.72 5.30
N GLY B 229 26.54 34.06 4.72
CA GLY B 229 27.82 34.71 4.42
C GLY B 229 28.81 34.81 5.57
N SER B 230 28.46 34.25 6.73
CA SER B 230 29.38 34.14 7.87
C SER B 230 29.82 32.69 7.97
N GLY B 231 30.69 32.40 8.93
CA GLY B 231 31.13 31.04 9.19
C GLY B 231 32.39 30.60 8.48
N ALA B 232 33.38 31.51 8.36
CA ALA B 232 34.66 31.17 7.72
C ALA B 232 35.47 30.29 8.64
N PRO B 233 36.34 29.42 8.10
CA PRO B 233 37.19 28.55 8.91
C PRO B 233 38.06 29.26 9.93
N ASP B 234 38.60 30.41 9.54
CA ASP B 234 39.52 31.14 10.39
C ASP B 234 38.83 31.92 11.52
N GLU B 235 37.51 31.98 11.50
CA GLU B 235 36.76 32.39 12.68
C GLU B 235 36.77 31.27 13.74
N VAL B 236 37.60 31.44 14.76
CA VAL B 236 37.93 30.37 15.70
C VAL B 236 37.56 30.65 17.15
N GLY B 237 37.13 31.88 17.42
CA GLY B 237 36.79 32.31 18.78
C GLY B 237 37.58 33.55 19.17
N THR B 238 37.37 34.01 20.40
CA THR B 238 38.05 35.20 20.90
C THR B 238 38.32 35.06 22.38
N GLY B 239 39.41 35.67 22.82
CA GLY B 239 39.79 35.62 24.23
C GLY B 239 40.01 34.20 24.73
N PRO B 240 39.46 33.87 25.91
CA PRO B 240 39.54 32.49 26.41
C PRO B 240 38.81 31.51 25.51
N GLY B 241 37.87 32.01 24.71
CA GLY B 241 37.12 31.17 23.78
C GLY B 241 37.88 30.70 22.56
N VAL B 242 39.09 31.24 22.34
CA VAL B 242 39.87 30.88 21.16
C VAL B 242 39.98 29.36 21.05
N GLY B 243 39.60 28.85 19.89
CA GLY B 243 39.70 27.42 19.61
C GLY B 243 38.41 26.66 19.84
N PHE B 244 37.44 27.29 20.51
CA PHE B 244 36.17 26.61 20.80
C PHE B 244 35.04 27.07 19.86
N ASN B 245 35.42 27.64 18.72
CA ASN B 245 34.51 27.83 17.59
C ASN B 245 35.08 27.19 16.33
N VAL B 246 34.45 26.08 15.91
CA VAL B 246 34.91 25.30 14.76
C VAL B 246 33.93 25.40 13.58
N ASN B 247 34.32 26.18 12.56
CA ASN B 247 33.55 26.30 11.35
C ASN B 247 34.04 25.32 10.27
N MET B 248 33.45 24.13 10.21
CA MET B 248 33.74 23.17 9.14
C MET B 248 33.08 23.63 7.85
N ALA B 249 33.81 24.50 7.14
CA ALA B 249 33.25 25.25 6.03
C ALA B 249 33.61 24.59 4.72
N PHE B 250 32.60 24.25 3.93
CA PHE B 250 32.83 23.66 2.60
C PHE B 250 32.95 24.72 1.50
N THR B 251 34.00 24.61 0.69
CA THR B 251 34.25 25.55 -0.40
C THR B 251 34.41 24.78 -1.68
N GLY B 252 34.20 25.47 -2.80
CA GLY B 252 34.32 24.85 -4.11
C GLY B 252 33.04 24.84 -4.93
N GLY B 253 31.90 25.15 -4.30
CA GLY B 253 30.61 25.16 -5.00
C GLY B 253 30.04 23.78 -5.17
N LEU B 254 29.24 23.61 -6.22
CA LEU B 254 28.53 22.36 -6.49
C LEU B 254 29.22 21.51 -7.56
N ASP B 255 30.53 21.62 -7.65
CA ASP B 255 31.31 20.94 -8.68
C ASP B 255 32.36 20.00 -8.12
N PRO B 256 31.97 18.79 -7.72
CA PRO B 256 30.61 18.26 -7.60
C PRO B 256 29.97 18.62 -6.26
N PRO B 257 28.66 18.34 -6.13
CA PRO B 257 27.96 18.63 -4.89
C PRO B 257 28.39 17.70 -3.79
N MET B 258 28.35 18.18 -2.55
CA MET B 258 28.74 17.35 -1.41
C MET B 258 27.65 16.33 -1.11
N GLY B 259 28.05 15.17 -0.60
CA GLY B 259 27.11 14.11 -0.26
C GLY B 259 27.64 13.27 0.89
N ASP B 260 27.06 12.08 1.04
CA ASP B 260 27.35 11.23 2.19
C ASP B 260 28.85 11.01 2.44
N ALA B 261 29.59 10.70 1.39
CA ALA B 261 31.02 10.40 1.56
C ALA B 261 31.70 11.57 2.23
N GLU B 262 31.39 12.76 1.76
CA GLU B 262 32.03 13.99 2.22
C GLU B 262 31.74 14.26 3.69
N TYR B 263 30.47 14.21 4.04
CA TYR B 263 30.07 14.45 5.41
C TYR B 263 30.59 13.37 6.38
N LEU B 264 30.49 12.10 6.01
CA LEU B 264 31.04 11.03 6.84
C LEU B 264 32.54 11.24 7.04
N ALA B 265 33.23 11.67 5.98
CA ALA B 265 34.65 11.98 6.04
C ALA B 265 34.94 13.07 7.07
N ALA B 266 34.17 14.15 6.99
CA ALA B 266 34.36 15.27 7.91
C ALA B 266 34.12 14.84 9.33
N PHE B 267 33.09 14.02 9.55
CA PHE B 267 32.83 13.54 10.90
C PHE B 267 33.99 12.76 11.46
N ARG B 268 34.50 11.79 10.70
CA ARG B 268 35.60 10.95 11.17
C ARG B 268 36.88 11.76 11.37
N THR B 269 37.18 12.68 10.44
CA THR B 269 38.49 13.34 10.49
C THR B 269 38.52 14.71 11.21
N VAL B 270 37.37 15.37 11.37
CA VAL B 270 37.34 16.68 12.05
C VAL B 270 36.37 16.78 13.23
N VAL B 271 35.11 16.47 13.01
CA VAL B 271 34.10 16.66 14.05
C VAL B 271 34.31 15.77 15.27
N MET B 272 34.35 14.45 15.06
CA MET B 272 34.41 13.53 16.20
C MET B 272 35.71 13.53 16.98
N PRO B 273 36.86 13.72 16.30
CA PRO B 273 38.09 13.78 17.08
C PRO B 273 38.09 14.97 18.02
N ILE B 274 37.67 16.12 17.51
CA ILE B 274 37.61 17.32 18.34
C ILE B 274 36.58 17.18 19.45
N ALA B 275 35.39 16.70 19.11
CA ALA B 275 34.34 16.51 20.12
C ALA B 275 34.78 15.59 21.25
N SER B 276 35.48 14.53 20.87
CA SER B 276 35.97 13.55 21.85
C SER B 276 36.98 14.14 22.81
N GLU B 277 37.89 14.95 22.27
CA GLU B 277 38.87 15.64 23.09
C GLU B 277 38.18 16.59 24.08
N PHE B 278 37.19 17.35 23.59
CA PHE B 278 36.41 18.26 24.44
C PHE B 278 35.68 17.52 25.57
N ALA B 279 35.15 16.34 25.28
CA ALA B 279 34.55 15.46 26.29
C ALA B 279 33.45 16.21 27.06
N PRO B 280 32.38 16.57 26.34
CA PRO B 280 31.30 17.38 26.89
C PRO B 280 30.32 16.62 27.78
N ASP B 281 29.64 17.36 28.65
CA ASP B 281 28.66 16.81 29.56
C ASP B 281 27.27 16.68 28.91
N VAL B 282 27.00 17.52 27.93
CA VAL B 282 25.74 17.49 27.16
C VAL B 282 26.05 17.90 25.73
N VAL B 283 25.33 17.30 24.78
CA VAL B 283 25.43 17.66 23.37
C VAL B 283 24.11 18.23 22.88
N LEU B 284 24.14 19.43 22.31
CA LEU B 284 22.95 20.02 21.66
C LEU B 284 23.17 20.04 20.15
N VAL B 285 22.13 19.75 19.37
CA VAL B 285 22.23 19.72 17.90
C VAL B 285 21.20 20.60 17.20
N SER B 286 21.69 21.62 16.48
CA SER B 286 20.88 22.38 15.56
C SER B 286 20.69 21.52 14.33
N SER B 287 19.57 20.81 14.29
CA SER B 287 19.39 19.74 13.33
C SER B 287 18.53 20.18 12.17
N GLY B 288 19.15 20.92 11.25
CA GLY B 288 18.49 21.28 10.00
C GLY B 288 18.73 20.20 8.98
N PHE B 289 17.75 19.97 8.10
CA PHE B 289 17.86 18.91 7.12
C PHE B 289 17.85 19.43 5.69
N ASP B 290 18.31 20.66 5.51
CA ASP B 290 18.40 21.24 4.15
C ASP B 290 19.59 20.75 3.33
N ALA B 291 20.50 20.00 3.94
CA ALA B 291 21.61 19.37 3.19
C ALA B 291 21.18 18.16 2.34
N VAL B 292 20.01 17.60 2.66
CA VAL B 292 19.49 16.43 1.95
C VAL B 292 19.18 16.66 0.45
N GLU B 293 19.29 15.60 -0.34
CA GLU B 293 18.93 15.59 -1.77
C GLU B 293 17.52 16.17 -1.97
N GLY B 294 17.40 17.14 -2.89
CA GLY B 294 16.11 17.77 -3.21
C GLY B 294 15.97 19.18 -2.66
N HIS B 295 17.07 19.92 -2.60
CA HIS B 295 17.08 21.31 -2.14
C HIS B 295 17.86 22.10 -3.14
N PRO B 296 17.17 22.78 -4.05
CA PRO B 296 17.80 23.55 -5.13
C PRO B 296 18.84 24.56 -4.67
N THR B 297 19.69 24.97 -5.63
CA THR B 297 20.94 25.74 -5.37
C THR B 297 20.80 26.99 -4.50
N PRO B 298 19.61 27.62 -4.46
CA PRO B 298 19.48 28.74 -3.50
C PRO B 298 19.40 28.26 -2.04
N LEU B 299 18.58 27.25 -1.82
CA LEU B 299 18.26 26.80 -0.48
C LEU B 299 19.27 25.78 0.06
N GLY B 300 19.85 24.99 -0.83
CA GLY B 300 20.74 23.90 -0.42
C GLY B 300 21.81 23.62 -1.47
N GLY B 301 21.59 22.59 -2.27
CA GLY B 301 22.50 22.24 -3.34
C GLY B 301 23.21 20.92 -3.14
N TYR B 302 23.26 20.47 -1.89
CA TYR B 302 23.98 19.25 -1.53
C TYR B 302 23.08 18.03 -1.65
N ASN B 303 23.72 16.86 -1.70
CA ASN B 303 23.06 15.61 -2.02
C ASN B 303 23.15 14.55 -0.96
N LEU B 304 22.97 14.90 0.31
CA LEU B 304 22.92 13.86 1.36
C LEU B 304 21.65 12.99 1.28
N SER B 305 21.74 11.79 1.80
CA SER B 305 20.59 10.92 1.97
C SER B 305 20.08 11.11 3.40
N ALA B 306 18.78 10.91 3.59
CA ALA B 306 18.21 10.93 4.94
C ALA B 306 18.89 9.91 5.81
N ARG B 307 18.98 8.67 5.33
CA ARG B 307 19.64 7.59 6.04
C ARG B 307 20.91 8.10 6.78
N CYS B 308 21.71 8.89 6.08
CA CYS B 308 23.00 9.34 6.58
C CYS B 308 22.95 10.04 7.95
N PHE B 309 21.89 10.81 8.18
CA PHE B 309 21.70 11.49 9.46
C PHE B 309 21.49 10.50 10.61
N GLY B 310 21.03 9.29 10.31
CA GLY B 310 21.00 8.21 11.30
C GLY B 310 22.41 7.89 11.78
N TYR B 311 23.34 7.79 10.84
CA TYR B 311 24.74 7.56 11.16
C TYR B 311 25.36 8.71 11.95
N LEU B 312 25.00 9.95 11.60
CA LEU B 312 25.55 11.10 12.29
C LEU B 312 25.03 11.17 13.70
N THR B 313 23.75 10.88 13.87
CA THR B 313 23.16 10.81 15.19
C THR B 313 23.84 9.74 16.05
N LYS B 314 24.00 8.55 15.49
CA LYS B 314 24.58 7.44 16.24
C LYS B 314 25.98 7.79 16.72
N GLN B 315 26.76 8.42 15.85
CA GLN B 315 28.11 8.85 16.21
C GLN B 315 28.12 9.85 17.36
N LEU B 316 27.23 10.83 17.33
CA LEU B 316 27.15 11.79 18.45
C LEU B 316 26.65 11.15 19.75
N MET B 317 25.85 10.09 19.63
CA MET B 317 25.29 9.42 20.82
C MET B 317 26.37 8.80 21.70
N GLY B 318 27.54 8.54 21.12
CA GLY B 318 28.68 8.01 21.87
C GLY B 318 29.23 8.99 22.90
N LEU B 319 28.98 10.28 22.70
CA LEU B 319 29.50 11.35 23.56
C LEU B 319 28.56 11.60 24.73
N ALA B 320 29.05 12.33 25.73
CA ALA B 320 28.20 12.85 26.81
C ALA B 320 27.36 11.78 27.49
N GLY B 321 27.87 10.54 27.52
CA GLY B 321 27.09 9.42 28.01
C GLY B 321 25.72 9.30 27.38
N GLY B 322 25.58 9.70 26.12
CA GLY B 322 24.31 9.62 25.40
C GLY B 322 23.36 10.81 25.56
N ARG B 323 23.70 11.78 26.40
CA ARG B 323 22.86 12.95 26.64
C ARG B 323 22.88 13.95 25.45
N ILE B 324 22.11 13.62 24.42
CA ILE B 324 22.06 14.37 23.17
C ILE B 324 20.62 14.81 22.91
N VAL B 325 20.45 16.02 22.41
CA VAL B 325 19.12 16.55 22.07
C VAL B 325 19.18 17.30 20.75
N LEU B 326 18.29 16.93 19.82
CA LEU B 326 18.25 17.51 18.49
C LEU B 326 17.03 18.45 18.37
N ALA B 327 17.24 19.65 17.83
CA ALA B 327 16.17 20.60 17.62
C ALA B 327 16.09 20.97 16.16
N LEU B 328 14.89 20.95 15.59
CA LEU B 328 14.71 21.32 14.19
C LEU B 328 15.14 22.77 13.90
N GLU B 329 15.89 22.95 12.82
CA GLU B 329 16.19 24.28 12.28
C GLU B 329 15.60 24.33 10.88
N GLY B 330 16.43 24.34 9.85
CA GLY B 330 15.97 24.36 8.46
C GLY B 330 15.56 23.00 7.89
N GLY B 331 15.31 22.99 6.57
CA GLY B 331 14.83 21.81 5.85
C GLY B 331 13.42 22.02 5.35
N HIS B 332 13.24 22.02 4.02
CA HIS B 332 11.98 22.43 3.37
C HIS B 332 11.22 21.28 2.76
N ASP B 333 11.91 20.48 1.94
CA ASP B 333 11.34 19.35 1.22
C ASP B 333 10.70 18.30 2.17
N LEU B 334 9.41 18.05 1.98
CA LEU B 334 8.66 17.25 2.95
C LEU B 334 9.15 15.80 3.09
N THR B 335 9.45 15.16 1.96
CA THR B 335 9.95 13.78 1.97
C THR B 335 11.26 13.72 2.71
N ALA B 336 12.18 14.60 2.31
CA ALA B 336 13.50 14.69 2.93
C ALA B 336 13.42 14.87 4.45
N ILE B 337 12.75 15.93 4.90
CA ILE B 337 12.76 16.25 6.33
C ILE B 337 12.01 15.21 7.17
N CYS B 338 10.99 14.57 6.58
CA CYS B 338 10.31 13.45 7.24
C CYS B 338 11.21 12.21 7.29
N ASP B 339 11.85 11.90 6.16
CA ASP B 339 12.77 10.75 6.10
C ASP B 339 13.92 10.91 7.11
N ALA B 340 14.59 12.06 7.04
CA ALA B 340 15.70 12.36 7.97
C ALA B 340 15.24 12.33 9.43
N SER B 341 14.10 12.93 9.74
CA SER B 341 13.58 12.89 11.10
C SER B 341 13.32 11.46 11.52
N GLU B 342 12.80 10.65 10.60
CA GLU B 342 12.59 9.23 10.87
C GLU B 342 13.90 8.57 11.28
N ALA B 343 14.95 8.78 10.49
CA ALA B 343 16.24 8.18 10.76
C ALA B 343 16.78 8.56 12.14
N CYS B 344 16.68 9.84 12.51
CA CYS B 344 17.31 10.33 13.74
C CYS B 344 16.62 9.76 14.97
N VAL B 345 15.30 9.87 15.04
CA VAL B 345 14.55 9.36 16.17
C VAL B 345 14.75 7.83 16.29
N SER B 346 14.82 7.16 15.16
CA SER B 346 15.07 5.73 15.13
C SER B 346 16.43 5.43 15.75
N ALA B 347 17.43 6.25 15.40
CA ALA B 347 18.78 6.08 15.95
C ALA B 347 18.78 6.34 17.46
N LEU B 348 18.17 7.44 17.88
CA LEU B 348 18.10 7.80 19.29
C LEU B 348 17.43 6.71 20.15
N LEU B 349 16.47 5.99 19.56
CA LEU B 349 15.78 4.92 20.28
C LEU B 349 16.64 3.68 20.45
N GLY B 350 17.62 3.48 19.57
CA GLY B 350 18.53 2.35 19.69
C GLY B 350 18.43 1.30 18.59
N ASN B 351 17.57 1.53 17.60
CA ASN B 351 17.34 0.54 16.56
C ASN B 351 18.55 0.40 15.65
N GLU B 352 18.64 -0.74 14.96
CA GLU B 352 19.76 -0.92 14.03
C GLU B 352 19.62 0.17 12.96
N LEU B 353 20.72 0.84 12.64
CA LEU B 353 20.71 1.87 11.62
C LEU B 353 20.39 1.19 10.29
N ASP B 354 19.38 1.68 9.56
CA ASP B 354 19.12 1.19 8.19
C ASP B 354 20.29 1.62 7.29
N PRO B 355 21.18 0.68 6.94
CA PRO B 355 22.52 1.02 6.40
C PRO B 355 22.54 1.73 5.05
N LEU B 356 23.70 2.32 4.74
CA LEU B 356 24.02 2.93 3.45
C LEU B 356 24.62 1.91 2.50
N PRO B 357 24.50 2.14 1.18
CA PRO B 357 25.11 1.24 0.19
C PRO B 357 26.64 1.13 0.30
N GLU B 358 27.17 -0.07 0.09
CA GLU B 358 28.62 -0.27 0.09
C GLU B 358 29.33 0.65 -0.92
N LYS B 359 28.65 0.93 -2.04
CA LYS B 359 29.22 1.84 -3.05
C LYS B 359 29.64 3.15 -2.42
N VAL B 360 28.79 3.68 -1.53
CA VAL B 360 29.00 4.97 -0.87
C VAL B 360 30.03 4.81 0.27
N LEU B 361 29.86 3.77 1.10
CA LEU B 361 30.82 3.47 2.17
C LEU B 361 32.27 3.29 1.71
N GLN B 362 32.51 3.08 0.41
CA GLN B 362 33.88 3.02 -0.13
C GLN B 362 34.32 4.27 -0.88
N GLN B 363 33.47 5.30 -0.92
CA GLN B 363 33.73 6.44 -1.80
C GLN B 363 34.70 7.41 -1.18
N ARG B 364 35.76 7.74 -1.90
CA ARG B 364 36.67 8.80 -1.50
C ARG B 364 35.96 10.15 -1.66
N PRO B 365 36.06 11.02 -0.67
CA PRO B 365 35.48 12.37 -0.80
C PRO B 365 36.14 13.21 -1.89
N ASN B 366 35.38 14.10 -2.50
CA ASN B 366 35.87 14.86 -3.63
C ASN B 366 37.01 15.84 -3.26
N ALA B 367 37.70 16.33 -4.29
CA ALA B 367 38.86 17.21 -4.12
C ALA B 367 38.53 18.41 -3.27
N ASN B 368 37.42 19.06 -3.60
CA ASN B 368 36.93 20.23 -2.86
C ASN B 368 36.72 19.93 -1.38
N ALA B 369 36.07 18.79 -1.11
CA ALA B 369 35.82 18.33 0.27
C ALA B 369 37.10 18.15 1.01
N VAL B 370 38.05 17.51 0.36
CA VAL B 370 39.33 17.27 0.99
C VAL B 370 40.03 18.60 1.25
N ARG B 371 40.07 19.49 0.25
CA ARG B 371 40.75 20.78 0.42
C ARG B 371 40.14 21.58 1.55
N SER B 372 38.82 21.55 1.64
CA SER B 372 38.08 22.24 2.70
C SER B 372 38.42 21.66 4.06
N MET B 373 38.52 20.35 4.15
CA MET B 373 38.88 19.69 5.40
C MET B 373 40.31 20.00 5.84
N GLU B 374 41.23 20.10 4.88
CA GLU B 374 42.63 20.32 5.26
C GLU B 374 42.86 21.72 5.76
N LYS B 375 42.09 22.69 5.27
CA LYS B 375 42.22 24.07 5.73
C LYS B 375 41.80 24.20 7.20
N VAL B 376 40.66 23.60 7.52
CA VAL B 376 40.18 23.61 8.89
C VAL B 376 41.18 22.91 9.79
N MET B 377 41.64 21.74 9.37
CA MET B 377 42.60 20.95 10.17
C MET B 377 43.86 21.74 10.46
N GLU B 378 44.41 22.44 9.47
CA GLU B 378 45.62 23.25 9.70
C GLU B 378 45.35 24.34 10.73
N ILE B 379 44.24 25.05 10.57
CA ILE B 379 43.91 26.14 11.46
C ILE B 379 43.75 25.64 12.89
N HIS B 380 42.93 24.60 13.09
CA HIS B 380 42.64 24.12 14.44
C HIS B 380 43.68 23.17 14.98
N SER B 381 44.74 22.97 14.21
CA SER B 381 45.85 22.17 14.68
C SER B 381 46.53 22.85 15.86
N LYS B 382 46.54 24.19 15.82
CA LYS B 382 47.10 25.00 16.92
C LYS B 382 46.38 24.77 18.27
N TYR B 383 45.12 24.33 18.26
CA TYR B 383 44.34 24.28 19.50
C TYR B 383 43.92 22.90 19.99
N TRP B 384 44.14 21.85 19.21
CA TRP B 384 43.62 20.50 19.54
C TRP B 384 44.65 19.44 19.33
N ARG B 385 44.92 18.65 20.36
CA ARG B 385 45.99 17.62 20.30
C ARG B 385 45.75 16.64 19.15
N CYS B 386 44.50 16.22 19.02
CA CYS B 386 44.13 15.19 18.05
C CYS B 386 44.42 15.54 16.56
N LEU B 387 44.95 16.73 16.27
CA LEU B 387 45.39 17.08 14.91
C LEU B 387 46.88 17.47 14.86
N THR C 9 25.77 16.82 -25.98
CA THR C 9 25.11 16.90 -27.32
C THR C 9 23.84 15.97 -27.46
N THR C 10 22.65 16.61 -27.42
CA THR C 10 21.34 15.91 -27.37
C THR C 10 20.80 15.60 -28.76
N GLY C 11 20.24 14.41 -28.94
CA GLY C 11 19.69 13.99 -30.22
C GLY C 11 18.17 14.06 -30.30
N LEU C 12 17.66 14.23 -31.52
CA LEU C 12 16.22 14.11 -31.79
C LEU C 12 16.00 13.26 -33.04
N VAL C 13 14.90 12.50 -33.09
CA VAL C 13 14.51 11.80 -34.30
C VAL C 13 13.03 11.95 -34.62
N TYR C 14 12.74 12.01 -35.92
CA TYR C 14 11.39 12.31 -36.43
C TYR C 14 11.40 12.00 -37.92
N ASP C 15 10.25 11.61 -38.45
CA ASP C 15 10.12 11.36 -39.90
C ASP C 15 8.68 11.59 -40.33
N THR C 16 8.51 12.29 -41.43
CA THR C 16 7.19 12.70 -41.87
C THR C 16 6.38 11.54 -42.45
N LEU C 17 7.04 10.43 -42.76
CA LEU C 17 6.32 9.23 -43.20
C LEU C 17 5.49 8.59 -42.07
N MET C 18 5.79 8.90 -40.82
CA MET C 18 4.95 8.44 -39.70
C MET C 18 3.56 9.12 -39.67
N LEU C 19 3.46 10.27 -40.31
CA LEU C 19 2.18 10.98 -40.40
C LEU C 19 1.20 10.21 -41.24
N LYS C 20 1.70 9.42 -42.20
CA LYS C 20 0.84 8.73 -43.15
C LYS C 20 0.02 7.56 -42.57
N HIS C 21 0.33 7.13 -41.34
CA HIS C 21 -0.48 6.11 -40.63
C HIS C 21 -1.76 6.76 -40.17
N GLN C 22 -2.80 6.57 -40.95
CA GLN C 22 -4.03 7.32 -40.79
C GLN C 22 -5.20 6.49 -41.26
N CYS C 23 -6.34 6.55 -40.58
CA CYS C 23 -7.49 5.84 -41.10
C CYS C 23 -7.94 6.41 -42.43
N THR C 24 -8.46 5.54 -43.29
CA THR C 24 -8.83 5.92 -44.65
C THR C 24 -10.08 6.81 -44.69
N CYS C 25 -10.86 6.83 -43.60
CA CYS C 25 -12.00 7.75 -43.50
C CYS C 25 -11.59 9.21 -43.35
N GLY C 26 -10.31 9.46 -43.05
CA GLY C 26 -9.75 10.80 -42.85
C GLY C 26 -9.99 11.27 -41.42
N SER C 27 -11.27 11.32 -41.06
CA SER C 27 -11.73 11.96 -39.82
C SER C 27 -11.00 11.41 -38.59
N SER C 28 -9.95 12.13 -38.18
CA SER C 28 -9.11 11.71 -37.07
C SER C 28 -9.79 11.80 -35.69
N SER C 29 -10.98 12.39 -35.62
CA SER C 29 -11.71 12.48 -34.34
C SER C 29 -12.25 11.11 -33.86
N SER C 30 -12.32 10.11 -34.74
CA SER C 30 -12.71 8.76 -34.34
C SER C 30 -11.51 7.93 -33.88
N HIS C 31 -10.31 8.51 -34.03
CA HIS C 31 -9.05 7.80 -33.83
C HIS C 31 -8.07 8.66 -33.02
N PRO C 32 -8.07 8.50 -31.69
CA PRO C 32 -7.29 9.39 -30.80
C PRO C 32 -5.79 9.44 -31.05
N GLU C 33 -5.23 8.33 -31.50
CA GLU C 33 -3.80 8.25 -31.81
C GLU C 33 -3.59 8.74 -33.24
N HIS C 34 -3.54 10.05 -33.42
CA HIS C 34 -3.56 10.68 -34.76
C HIS C 34 -2.32 11.41 -35.14
N ALA C 35 -2.13 11.58 -36.45
CA ALA C 35 -0.86 12.11 -37.01
C ALA C 35 -0.45 13.44 -36.41
N GLY C 36 -1.43 14.30 -36.12
CA GLY C 36 -1.15 15.64 -35.57
C GLY C 36 -0.38 15.66 -34.26
N ARG C 37 -0.49 14.57 -33.49
CA ARG C 37 0.24 14.43 -32.23
C ARG C 37 1.74 14.71 -32.39
N ILE C 38 2.38 14.07 -33.36
CA ILE C 38 3.83 14.25 -33.57
C ILE C 38 4.14 15.56 -34.32
N GLN C 39 3.27 15.89 -35.29
CA GLN C 39 3.44 17.13 -36.07
C GLN C 39 3.53 18.36 -35.18
N SER C 40 2.65 18.44 -34.19
CA SER C 40 2.59 19.60 -33.30
C SER C 40 3.79 19.63 -32.37
N ILE C 41 4.12 18.49 -31.76
CA ILE C 41 5.31 18.38 -30.93
C ILE C 41 6.49 18.86 -31.75
N TRP C 42 6.53 18.47 -33.01
CA TRP C 42 7.66 18.79 -33.85
C TRP C 42 7.78 20.27 -34.08
N SER C 43 6.67 20.92 -34.40
CA SER C 43 6.70 22.36 -34.62
C SER C 43 6.91 23.12 -33.31
N ARG C 44 6.39 22.60 -32.21
CA ARG C 44 6.65 23.22 -30.90
C ARG C 44 8.15 23.37 -30.62
N LEU C 45 8.93 22.35 -30.99
CA LEU C 45 10.36 22.35 -30.73
C LEU C 45 11.09 23.29 -31.67
N GLN C 46 10.46 23.57 -32.81
CA GLN C 46 10.97 24.56 -33.76
C GLN C 46 10.74 25.97 -33.25
N GLU C 47 9.49 26.27 -32.89
CA GLU C 47 9.10 27.63 -32.47
C GLU C 47 9.78 28.08 -31.19
N THR C 48 10.32 27.12 -30.45
CA THR C 48 11.01 27.40 -29.20
C THR C 48 12.51 27.46 -29.39
N GLY C 49 13.00 27.08 -30.57
CA GLY C 49 14.43 27.09 -30.84
C GLY C 49 15.19 25.89 -30.29
N LEU C 50 14.49 24.98 -29.62
CA LEU C 50 15.11 23.79 -29.07
C LEU C 50 15.62 22.86 -30.16
N ARG C 51 14.85 22.72 -31.22
CA ARG C 51 15.27 21.88 -32.35
C ARG C 51 16.59 22.35 -32.95
N GLY C 52 16.81 23.66 -32.97
CA GLY C 52 18.04 24.24 -33.48
C GLY C 52 19.26 23.87 -32.68
N LYS C 53 19.08 23.64 -31.38
CA LYS C 53 20.21 23.30 -30.48
C LYS C 53 20.55 21.80 -30.43
N CYS C 54 19.76 20.97 -31.11
CA CYS C 54 19.94 19.51 -31.09
C CYS C 54 20.47 19.01 -32.41
N GLU C 55 20.95 17.78 -32.39
CA GLU C 55 21.26 17.03 -33.59
C GLU C 55 20.03 16.23 -33.99
N CYS C 56 19.54 16.43 -35.21
CA CYS C 56 18.40 15.67 -35.73
C CYS C 56 18.90 14.55 -36.64
N ILE C 57 18.75 13.31 -36.21
CA ILE C 57 19.26 12.18 -36.97
C ILE C 57 18.25 11.66 -38.00
N ARG C 58 18.76 10.86 -38.93
CA ARG C 58 18.00 10.23 -40.01
C ARG C 58 17.41 8.90 -39.51
N GLY C 59 16.11 8.73 -39.64
CA GLY C 59 15.47 7.48 -39.25
C GLY C 59 15.64 6.38 -40.31
N ARG C 60 15.16 5.18 -39.99
CA ARG C 60 15.04 4.11 -40.96
C ARG C 60 13.98 3.10 -40.53
N LYS C 61 13.58 2.21 -41.44
CA LYS C 61 12.64 1.16 -41.11
C LYS C 61 13.39 0.02 -40.43
N ALA C 62 12.76 -0.58 -39.43
CA ALA C 62 13.30 -1.77 -38.80
C ALA C 62 13.20 -2.94 -39.77
N THR C 63 14.24 -3.76 -39.85
CA THR C 63 14.14 -5.00 -40.62
C THR C 63 13.23 -5.97 -39.88
N LEU C 64 12.69 -6.95 -40.58
CA LEU C 64 11.86 -7.97 -39.95
C LEU C 64 12.68 -8.80 -38.95
N GLU C 65 13.96 -8.98 -39.25
CA GLU C 65 14.85 -9.68 -38.33
C GLU C 65 14.82 -8.94 -36.98
N GLU C 66 14.95 -7.63 -37.04
CA GLU C 66 15.02 -6.82 -35.81
C GLU C 66 13.74 -6.88 -34.99
N LEU C 67 12.59 -6.85 -35.68
CA LEU C 67 11.30 -6.96 -35.02
C LEU C 67 11.10 -8.33 -34.36
N GLN C 68 11.79 -9.33 -34.89
CA GLN C 68 11.63 -10.71 -34.46
C GLN C 68 12.37 -11.03 -33.17
N THR C 69 13.13 -10.05 -32.64
CA THR C 69 13.67 -10.14 -31.28
C THR C 69 12.58 -10.09 -30.19
N VAL C 70 11.47 -9.40 -30.50
CA VAL C 70 10.32 -9.31 -29.59
C VAL C 70 9.10 -10.09 -30.10
N HIS C 71 8.81 -9.97 -31.40
CA HIS C 71 7.57 -10.50 -31.99
C HIS C 71 7.79 -11.69 -32.87
N SER C 72 6.76 -12.53 -33.01
CA SER C 72 6.84 -13.71 -33.89
C SER C 72 6.92 -13.32 -35.36
N GLU C 73 7.36 -14.27 -36.19
CA GLU C 73 7.37 -14.08 -37.65
C GLU C 73 5.99 -13.73 -38.19
N ALA C 74 5.02 -14.56 -37.84
CA ALA C 74 3.65 -14.39 -38.30
C ALA C 74 3.18 -12.96 -38.03
N HIS C 75 3.48 -12.45 -36.84
CA HIS C 75 3.10 -11.12 -36.47
C HIS C 75 3.79 -10.09 -37.29
N THR C 76 5.06 -10.34 -37.64
CA THR C 76 5.83 -9.35 -38.37
C THR C 76 5.44 -9.29 -39.85
N LEU C 77 4.95 -10.41 -40.38
CA LEU C 77 4.45 -10.40 -41.76
C LEU C 77 3.12 -9.63 -41.77
N LEU C 78 2.29 -9.97 -40.80
CA LEU C 78 0.95 -9.39 -40.63
C LEU C 78 0.95 -7.87 -40.51
N TYR C 79 1.91 -7.29 -39.81
CA TYR C 79 1.92 -5.83 -39.62
C TYR C 79 3.17 -5.11 -40.14
N GLY C 80 4.08 -5.85 -40.75
CA GLY C 80 5.30 -5.23 -41.31
C GLY C 80 5.40 -5.18 -42.83
N THR C 81 4.36 -5.65 -43.53
CA THR C 81 4.29 -5.66 -45.01
C THR C 81 2.90 -5.22 -45.52
N ASN C 82 2.85 -4.65 -46.72
CA ASN C 82 1.56 -4.44 -47.40
C ASN C 82 1.05 -5.76 -47.99
N PRO C 83 -0.26 -5.86 -48.28
CA PRO C 83 -0.87 -7.17 -48.54
C PRO C 83 -0.31 -7.99 -49.69
N ALA C 84 0.11 -7.34 -50.77
CA ALA C 84 0.65 -8.07 -51.92
C ALA C 84 1.94 -8.79 -51.52
N ASN C 85 2.88 -8.07 -50.92
CA ASN C 85 4.13 -8.70 -50.49
C ASN C 85 3.92 -9.66 -49.33
N ARG C 86 2.92 -9.38 -48.49
CA ARG C 86 2.62 -10.25 -47.37
C ARG C 86 2.48 -11.67 -47.85
N GLN C 87 1.86 -11.87 -49.01
CA GLN C 87 1.71 -13.21 -49.55
C GLN C 87 3.02 -13.68 -50.23
N LYS C 88 3.69 -12.75 -50.92
CA LYS C 88 4.98 -13.02 -51.55
C LYS C 88 5.96 -13.59 -50.54
N LEU C 89 6.03 -12.95 -49.37
CA LEU C 89 7.10 -13.23 -48.40
C LEU C 89 6.77 -14.31 -47.37
N ASP C 90 5.58 -14.89 -47.41
CA ASP C 90 5.21 -15.89 -46.43
C ASP C 90 5.51 -17.28 -46.98
N SER C 91 6.78 -17.49 -47.35
CA SER C 91 7.24 -18.76 -47.94
C SER C 91 7.03 -19.94 -47.02
N LYS C 92 7.11 -19.70 -45.71
CA LYS C 92 6.93 -20.79 -44.75
C LYS C 92 5.46 -21.17 -44.57
N LYS C 93 4.57 -20.37 -45.16
CA LYS C 93 3.12 -20.57 -45.08
C LYS C 93 2.64 -20.58 -43.64
N LEU C 94 2.93 -19.50 -42.92
CA LEU C 94 2.56 -19.37 -41.53
C LEU C 94 1.15 -18.81 -41.35
N LEU C 95 0.74 -17.93 -42.26
CA LEU C 95 -0.56 -17.24 -42.15
C LEU C 95 -1.70 -18.08 -42.70
N GLY C 96 -2.79 -18.14 -41.94
CA GLY C 96 -4.01 -18.75 -42.44
C GLY C 96 -4.73 -17.77 -43.34
N SER C 97 -6.06 -17.88 -43.34
CA SER C 97 -6.92 -16.98 -44.07
C SER C 97 -7.07 -15.67 -43.29
N LEU C 98 -6.80 -14.55 -43.96
CA LEU C 98 -6.82 -13.24 -43.34
C LEU C 98 -8.24 -12.61 -43.31
N ALA C 99 -9.18 -13.21 -44.04
CA ALA C 99 -10.51 -12.63 -44.27
C ALA C 99 -11.19 -12.03 -43.02
N SER C 100 -11.18 -12.76 -41.92
CA SER C 100 -11.83 -12.33 -40.69
C SER C 100 -10.93 -11.48 -39.78
N VAL C 101 -9.66 -11.35 -40.15
CA VAL C 101 -8.70 -10.63 -39.32
C VAL C 101 -8.60 -9.16 -39.76
N PHE C 102 -8.81 -8.90 -41.04
CA PHE C 102 -8.83 -7.52 -41.56
C PHE C 102 -10.24 -7.17 -42.05
N VAL C 103 -10.91 -6.30 -41.29
CA VAL C 103 -12.36 -6.10 -41.41
C VAL C 103 -12.62 -4.64 -41.76
N ARG C 104 -13.85 -4.35 -42.18
CA ARG C 104 -14.30 -2.97 -42.45
C ARG C 104 -14.92 -2.38 -41.19
N LEU C 105 -14.35 -1.27 -40.71
CA LEU C 105 -14.77 -0.61 -39.47
C LEU C 105 -16.08 0.19 -39.65
N PRO C 106 -16.73 0.59 -38.53
CA PRO C 106 -17.95 1.39 -38.64
C PRO C 106 -17.73 2.74 -39.33
N CYS C 107 -16.51 3.27 -39.26
CA CYS C 107 -16.17 4.51 -39.97
C CYS C 107 -15.93 4.30 -41.47
N GLY C 108 -15.96 3.05 -41.93
CA GLY C 108 -15.80 2.73 -43.34
C GLY C 108 -14.39 2.34 -43.75
N GLY C 109 -13.42 2.53 -42.86
CA GLY C 109 -12.02 2.20 -43.16
C GLY C 109 -11.64 0.79 -42.79
N VAL C 110 -10.39 0.45 -43.11
CA VAL C 110 -9.86 -0.88 -42.80
C VAL C 110 -9.25 -0.87 -41.38
N GLY C 111 -9.58 -1.90 -40.60
CA GLY C 111 -9.05 -2.08 -39.23
C GLY C 111 -8.89 -3.53 -38.85
N VAL C 112 -8.52 -3.81 -37.60
CA VAL C 112 -8.33 -5.18 -37.12
C VAL C 112 -9.48 -5.58 -36.20
N ASP C 113 -9.79 -4.72 -35.25
CA ASP C 113 -11.07 -4.77 -34.56
C ASP C 113 -11.64 -3.35 -34.60
N SER C 114 -12.82 -3.16 -34.04
CA SER C 114 -13.49 -1.85 -34.08
C SER C 114 -12.65 -0.71 -33.52
N ASP C 115 -11.75 -1.01 -32.59
CA ASP C 115 -10.90 0.02 -32.02
C ASP C 115 -9.76 0.37 -32.97
N THR C 116 -8.96 -0.64 -33.32
CA THR C 116 -7.67 -0.41 -33.97
C THR C 116 -7.74 -0.36 -35.51
N ILE C 117 -7.07 0.64 -36.09
CA ILE C 117 -7.10 0.87 -37.53
C ILE C 117 -5.97 0.11 -38.21
N TRP C 118 -6.02 0.11 -39.56
CA TRP C 118 -4.94 -0.43 -40.40
C TRP C 118 -5.01 0.10 -41.80
N ASN C 119 -4.04 0.94 -42.18
CA ASN C 119 -3.96 1.50 -43.52
C ASN C 119 -3.09 0.61 -44.36
N GLU C 120 -3.69 0.05 -45.40
CA GLU C 120 -3.09 -0.98 -46.19
C GLU C 120 -2.03 -0.45 -47.16
N VAL C 121 -1.94 0.85 -47.37
CA VAL C 121 -0.82 1.41 -48.12
C VAL C 121 0.32 1.89 -47.23
N HIS C 122 0.01 2.30 -45.99
CA HIS C 122 0.94 3.11 -45.18
C HIS C 122 1.30 2.66 -43.76
N SER C 123 0.48 1.84 -43.12
CA SER C 123 0.71 1.52 -41.71
C SER C 123 1.95 0.65 -41.45
N ALA C 124 2.16 -0.36 -42.26
CA ALA C 124 3.31 -1.22 -42.08
C ALA C 124 4.58 -0.42 -42.11
N GLY C 125 4.71 0.44 -43.12
CA GLY C 125 5.88 1.31 -43.25
C GLY C 125 6.03 2.19 -42.02
N ALA C 126 4.92 2.81 -41.61
CA ALA C 126 4.92 3.72 -40.49
C ALA C 126 5.30 3.00 -39.18
N ALA C 127 4.69 1.83 -38.96
CA ALA C 127 4.98 1.07 -37.75
C ALA C 127 6.44 0.68 -37.67
N ARG C 128 7.05 0.38 -38.80
CA ARG C 128 8.45 -0.03 -38.84
C ARG C 128 9.45 1.12 -38.74
N LEU C 129 9.03 2.31 -39.16
CA LEU C 129 9.90 3.48 -39.11
C LEU C 129 9.95 3.98 -37.68
N ALA C 130 8.86 3.80 -36.95
CA ALA C 130 8.80 4.13 -35.52
C ALA C 130 9.86 3.33 -34.76
N VAL C 131 9.94 2.03 -35.04
CA VAL C 131 10.91 1.17 -34.36
C VAL C 131 12.32 1.55 -34.78
N GLY C 132 12.54 1.62 -36.08
CA GLY C 132 13.86 1.96 -36.62
C GLY C 132 14.39 3.32 -36.17
N CYS C 133 13.50 4.27 -35.96
CA CYS C 133 13.89 5.58 -35.45
C CYS C 133 14.42 5.50 -34.01
N VAL C 134 13.72 4.75 -33.16
CA VAL C 134 14.10 4.59 -31.76
C VAL C 134 15.46 3.90 -31.72
N VAL C 135 15.53 2.75 -32.37
CA VAL C 135 16.76 1.98 -32.45
C VAL C 135 17.96 2.82 -32.85
N GLU C 136 17.83 3.61 -33.92
CA GLU C 136 18.94 4.45 -34.39
C GLU C 136 19.41 5.38 -33.28
N LEU C 137 18.47 6.09 -32.69
CA LEU C 137 18.78 7.02 -31.60
C LEU C 137 19.40 6.31 -30.40
N VAL C 138 18.79 5.20 -29.96
CA VAL C 138 19.31 4.48 -28.79
C VAL C 138 20.76 4.05 -29.00
N PHE C 139 21.04 3.44 -30.15
CA PHE C 139 22.40 3.00 -30.45
C PHE C 139 23.39 4.16 -30.51
N LYS C 140 22.95 5.31 -30.98
CA LYS C 140 23.86 6.44 -31.08
C LYS C 140 24.27 6.94 -29.70
N VAL C 141 23.34 6.88 -28.75
CA VAL C 141 23.65 7.29 -27.37
C VAL C 141 24.44 6.21 -26.62
N ALA C 142 24.16 4.95 -26.90
CA ALA C 142 24.82 3.85 -26.16
C ALA C 142 26.31 3.77 -26.53
N THR C 143 26.64 4.03 -27.80
CA THR C 143 28.03 4.01 -28.27
C THR C 143 28.77 5.31 -27.97
N GLY C 144 28.08 6.31 -27.41
CA GLY C 144 28.72 7.55 -27.00
C GLY C 144 28.87 8.57 -28.11
N GLU C 145 28.17 8.37 -29.22
CA GLU C 145 28.13 9.36 -30.30
C GLU C 145 27.23 10.56 -29.93
N LEU C 146 26.32 10.38 -28.97
CA LEU C 146 25.51 11.48 -28.42
C LEU C 146 25.32 11.35 -26.91
N LYS C 147 25.04 12.48 -26.26
CA LYS C 147 24.86 12.53 -24.81
C LYS C 147 23.60 11.79 -24.40
N ASN C 148 22.50 12.11 -25.08
CA ASN C 148 21.17 11.59 -24.75
C ASN C 148 20.23 11.85 -25.94
N GLY C 149 18.93 11.61 -25.79
CA GLY C 149 17.98 11.97 -26.85
C GLY C 149 16.49 11.77 -26.62
N PHE C 150 15.71 12.24 -27.58
CA PHE C 150 14.24 12.17 -27.52
C PHE C 150 13.67 11.73 -28.86
N ALA C 151 12.88 10.67 -28.84
CA ALA C 151 12.33 10.11 -30.07
C ALA C 151 10.87 10.53 -30.24
N VAL C 152 10.62 11.44 -31.17
CA VAL C 152 9.25 11.88 -31.47
C VAL C 152 8.67 10.94 -32.51
N VAL C 153 8.01 9.88 -32.02
CA VAL C 153 7.57 8.78 -32.86
C VAL C 153 6.11 8.40 -32.64
N ARG C 154 5.65 7.54 -33.55
CA ARG C 154 4.24 7.25 -33.75
C ARG C 154 4.21 6.20 -34.83
N PRO C 155 3.42 5.12 -34.65
CA PRO C 155 2.56 4.80 -33.52
C PRO C 155 3.31 4.32 -32.26
N PRO C 156 2.59 4.27 -31.13
CA PRO C 156 3.21 3.86 -29.87
C PRO C 156 3.47 2.34 -29.80
N GLY C 157 4.19 1.93 -28.76
CA GLY C 157 4.75 0.58 -28.69
C GLY C 157 4.42 -0.29 -27.50
N HIS C 158 4.28 0.30 -26.32
CA HIS C 158 4.42 -0.49 -25.09
C HIS C 158 3.32 -1.48 -24.74
N HIS C 159 2.25 -1.52 -25.54
CA HIS C 159 1.18 -2.51 -25.36
C HIS C 159 1.30 -3.71 -26.28
N ALA C 160 2.16 -3.59 -27.29
CA ALA C 160 2.33 -4.64 -28.29
C ALA C 160 2.96 -5.87 -27.65
N GLU C 161 2.22 -6.97 -27.64
CA GLU C 161 2.72 -8.25 -27.16
C GLU C 161 3.34 -9.09 -28.30
N GLU C 162 3.92 -10.23 -27.96
CA GLU C 162 4.62 -11.10 -28.92
C GLU C 162 3.84 -11.27 -30.22
N SER C 163 2.55 -11.58 -30.10
CA SER C 163 1.69 -11.88 -31.26
C SER C 163 0.34 -11.18 -31.21
N THR C 164 0.22 -10.10 -30.45
CA THR C 164 -1.05 -9.37 -30.35
C THR C 164 -0.85 -7.85 -30.35
N PRO C 165 -1.44 -7.14 -31.31
CA PRO C 165 -1.43 -5.68 -31.24
C PRO C 165 -2.56 -5.27 -30.33
N MET C 166 -2.38 -4.19 -29.60
CA MET C 166 -3.45 -3.67 -28.77
C MET C 166 -3.07 -2.27 -28.31
N GLY C 167 -4.07 -1.54 -27.84
CA GLY C 167 -3.88 -0.14 -27.43
C GLY C 167 -3.23 0.73 -28.48
N PHE C 168 -3.61 0.52 -29.74
CA PHE C 168 -3.07 1.26 -30.89
C PHE C 168 -1.57 1.05 -31.12
N CYS C 169 -1.06 -0.02 -30.53
CA CYS C 169 0.34 -0.39 -30.71
C CYS C 169 0.43 -1.63 -31.56
N TYR C 170 1.45 -1.67 -32.42
CA TYR C 170 1.64 -2.82 -33.30
C TYR C 170 2.99 -3.54 -33.08
N PHE C 171 4.06 -2.77 -32.89
CA PHE C 171 5.37 -3.31 -32.50
C PHE C 171 5.90 -2.53 -31.31
N ASN C 172 6.57 -3.21 -30.39
CA ASN C 172 7.08 -2.58 -29.18
C ASN C 172 8.44 -1.97 -29.44
N SER C 173 8.43 -0.75 -29.97
CA SER C 173 9.65 -0.07 -30.35
C SER C 173 10.76 -0.13 -29.28
N VAL C 174 10.41 0.11 -28.01
CA VAL C 174 11.44 0.24 -26.96
C VAL C 174 12.03 -1.13 -26.59
N ALA C 175 11.18 -2.14 -26.50
CA ALA C 175 11.66 -3.51 -26.27
C ALA C 175 12.67 -3.93 -27.33
N VAL C 176 12.36 -3.65 -28.59
CA VAL C 176 13.25 -4.05 -29.68
C VAL C 176 14.60 -3.35 -29.54
N ALA C 177 14.55 -2.04 -29.30
CA ALA C 177 15.76 -1.25 -29.00
C ALA C 177 16.63 -1.92 -27.95
N ALA C 178 15.99 -2.39 -26.87
CA ALA C 178 16.73 -2.99 -25.77
C ALA C 178 17.37 -4.29 -26.24
N LYS C 179 16.60 -5.14 -26.91
CA LYS C 179 17.08 -6.46 -27.30
C LYS C 179 18.28 -6.30 -28.19
N LEU C 180 18.17 -5.39 -29.15
CA LEU C 180 19.29 -5.09 -30.06
C LEU C 180 20.52 -4.60 -29.31
N LEU C 181 20.32 -3.74 -28.31
CA LEU C 181 21.43 -3.34 -27.45
C LEU C 181 22.13 -4.54 -26.81
N GLN C 182 21.36 -5.52 -26.32
CA GLN C 182 21.95 -6.72 -25.72
C GLN C 182 22.73 -7.50 -26.76
N GLN C 183 22.04 -7.92 -27.82
CA GLN C 183 22.61 -8.77 -28.85
C GLN C 183 23.78 -8.15 -29.61
N ARG C 184 23.70 -6.89 -29.99
CA ARG C 184 24.73 -6.31 -30.85
C ARG C 184 25.78 -5.45 -30.14
N LEU C 185 25.57 -5.10 -28.86
CA LEU C 185 26.56 -4.37 -28.06
C LEU C 185 26.92 -5.02 -26.72
N SER C 186 26.25 -6.13 -26.38
CA SER C 186 26.46 -6.83 -25.10
C SER C 186 26.34 -5.93 -23.88
N VAL C 187 25.37 -5.02 -23.90
CA VAL C 187 25.16 -4.12 -22.77
C VAL C 187 24.64 -4.92 -21.56
N SER C 188 25.36 -4.87 -20.45
CA SER C 188 25.12 -5.77 -19.30
C SER C 188 23.84 -5.53 -18.53
N LYS C 189 23.52 -4.25 -18.31
CA LYS C 189 22.32 -3.84 -17.56
C LYS C 189 21.57 -2.69 -18.25
N ILE C 190 20.27 -2.87 -18.46
CA ILE C 190 19.39 -1.86 -19.07
C ILE C 190 18.21 -1.56 -18.16
N LEU C 191 17.93 -0.27 -17.97
CA LEU C 191 16.73 0.17 -17.23
C LEU C 191 15.70 0.75 -18.19
N ILE C 192 14.48 0.22 -18.10
CA ILE C 192 13.34 0.79 -18.81
C ILE C 192 12.34 1.37 -17.80
N VAL C 193 12.13 2.69 -17.90
CA VAL C 193 11.17 3.39 -17.08
C VAL C 193 10.00 3.75 -17.96
N ASP C 194 8.81 3.40 -17.52
CA ASP C 194 7.58 3.63 -18.27
C ASP C 194 6.65 4.51 -17.42
N TRP C 195 6.70 5.82 -17.66
CA TRP C 195 5.86 6.76 -16.92
C TRP C 195 4.62 7.22 -17.67
N ASP C 196 4.30 6.58 -18.80
CA ASP C 196 2.96 6.68 -19.40
C ASP C 196 1.96 6.24 -18.33
N VAL C 197 0.81 6.89 -18.29
CA VAL C 197 -0.19 6.58 -17.28
C VAL C 197 -0.69 5.14 -17.37
N HIS C 198 -0.59 4.51 -18.54
CA HIS C 198 -1.03 3.11 -18.71
C HIS C 198 0.12 2.14 -18.57
N HIS C 199 -0.18 0.94 -18.04
CA HIS C 199 0.84 -0.10 -17.85
C HIS C 199 1.36 -0.60 -19.16
N GLY C 200 2.65 -0.88 -19.24
CA GLY C 200 3.24 -1.39 -20.48
C GLY C 200 3.27 -2.90 -20.49
N ASN C 201 2.10 -3.51 -20.65
CA ASN C 201 1.97 -4.97 -20.65
C ASN C 201 2.94 -5.72 -21.62
N GLY C 202 3.27 -5.10 -22.74
CA GLY C 202 4.20 -5.68 -23.71
C GLY C 202 5.62 -5.72 -23.22
N THR C 203 6.07 -4.60 -22.67
CA THR C 203 7.44 -4.51 -22.14
C THR C 203 7.62 -5.45 -20.94
N GLN C 204 6.69 -5.39 -19.99
CA GLN C 204 6.68 -6.35 -18.90
C GLN C 204 6.86 -7.77 -19.42
N GLN C 205 6.10 -8.16 -20.43
CA GLN C 205 6.19 -9.50 -21.00
C GLN C 205 7.60 -9.78 -21.52
N ALA C 206 8.17 -8.82 -22.24
CA ALA C 206 9.41 -9.07 -22.98
C ALA C 206 10.65 -9.33 -22.10
N PHE C 207 10.59 -8.94 -20.81
CA PHE C 207 11.78 -9.01 -19.95
C PHE C 207 11.50 -9.58 -18.57
N TYR C 208 10.38 -10.27 -18.47
CA TYR C 208 9.84 -10.77 -17.20
C TYR C 208 10.78 -11.77 -16.56
N SER C 209 11.52 -12.51 -17.37
CA SER C 209 12.45 -13.52 -16.87
C SER C 209 13.93 -13.13 -17.01
N ASP C 210 14.17 -11.92 -17.54
CA ASP C 210 15.52 -11.41 -17.77
C ASP C 210 15.93 -10.44 -16.62
N PRO C 211 16.97 -10.80 -15.85
CA PRO C 211 17.48 -9.93 -14.80
C PRO C 211 18.50 -8.89 -15.27
N SER C 212 18.90 -8.93 -16.53
CA SER C 212 19.78 -7.88 -17.10
C SER C 212 18.98 -6.70 -17.67
N VAL C 213 17.65 -6.79 -17.56
CA VAL C 213 16.77 -5.65 -17.88
C VAL C 213 15.73 -5.50 -16.79
N LEU C 214 15.72 -4.29 -16.22
CA LEU C 214 14.81 -3.91 -15.14
C LEU C 214 13.73 -2.97 -15.70
N TYR C 215 12.48 -3.34 -15.53
CA TYR C 215 11.33 -2.57 -16.02
C TYR C 215 10.55 -1.98 -14.84
N MET C 216 10.45 -0.64 -14.81
CA MET C 216 9.71 0.06 -13.76
C MET C 216 8.60 0.87 -14.42
N SER C 217 7.35 0.61 -14.03
CA SER C 217 6.21 1.38 -14.55
C SER C 217 5.51 2.10 -13.42
N LEU C 218 5.30 3.40 -13.58
CA LEU C 218 4.33 4.12 -12.79
C LEU C 218 3.06 4.16 -13.65
N HIS C 219 1.94 3.70 -13.09
CA HIS C 219 0.70 3.70 -13.82
C HIS C 219 -0.50 3.59 -12.93
N ARG C 220 -1.65 3.99 -13.46
CA ARG C 220 -2.90 3.89 -12.74
C ARG C 220 -3.36 2.43 -12.83
N TYR C 221 -3.58 1.80 -11.68
CA TYR C 221 -3.95 0.39 -11.64
C TYR C 221 -5.38 0.18 -11.14
N ASP C 222 -5.69 0.73 -9.96
CA ASP C 222 -7.04 0.66 -9.40
C ASP C 222 -7.59 -0.76 -9.33
N ASP C 223 -6.78 -1.68 -8.80
CA ASP C 223 -7.15 -3.08 -8.62
C ASP C 223 -7.70 -3.74 -9.88
N GLY C 224 -7.06 -3.43 -11.01
CA GLY C 224 -7.28 -4.13 -12.27
C GLY C 224 -8.29 -3.46 -13.18
N ASN C 225 -8.90 -2.36 -12.71
CA ASN C 225 -10.06 -1.76 -13.37
C ASN C 225 -9.74 -0.66 -14.41
N PHE C 226 -8.47 -0.45 -14.70
CA PHE C 226 -8.04 0.56 -15.68
C PHE C 226 -7.29 -0.13 -16.82
N PHE C 227 -7.32 0.45 -18.00
CA PHE C 227 -6.69 -0.15 -19.15
C PHE C 227 -5.18 -0.19 -18.90
N PRO C 228 -4.53 -1.32 -19.23
CA PRO C 228 -5.06 -2.54 -19.82
C PRO C 228 -5.33 -3.64 -18.80
N GLY C 229 -5.37 -3.31 -17.52
CA GLY C 229 -5.72 -4.29 -16.49
C GLY C 229 -4.61 -5.20 -15.99
N SER C 230 -3.38 -4.99 -16.48
CA SER C 230 -2.21 -5.72 -15.99
C SER C 230 -1.39 -4.73 -15.17
N GLY C 231 -0.27 -5.21 -14.62
CA GLY C 231 0.66 -4.34 -13.90
C GLY C 231 0.43 -4.24 -12.40
N ALA C 232 0.07 -5.36 -11.77
CA ALA C 232 -0.14 -5.41 -10.34
C ALA C 232 1.22 -5.35 -9.63
N PRO C 233 1.26 -4.79 -8.41
CA PRO C 233 2.50 -4.70 -7.63
C PRO C 233 3.21 -6.04 -7.40
N ASP C 234 2.44 -7.10 -7.15
CA ASP C 234 3.03 -8.39 -6.81
C ASP C 234 3.58 -9.13 -8.03
N GLU C 235 3.31 -8.63 -9.23
CA GLU C 235 4.00 -9.11 -10.43
C GLU C 235 5.43 -8.58 -10.41
N VAL C 236 6.35 -9.48 -10.09
CA VAL C 236 7.70 -9.13 -9.67
C VAL C 236 8.80 -9.70 -10.60
N GLY C 237 8.41 -10.60 -11.51
CA GLY C 237 9.35 -11.28 -12.41
C GLY C 237 9.24 -12.78 -12.27
N THR C 238 10.07 -13.49 -13.03
CA THR C 238 10.06 -14.96 -12.98
C THR C 238 11.46 -15.52 -13.21
N GLY C 239 11.73 -16.68 -12.64
CA GLY C 239 13.04 -17.31 -12.71
C GLY C 239 14.14 -16.39 -12.19
N PRO C 240 15.24 -16.27 -12.95
CA PRO C 240 16.32 -15.36 -12.57
C PRO C 240 15.89 -13.91 -12.59
N GLY C 241 14.81 -13.61 -13.32
CA GLY C 241 14.27 -12.26 -13.39
C GLY C 241 13.50 -11.78 -12.17
N VAL C 242 13.24 -12.67 -11.20
CA VAL C 242 12.51 -12.29 -9.98
C VAL C 242 13.15 -11.05 -9.35
N GLY C 243 12.33 -10.03 -9.12
CA GLY C 243 12.77 -8.78 -8.50
C GLY C 243 13.14 -7.68 -9.48
N PHE C 244 13.26 -8.00 -10.77
CA PHE C 244 13.64 -6.99 -11.77
C PHE C 244 12.44 -6.53 -12.61
N ASN C 245 11.24 -6.77 -12.09
CA ASN C 245 10.01 -6.14 -12.59
C ASN C 245 9.29 -5.39 -11.46
N VAL C 246 9.33 -4.06 -11.53
CA VAL C 246 8.78 -3.17 -10.52
C VAL C 246 7.55 -2.40 -11.01
N ASN C 247 6.37 -2.84 -10.59
CA ASN C 247 5.10 -2.18 -10.94
C ASN C 247 4.70 -1.19 -9.85
N MET C 248 5.10 0.07 -9.98
CA MET C 248 4.64 1.14 -9.08
C MET C 248 3.19 1.49 -9.43
N ALA C 249 2.28 0.71 -8.84
CA ALA C 249 0.87 0.73 -9.21
C ALA C 249 0.06 1.60 -8.24
N PHE C 250 -0.61 2.62 -8.77
CA PHE C 250 -1.48 3.49 -7.98
C PHE C 250 -2.90 2.95 -7.87
N THR C 251 -3.39 2.90 -6.64
CA THR C 251 -4.69 2.37 -6.33
C THR C 251 -5.48 3.45 -5.60
N GLY C 252 -6.80 3.37 -5.65
CA GLY C 252 -7.65 4.32 -4.93
C GLY C 252 -8.57 5.12 -5.80
N GLY C 253 -8.36 5.11 -7.12
CA GLY C 253 -9.18 5.87 -8.03
C GLY C 253 -8.77 7.33 -8.05
N LEU C 254 -9.73 8.18 -8.40
CA LEU C 254 -9.50 9.62 -8.58
C LEU C 254 -9.94 10.43 -7.36
N ASP C 255 -9.87 9.82 -6.16
CA ASP C 255 -10.37 10.41 -4.93
C ASP C 255 -9.28 10.55 -3.88
N PRO C 256 -8.44 11.59 -4.01
CA PRO C 256 -8.33 12.54 -5.09
C PRO C 256 -7.43 12.04 -6.21
N PRO C 257 -7.38 12.77 -7.34
CA PRO C 257 -6.50 12.41 -8.45
C PRO C 257 -5.03 12.62 -8.12
N MET C 258 -4.15 11.80 -8.70
CA MET C 258 -2.73 11.91 -8.44
C MET C 258 -2.17 13.10 -9.19
N GLY C 259 -1.13 13.72 -8.63
CA GLY C 259 -0.47 14.86 -9.25
C GLY C 259 1.00 14.91 -8.90
N ASP C 260 1.61 16.08 -9.10
CA ASP C 260 3.06 16.24 -8.94
C ASP C 260 3.60 15.72 -7.62
N ALA C 261 2.94 16.06 -6.50
CA ALA C 261 3.45 15.66 -5.18
C ALA C 261 3.58 14.14 -5.12
N GLU C 262 2.55 13.46 -5.61
CA GLU C 262 2.50 12.00 -5.56
C GLU C 262 3.63 11.36 -6.38
N TYR C 263 3.78 11.82 -7.61
CA TYR C 263 4.78 11.26 -8.51
C TYR C 263 6.19 11.56 -8.03
N LEU C 264 6.43 12.79 -7.60
CA LEU C 264 7.75 13.13 -7.05
C LEU C 264 8.07 12.25 -5.83
N ALA C 265 7.06 12.02 -4.99
CA ALA C 265 7.20 11.13 -3.84
C ALA C 265 7.61 9.70 -4.25
N ALA C 266 6.90 9.13 -5.22
CA ALA C 266 7.23 7.80 -5.73
C ALA C 266 8.65 7.75 -6.32
N PHE C 267 9.05 8.78 -7.06
CA PHE C 267 10.41 8.80 -7.60
C PHE C 267 11.44 8.73 -6.50
N ARG C 268 11.30 9.59 -5.50
CA ARG C 268 12.29 9.66 -4.45
C ARG C 268 12.29 8.43 -3.56
N THR C 269 11.13 7.87 -3.25
CA THR C 269 11.08 6.76 -2.30
C THR C 269 11.08 5.34 -2.93
N VAL C 270 10.72 5.20 -4.21
CA VAL C 270 10.71 3.88 -4.86
C VAL C 270 11.55 3.76 -6.15
N VAL C 271 11.30 4.63 -7.12
CA VAL C 271 11.95 4.50 -8.42
C VAL C 271 13.47 4.75 -8.35
N MET C 272 13.89 5.90 -7.82
CA MET C 272 15.34 6.26 -7.84
C MET C 272 16.23 5.43 -6.91
N PRO C 273 15.72 5.04 -5.74
CA PRO C 273 16.55 4.17 -4.90
C PRO C 273 16.82 2.84 -5.58
N ILE C 274 15.78 2.24 -6.16
CA ILE C 274 15.95 0.95 -6.85
C ILE C 274 16.83 1.09 -8.09
N ALA C 275 16.57 2.12 -8.90
CA ALA C 275 17.37 2.36 -10.11
C ALA C 275 18.85 2.56 -9.79
N SER C 276 19.13 3.26 -8.70
CA SER C 276 20.51 3.48 -8.24
C SER C 276 21.21 2.20 -7.82
N GLU C 277 20.51 1.35 -7.11
CA GLU C 277 21.04 0.06 -6.69
C GLU C 277 21.38 -0.77 -7.94
N PHE C 278 20.48 -0.80 -8.91
CA PHE C 278 20.70 -1.55 -10.15
C PHE C 278 21.91 -1.05 -10.92
N ALA C 279 22.09 0.27 -10.93
CA ALA C 279 23.27 0.90 -11.53
C ALA C 279 23.41 0.48 -12.98
N PRO C 280 22.48 0.92 -13.82
CA PRO C 280 22.43 0.52 -15.22
C PRO C 280 23.39 1.26 -16.15
N ASP C 281 23.73 0.61 -17.25
CA ASP C 281 24.67 1.16 -18.25
C ASP C 281 23.94 2.10 -19.22
N VAL C 282 22.64 1.88 -19.41
CA VAL C 282 21.81 2.70 -20.29
C VAL C 282 20.42 2.76 -19.69
N VAL C 283 19.76 3.91 -19.82
CA VAL C 283 18.36 4.07 -19.42
C VAL C 283 17.45 4.34 -20.62
N LEU C 284 16.40 3.53 -20.79
CA LEU C 284 15.37 3.78 -21.81
C LEU C 284 14.07 4.21 -21.13
N VAL C 285 13.37 5.19 -21.69
CA VAL C 285 12.12 5.68 -21.12
C VAL C 285 10.95 5.64 -22.10
N SER C 286 9.94 4.85 -21.74
CA SER C 286 8.65 4.89 -22.41
C SER C 286 7.95 6.15 -21.91
N SER C 287 8.08 7.22 -22.68
CA SER C 287 7.68 8.52 -22.21
C SER C 287 6.31 8.93 -22.73
N GLY C 288 5.26 8.38 -22.12
CA GLY C 288 3.90 8.79 -22.43
C GLY C 288 3.53 9.98 -21.56
N PHE C 289 2.73 10.89 -22.10
CA PHE C 289 2.36 12.11 -21.37
C PHE C 289 0.86 12.18 -21.08
N ASP C 290 0.20 11.02 -21.00
CA ASP C 290 -1.23 11.01 -20.67
C ASP C 290 -1.53 11.18 -19.19
N ALA C 291 -0.51 11.21 -18.34
CA ALA C 291 -0.71 11.54 -16.90
C ALA C 291 -0.99 13.03 -16.65
N VAL C 292 -0.64 13.89 -17.62
CA VAL C 292 -0.82 15.33 -17.48
C VAL C 292 -2.27 15.79 -17.37
N GLU C 293 -2.44 16.92 -16.68
CA GLU C 293 -3.71 17.61 -16.57
C GLU C 293 -4.32 17.77 -17.95
N GLY C 294 -5.58 17.35 -18.10
CA GLY C 294 -6.31 17.46 -19.36
C GLY C 294 -6.54 16.15 -20.07
N HIS C 295 -6.71 15.09 -19.31
CA HIS C 295 -6.96 13.76 -19.86
C HIS C 295 -8.06 13.14 -19.07
N PRO C 296 -9.29 13.20 -19.61
CA PRO C 296 -10.47 12.66 -18.97
C PRO C 296 -10.36 11.22 -18.50
N THR C 297 -11.26 10.86 -17.57
CA THR C 297 -11.20 9.60 -16.80
C THR C 297 -11.00 8.32 -17.58
N PRO C 298 -11.44 8.28 -18.85
CA PRO C 298 -11.13 7.05 -19.62
C PRO C 298 -9.66 6.97 -20.01
N LEU C 299 -9.12 8.09 -20.51
CA LEU C 299 -7.75 8.11 -21.07
C LEU C 299 -6.71 8.35 -20.01
N GLY C 300 -7.05 9.09 -18.96
CA GLY C 300 -6.07 9.46 -17.95
C GLY C 300 -6.69 9.62 -16.56
N GLY C 301 -6.95 10.86 -16.18
CA GLY C 301 -7.60 11.14 -14.90
C GLY C 301 -6.70 11.89 -13.93
N TYR C 302 -5.40 11.78 -14.14
CA TYR C 302 -4.43 12.37 -13.23
C TYR C 302 -4.09 13.79 -13.65
N ASN C 303 -3.49 14.51 -12.71
CA ASN C 303 -3.32 15.95 -12.81
C ASN C 303 -1.90 16.44 -12.71
N LEU C 304 -0.97 15.77 -13.38
CA LEU C 304 0.41 16.25 -13.42
C LEU C 304 0.53 17.52 -14.27
N SER C 305 1.58 18.30 -13.99
CA SER C 305 1.96 19.42 -14.82
C SER C 305 3.03 18.95 -15.80
N ALA C 306 3.09 19.59 -16.96
CA ALA C 306 4.17 19.31 -17.92
C ALA C 306 5.52 19.58 -17.28
N ARG C 307 5.68 20.75 -16.65
CA ARG C 307 6.93 21.09 -15.94
C ARG C 307 7.51 19.89 -15.21
N CYS C 308 6.65 19.17 -14.50
CA CYS C 308 7.08 18.06 -13.67
C CYS C 308 7.96 17.03 -14.37
N PHE C 309 7.64 16.76 -15.64
CA PHE C 309 8.42 15.81 -16.41
C PHE C 309 9.85 16.27 -16.64
N GLY C 310 10.07 17.59 -16.58
CA GLY C 310 11.43 18.13 -16.61
C GLY C 310 12.22 17.64 -15.42
N TYR C 311 11.58 17.68 -14.24
CA TYR C 311 12.22 17.20 -13.01
C TYR C 311 12.45 15.68 -13.07
N LEU C 312 11.52 14.94 -13.68
CA LEU C 312 11.69 13.47 -13.77
C LEU C 312 12.80 13.09 -14.72
N THR C 313 12.89 13.80 -15.84
CA THR C 313 13.98 13.62 -16.78
C THR C 313 15.32 13.92 -16.10
N LYS C 314 15.40 15.06 -15.43
CA LYS C 314 16.67 15.46 -14.81
C LYS C 314 17.13 14.42 -13.81
N GLN C 315 16.20 13.90 -13.02
CA GLN C 315 16.52 12.84 -12.05
C GLN C 315 17.08 11.58 -12.71
N LEU C 316 16.46 11.13 -13.80
CA LEU C 316 16.98 9.97 -14.51
C LEU C 316 18.34 10.23 -15.18
N MET C 317 18.60 11.49 -15.54
CA MET C 317 19.85 11.84 -16.22
C MET C 317 21.08 11.60 -15.34
N GLY C 318 20.87 11.53 -14.02
CA GLY C 318 21.94 11.21 -13.07
C GLY C 318 22.46 9.79 -13.17
N LEU C 319 21.66 8.90 -13.75
CA LEU C 319 22.01 7.49 -13.93
C LEU C 319 22.80 7.26 -15.21
N ALA C 320 23.42 6.09 -15.32
CA ALA C 320 24.03 5.61 -16.56
C ALA C 320 24.98 6.62 -17.21
N GLY C 321 25.63 7.42 -16.38
CA GLY C 321 26.47 8.49 -16.90
C GLY C 321 25.75 9.37 -17.91
N GLY C 322 24.44 9.54 -17.74
CA GLY C 322 23.66 10.41 -18.60
C GLY C 322 23.12 9.77 -19.87
N ARG C 323 23.46 8.52 -20.13
CA ARG C 323 23.00 7.82 -21.35
C ARG C 323 21.52 7.44 -21.24
N ILE C 324 20.67 8.42 -21.51
CA ILE C 324 19.23 8.29 -21.39
C ILE C 324 18.58 8.62 -22.75
N VAL C 325 17.53 7.88 -23.11
CA VAL C 325 16.77 8.13 -24.34
C VAL C 325 15.28 7.97 -24.07
N LEU C 326 14.50 8.99 -24.41
CA LEU C 326 13.04 9.00 -24.20
C LEU C 326 12.32 8.78 -25.53
N ALA C 327 11.32 7.91 -25.53
CA ALA C 327 10.53 7.63 -26.73
C ALA C 327 9.07 7.87 -26.45
N LEU C 328 8.41 8.60 -27.33
CA LEU C 328 6.98 8.89 -27.16
C LEU C 328 6.14 7.61 -27.14
N GLU C 329 5.22 7.54 -26.18
CA GLU C 329 4.21 6.50 -26.16
C GLU C 329 2.85 7.21 -26.26
N GLY C 330 2.06 7.22 -25.18
CA GLY C 330 0.74 7.89 -25.17
C GLY C 330 0.80 9.39 -24.93
N GLY C 331 -0.39 9.98 -24.75
CA GLY C 331 -0.54 11.42 -24.59
C GLY C 331 -1.31 12.00 -25.77
N HIS C 332 -2.49 12.56 -25.51
CA HIS C 332 -3.44 12.99 -26.55
C HIS C 332 -3.52 14.49 -26.69
N ASP C 333 -3.74 15.15 -25.56
CA ASP C 333 -3.94 16.60 -25.52
C ASP C 333 -2.76 17.39 -26.08
N LEU C 334 -3.01 18.20 -27.10
CA LEU C 334 -1.92 18.81 -27.85
C LEU C 334 -1.06 19.78 -27.04
N THR C 335 -1.71 20.61 -26.23
CA THR C 335 -0.98 21.53 -25.38
C THR C 335 -0.10 20.76 -24.39
N ALA C 336 -0.72 19.81 -23.70
CA ALA C 336 -0.04 18.99 -22.73
C ALA C 336 1.20 18.31 -23.33
N ILE C 337 1.02 17.54 -24.40
CA ILE C 337 2.13 16.74 -24.91
C ILE C 337 3.23 17.61 -25.52
N CYS C 338 2.85 18.76 -26.06
CA CYS C 338 3.85 19.75 -26.52
C CYS C 338 4.59 20.40 -25.34
N ASP C 339 3.83 20.79 -24.32
CA ASP C 339 4.43 21.40 -23.13
C ASP C 339 5.41 20.42 -22.46
N ALA C 340 4.95 19.21 -22.21
CA ALA C 340 5.78 18.15 -21.61
C ALA C 340 7.04 17.88 -22.45
N SER C 341 6.85 17.73 -23.75
CA SER C 341 7.99 17.48 -24.62
C SER C 341 8.96 18.62 -24.55
N GLU C 342 8.44 19.85 -24.45
CA GLU C 342 9.30 21.01 -24.30
C GLU C 342 10.15 20.86 -23.05
N ALA C 343 9.52 20.50 -21.95
CA ALA C 343 10.23 20.36 -20.68
C ALA C 343 11.36 19.31 -20.75
N CYS C 344 11.09 18.17 -21.37
CA CYS C 344 12.03 17.06 -21.35
C CYS C 344 13.28 17.38 -22.16
N VAL C 345 13.09 17.82 -23.40
CA VAL C 345 14.21 18.16 -24.27
C VAL C 345 15.03 19.29 -23.66
N SER C 346 14.34 20.24 -23.05
CA SER C 346 15.00 21.31 -22.34
C SER C 346 15.90 20.74 -21.23
N ALA C 347 15.37 19.76 -20.49
CA ALA C 347 16.13 19.12 -19.41
C ALA C 347 17.36 18.38 -19.95
N LEU C 348 17.14 17.56 -20.97
CA LEU C 348 18.19 16.80 -21.61
C LEU C 348 19.31 17.70 -22.12
N LEU C 349 18.97 18.91 -22.57
CA LEU C 349 19.97 19.86 -23.07
C LEU C 349 20.82 20.50 -21.95
N GLY C 350 20.29 20.56 -20.75
CA GLY C 350 21.05 21.07 -19.60
C GLY C 350 20.53 22.36 -19.02
N ASN C 351 19.43 22.88 -19.55
CA ASN C 351 18.91 24.17 -19.12
C ASN C 351 18.32 24.16 -17.70
N GLU C 352 18.25 25.35 -17.08
CA GLU C 352 17.61 25.57 -15.79
C GLU C 352 16.10 25.55 -16.01
N LEU C 353 15.42 24.58 -15.39
CA LEU C 353 13.98 24.41 -15.55
C LEU C 353 13.25 25.48 -14.73
N ASP C 354 12.13 25.96 -15.26
CA ASP C 354 11.26 26.89 -14.52
C ASP C 354 10.69 26.14 -13.31
N PRO C 355 11.21 26.40 -12.10
CA PRO C 355 10.97 25.54 -10.93
C PRO C 355 9.51 25.40 -10.51
N LEU C 356 9.22 24.32 -9.80
CA LEU C 356 7.83 23.93 -9.57
C LEU C 356 7.23 24.92 -8.60
N PRO C 357 5.91 25.11 -8.66
CA PRO C 357 5.24 26.02 -7.73
C PRO C 357 5.41 25.61 -6.27
N GLU C 358 5.59 26.59 -5.39
CA GLU C 358 5.68 26.30 -3.97
C GLU C 358 4.40 25.64 -3.46
N LYS C 359 3.23 25.93 -4.06
CA LYS C 359 1.96 25.29 -3.64
C LYS C 359 2.11 23.77 -3.71
N VAL C 360 2.81 23.28 -4.74
CA VAL C 360 3.08 21.84 -4.92
C VAL C 360 4.14 21.32 -3.98
N LEU C 361 5.28 22.01 -3.97
CA LEU C 361 6.37 21.67 -3.07
C LEU C 361 5.98 21.58 -1.58
N GLN C 362 4.83 22.15 -1.18
CA GLN C 362 4.32 21.99 0.21
C GLN C 362 3.22 20.95 0.35
N GLN C 363 2.86 20.25 -0.72
CA GLN C 363 1.74 19.33 -0.63
C GLN C 363 2.16 17.94 -0.20
N ARG C 364 1.53 17.44 0.86
CA ARG C 364 1.73 16.04 1.25
C ARG C 364 1.00 15.13 0.27
N PRO C 365 1.65 14.03 -0.15
CA PRO C 365 0.98 13.10 -1.05
C PRO C 365 -0.21 12.45 -0.37
N ASN C 366 -1.25 12.21 -1.15
CA ASN C 366 -2.50 11.77 -0.59
C ASN C 366 -2.45 10.36 0.02
N ALA C 367 -3.47 10.04 0.84
CA ALA C 367 -3.54 8.77 1.57
C ALA C 367 -3.43 7.56 0.63
N ASN C 368 -4.16 7.62 -0.48
CA ASN C 368 -4.09 6.61 -1.52
C ASN C 368 -2.66 6.41 -2.08
N ALA C 369 -2.00 7.52 -2.38
CA ALA C 369 -0.63 7.51 -2.90
C ALA C 369 0.29 6.85 -1.92
N VAL C 370 0.15 7.22 -0.66
CA VAL C 370 0.99 6.65 0.38
C VAL C 370 0.69 5.13 0.51
N ARG C 371 -0.58 4.74 0.56
CA ARG C 371 -0.92 3.30 0.71
C ARG C 371 -0.37 2.48 -0.46
N SER C 372 -0.45 3.06 -1.66
CA SER C 372 0.05 2.41 -2.89
C SER C 372 1.55 2.24 -2.83
N MET C 373 2.23 3.26 -2.33
CA MET C 373 3.69 3.21 -2.19
C MET C 373 4.13 2.19 -1.15
N GLU C 374 3.39 2.05 -0.04
CA GLU C 374 3.80 1.11 1.02
C GLU C 374 3.66 -0.34 0.56
N LYS C 375 2.67 -0.62 -0.28
CA LYS C 375 2.45 -1.97 -0.75
C LYS C 375 3.60 -2.43 -1.65
N VAL C 376 4.00 -1.57 -2.58
CA VAL C 376 5.13 -1.88 -3.46
C VAL C 376 6.39 -2.06 -2.64
N MET C 377 6.62 -1.11 -1.73
CA MET C 377 7.82 -1.15 -0.89
C MET C 377 7.90 -2.44 -0.09
N GLU C 378 6.79 -2.88 0.49
CA GLU C 378 6.74 -4.07 1.35
C GLU C 378 6.78 -5.40 0.58
N ILE C 379 6.44 -5.39 -0.72
CA ILE C 379 6.75 -6.49 -1.66
C ILE C 379 8.21 -6.52 -2.13
N HIS C 380 8.73 -5.40 -2.62
CA HIS C 380 10.10 -5.36 -3.17
C HIS C 380 11.15 -5.20 -2.11
N SER C 381 10.73 -5.16 -0.85
CA SER C 381 11.67 -5.09 0.27
C SER C 381 12.46 -6.42 0.29
N LYS C 382 11.82 -7.52 -0.12
CA LYS C 382 12.48 -8.82 -0.19
C LYS C 382 13.63 -8.85 -1.22
N TYR C 383 13.67 -7.96 -2.21
CA TYR C 383 14.67 -8.05 -3.31
C TYR C 383 15.67 -6.90 -3.42
N TRP C 384 15.49 -5.82 -2.67
CA TRP C 384 16.34 -4.63 -2.81
C TRP C 384 16.78 -4.09 -1.47
N ARG C 385 18.09 -3.98 -1.27
CA ARG C 385 18.63 -3.60 0.03
C ARG C 385 18.09 -2.21 0.45
N CYS C 386 18.01 -1.28 -0.51
CA CYS C 386 17.60 0.10 -0.23
C CYS C 386 16.17 0.25 0.30
N LEU C 387 15.36 -0.82 0.24
CA LEU C 387 14.02 -0.79 0.82
C LEU C 387 13.89 -1.50 2.18
N GLN C 388 15.02 -1.78 2.84
CA GLN C 388 14.97 -2.43 4.16
C GLN C 388 15.35 -1.47 5.28
N THR D 9 -33.77 -10.84 29.29
CA THR D 9 -32.93 -10.38 30.43
C THR D 9 -31.46 -10.01 30.01
N THR D 10 -30.64 -9.56 30.96
CA THR D 10 -29.26 -9.12 30.72
C THR D 10 -28.24 -10.28 30.79
N GLY D 11 -27.28 -10.29 29.86
CA GLY D 11 -26.28 -11.35 29.79
C GLY D 11 -24.92 -10.95 30.30
N LEU D 12 -24.15 -11.93 30.77
CA LEU D 12 -22.76 -11.73 31.14
C LEU D 12 -21.90 -12.87 30.59
N VAL D 13 -20.65 -12.57 30.23
CA VAL D 13 -19.69 -13.60 29.82
C VAL D 13 -18.32 -13.40 30.48
N TYR D 14 -17.69 -14.52 30.81
CA TYR D 14 -16.45 -14.56 31.57
C TYR D 14 -15.90 -15.98 31.48
N ASP D 15 -14.58 -16.13 31.55
CA ASP D 15 -13.97 -17.47 31.53
C ASP D 15 -12.63 -17.40 32.23
N THR D 16 -12.38 -18.39 33.11
CA THR D 16 -11.19 -18.36 33.95
C THR D 16 -9.92 -18.66 33.19
N LEU D 17 -10.03 -19.19 31.97
CA LEU D 17 -8.85 -19.40 31.12
C LEU D 17 -8.24 -18.08 30.63
N MET D 18 -8.99 -16.98 30.66
CA MET D 18 -8.42 -15.65 30.35
C MET D 18 -7.43 -15.16 31.42
N LEU D 19 -7.54 -15.70 32.63
CA LEU D 19 -6.62 -15.37 33.72
C LEU D 19 -5.21 -15.88 33.40
N LYS D 20 -5.10 -16.96 32.61
CA LYS D 20 -3.81 -17.59 32.36
C LYS D 20 -2.86 -16.79 31.43
N HIS D 21 -3.36 -15.74 30.77
CA HIS D 21 -2.51 -14.83 29.97
C HIS D 21 -1.71 -13.97 30.91
N GLN D 22 -0.46 -14.36 31.15
CA GLN D 22 0.37 -13.80 32.22
C GLN D 22 1.82 -13.90 31.86
N CYS D 23 2.61 -12.91 32.23
CA CYS D 23 4.02 -13.01 31.98
C CYS D 23 4.63 -14.12 32.79
N THR D 24 5.67 -14.73 32.23
CA THR D 24 6.35 -15.87 32.82
C THR D 24 7.13 -15.53 34.08
N CYS D 25 7.46 -14.25 34.25
CA CYS D 25 8.12 -13.77 35.46
C CYS D 25 7.20 -13.76 36.68
N GLY D 26 5.89 -13.91 36.45
CA GLY D 26 4.87 -13.89 37.52
C GLY D 26 4.45 -12.46 37.85
N SER D 27 5.45 -11.70 38.30
CA SER D 27 5.26 -10.38 38.90
C SER D 27 4.43 -9.46 38.00
N SER D 28 3.13 -9.41 38.29
CA SER D 28 2.18 -8.62 37.51
C SER D 28 2.34 -7.08 37.67
N SER D 29 3.18 -6.62 38.58
CA SER D 29 3.42 -5.20 38.76
C SER D 29 4.20 -4.56 37.59
N SER D 30 4.88 -5.37 36.77
CA SER D 30 5.57 -4.87 35.57
C SER D 30 4.65 -4.86 34.35
N HIS D 31 3.42 -5.37 34.54
CA HIS D 31 2.48 -5.59 33.44
C HIS D 31 1.07 -5.14 33.86
N PRO D 32 0.72 -3.87 33.54
CA PRO D 32 -0.54 -3.26 34.01
C PRO D 32 -1.82 -4.00 33.61
N GLU D 33 -1.82 -4.62 32.44
CA GLU D 33 -2.98 -5.38 31.96
C GLU D 33 -2.89 -6.80 32.52
N HIS D 34 -3.32 -6.96 33.77
CA HIS D 34 -3.10 -8.19 34.52
C HIS D 34 -4.36 -8.94 34.84
N ALA D 35 -4.20 -10.23 35.11
CA ALA D 35 -5.32 -11.15 35.33
C ALA D 35 -6.32 -10.68 36.39
N GLY D 36 -5.81 -10.08 37.46
CA GLY D 36 -6.66 -9.60 38.56
C GLY D 36 -7.75 -8.62 38.16
N ARG D 37 -7.52 -7.88 37.08
CA ARG D 37 -8.50 -6.95 36.54
C ARG D 37 -9.88 -7.57 36.38
N ILE D 38 -9.97 -8.70 35.69
CA ILE D 38 -11.27 -9.34 35.42
C ILE D 38 -11.74 -10.14 36.62
N GLN D 39 -10.81 -10.75 37.33
CA GLN D 39 -11.13 -11.51 38.53
C GLN D 39 -11.89 -10.67 39.56
N SER D 40 -11.41 -9.44 39.78
CA SER D 40 -12.00 -8.56 40.78
C SER D 40 -13.37 -8.07 40.33
N ILE D 41 -13.46 -7.61 39.08
CA ILE D 41 -14.74 -7.23 38.50
C ILE D 41 -15.72 -8.37 38.68
N TRP D 42 -15.25 -9.58 38.45
CA TRP D 42 -16.12 -10.74 38.52
C TRP D 42 -16.64 -10.98 39.90
N SER D 43 -15.77 -10.91 40.90
CA SER D 43 -16.22 -11.12 42.29
C SER D 43 -17.05 -9.93 42.79
N ARG D 44 -16.74 -8.73 42.32
CA ARG D 44 -17.55 -7.56 42.66
C ARG D 44 -19.02 -7.76 42.30
N LEU D 45 -19.27 -8.35 41.13
CA LEU D 45 -20.64 -8.56 40.66
C LEU D 45 -21.34 -9.69 41.43
N GLN D 46 -20.54 -10.57 42.03
CA GLN D 46 -21.05 -11.63 42.90
C GLN D 46 -21.46 -11.03 44.24
N GLU D 47 -20.55 -10.30 44.87
CA GLU D 47 -20.78 -9.77 46.22
C GLU D 47 -21.91 -8.77 46.29
N THR D 48 -22.30 -8.24 45.13
CA THR D 48 -23.38 -7.29 45.04
C THR D 48 -24.69 -7.95 44.65
N GLY D 49 -24.66 -9.22 44.28
CA GLY D 49 -25.86 -9.93 43.85
C GLY D 49 -26.29 -9.68 42.41
N LEU D 50 -25.56 -8.82 41.69
CA LEU D 50 -25.88 -8.50 40.30
C LEU D 50 -25.68 -9.70 39.38
N ARG D 51 -24.62 -10.48 39.62
CA ARG D 51 -24.38 -11.69 38.85
C ARG D 51 -25.55 -12.70 38.96
N GLY D 52 -26.17 -12.76 40.13
CA GLY D 52 -27.32 -13.64 40.36
C GLY D 52 -28.55 -13.28 39.54
N LYS D 53 -28.69 -12.00 39.21
CA LYS D 53 -29.83 -11.55 38.41
C LYS D 53 -29.63 -11.66 36.88
N CYS D 54 -28.44 -12.07 36.44
CA CYS D 54 -28.13 -12.14 35.00
C CYS D 54 -28.03 -13.58 34.54
N GLU D 55 -28.06 -13.75 33.22
CA GLU D 55 -27.75 -15.03 32.60
C GLU D 55 -26.24 -15.02 32.26
N CYS D 56 -25.48 -15.99 32.77
CA CYS D 56 -24.06 -16.12 32.46
C CYS D 56 -23.84 -17.16 31.37
N ILE D 57 -23.43 -16.73 30.18
CA ILE D 57 -23.29 -17.63 29.04
C ILE D 57 -21.91 -18.31 28.99
N ARG D 58 -21.83 -19.36 28.19
CA ARG D 58 -20.61 -20.14 27.98
C ARG D 58 -19.77 -19.52 26.87
N GLY D 59 -18.50 -19.24 27.13
CA GLY D 59 -17.60 -18.71 26.11
C GLY D 59 -17.04 -19.77 25.18
N ARG D 60 -16.30 -19.33 24.17
CA ARG D 60 -15.54 -20.23 23.30
C ARG D 60 -14.40 -19.49 22.62
N LYS D 61 -13.49 -20.23 22.00
CA LYS D 61 -12.40 -19.63 21.27
C LYS D 61 -12.90 -19.23 19.90
N ALA D 62 -12.43 -18.10 19.40
CA ALA D 62 -12.69 -17.70 18.02
C ALA D 62 -11.90 -18.61 17.07
N THR D 63 -12.53 -19.06 15.97
CA THR D 63 -11.79 -19.78 14.91
C THR D 63 -10.87 -18.80 14.18
N LEU D 64 -9.83 -19.30 13.52
CA LEU D 64 -8.93 -18.43 12.73
C LEU D 64 -9.67 -17.79 11.55
N GLU D 65 -10.67 -18.49 11.01
CA GLU D 65 -11.53 -17.91 9.98
C GLU D 65 -12.16 -16.61 10.52
N GLU D 66 -12.70 -16.68 11.73
CA GLU D 66 -13.39 -15.54 12.33
C GLU D 66 -12.47 -14.35 12.56
N LEU D 67 -11.26 -14.61 13.04
CA LEU D 67 -10.27 -13.58 13.26
C LEU D 67 -9.82 -12.92 11.94
N GLN D 68 -9.92 -13.67 10.85
CA GLN D 68 -9.45 -13.23 9.55
C GLN D 68 -10.40 -12.25 8.85
N THR D 69 -11.56 -12.00 9.46
CA THR D 69 -12.43 -10.89 9.02
C THR D 69 -11.77 -9.51 9.29
N VAL D 70 -10.92 -9.41 10.32
CA VAL D 70 -10.24 -8.18 10.66
C VAL D 70 -8.74 -8.24 10.40
N HIS D 71 -8.12 -9.37 10.74
CA HIS D 71 -6.65 -9.53 10.70
C HIS D 71 -6.20 -10.45 9.61
N SER D 72 -4.95 -10.27 9.17
CA SER D 72 -4.34 -11.14 8.16
C SER D 72 -4.08 -12.54 8.68
N GLU D 73 -3.89 -13.49 7.76
CA GLU D 73 -3.53 -14.87 8.12
C GLU D 73 -2.26 -14.93 8.95
N ALA D 74 -1.21 -14.28 8.44
CA ALA D 74 0.09 -14.28 9.12
C ALA D 74 -0.09 -13.84 10.55
N HIS D 75 -0.90 -12.82 10.77
CA HIS D 75 -1.12 -12.32 12.10
C HIS D 75 -1.86 -13.30 12.97
N THR D 76 -2.78 -14.05 12.38
CA THR D 76 -3.58 -14.97 13.14
C THR D 76 -2.79 -16.22 13.51
N LEU D 77 -1.81 -16.57 12.69
CA LEU D 77 -0.95 -17.72 13.01
C LEU D 77 -0.03 -17.30 14.14
N LEU D 78 0.54 -16.12 13.98
CA LEU D 78 1.45 -15.52 14.94
C LEU D 78 0.90 -15.40 16.36
N TYR D 79 -0.37 -15.03 16.51
CA TYR D 79 -0.93 -14.82 17.85
C TYR D 79 -2.12 -15.73 18.19
N GLY D 80 -2.50 -16.61 17.28
CA GLY D 80 -3.62 -17.52 17.55
C GLY D 80 -3.26 -18.99 17.71
N THR D 81 -1.96 -19.33 17.66
CA THR D 81 -1.44 -20.70 17.86
C THR D 81 -0.21 -20.73 18.79
N ASN D 82 0.01 -21.87 19.49
CA ASN D 82 1.29 -22.11 20.17
C ASN D 82 2.37 -22.48 19.16
N PRO D 83 3.67 -22.31 19.52
CA PRO D 83 4.75 -22.36 18.51
C PRO D 83 4.87 -23.62 17.68
N ALA D 84 4.60 -24.78 18.27
CA ALA D 84 4.77 -26.02 17.53
C ALA D 84 3.76 -26.06 16.40
N ASN D 85 2.50 -25.78 16.70
CA ASN D 85 1.46 -25.81 15.66
C ASN D 85 1.60 -24.65 14.70
N ARG D 86 2.12 -23.54 15.20
CA ARG D 86 2.35 -22.39 14.36
C ARG D 86 3.12 -22.77 13.11
N GLN D 87 4.11 -23.64 13.25
CA GLN D 87 4.85 -24.08 12.11
C GLN D 87 4.08 -25.14 11.32
N LYS D 88 3.40 -26.03 12.04
CA LYS D 88 2.55 -27.07 11.45
C LYS D 88 1.55 -26.46 10.49
N LEU D 89 0.90 -25.38 10.92
CA LEU D 89 -0.25 -24.82 10.21
C LEU D 89 0.07 -23.75 9.18
N ASP D 90 1.34 -23.38 9.05
CA ASP D 90 1.71 -22.33 8.08
C ASP D 90 2.11 -22.92 6.74
N SER D 91 1.19 -23.71 6.18
CA SER D 91 1.39 -24.39 4.91
C SER D 91 1.67 -23.45 3.75
N LYS D 92 1.12 -22.25 3.80
CA LYS D 92 1.35 -21.27 2.74
C LYS D 92 2.70 -20.59 2.86
N LYS D 93 3.41 -20.87 3.97
CA LYS D 93 4.73 -20.30 4.23
C LYS D 93 4.71 -18.77 4.18
N LEU D 94 3.87 -18.19 5.03
CA LEU D 94 3.74 -16.76 5.13
C LEU D 94 4.74 -16.15 6.11
N LEU D 95 5.09 -16.90 7.16
CA LEU D 95 6.01 -16.40 8.21
C LEU D 95 7.48 -16.57 7.84
N GLY D 96 8.26 -15.53 8.04
CA GLY D 96 9.70 -15.63 7.89
C GLY D 96 10.31 -16.26 9.13
N SER D 97 11.52 -15.83 9.45
CA SER D 97 12.19 -16.20 10.69
C SER D 97 11.63 -15.39 11.84
N LEU D 98 11.21 -16.07 12.90
CA LEU D 98 10.57 -15.44 14.04
C LEU D 98 11.56 -14.90 15.08
N ALA D 99 12.85 -15.26 14.95
CA ALA D 99 13.86 -14.99 15.98
C ALA D 99 13.83 -13.59 16.60
N SER D 100 13.72 -12.58 15.75
CA SER D 100 13.75 -11.20 16.22
C SER D 100 12.37 -10.64 16.58
N VAL D 101 11.31 -11.42 16.33
CA VAL D 101 9.94 -10.95 16.61
C VAL D 101 9.52 -11.41 18.00
N PHE D 102 10.03 -12.56 18.45
CA PHE D 102 9.78 -13.04 19.80
C PHE D 102 11.07 -13.03 20.60
N VAL D 103 11.13 -12.14 21.58
CA VAL D 103 12.39 -11.77 22.23
C VAL D 103 12.26 -11.91 23.76
N ARG D 104 13.39 -11.88 24.46
CA ARG D 104 13.40 -11.99 25.93
C ARG D 104 13.33 -10.60 26.55
N LEU D 105 12.32 -10.35 27.37
CA LEU D 105 12.08 -9.04 28.00
C LEU D 105 13.02 -8.77 29.18
N PRO D 106 13.11 -7.51 29.63
CA PRO D 106 13.96 -7.19 30.79
C PRO D 106 13.56 -7.92 32.07
N CYS D 107 12.27 -8.27 32.19
CA CYS D 107 11.80 -9.05 33.33
C CYS D 107 12.13 -10.54 33.21
N GLY D 108 12.72 -10.95 32.09
CA GLY D 108 13.12 -12.34 31.89
C GLY D 108 12.14 -13.20 31.11
N GLY D 109 10.92 -12.71 30.90
CA GLY D 109 9.90 -13.47 30.19
C GLY D 109 9.91 -13.27 28.69
N VAL D 110 9.02 -13.98 28.00
CA VAL D 110 8.86 -13.84 26.54
C VAL D 110 7.89 -12.72 26.22
N GLY D 111 8.28 -11.87 25.27
CA GLY D 111 7.43 -10.75 24.78
C GLY D 111 7.68 -10.46 23.31
N VAL D 112 7.03 -9.40 22.80
CA VAL D 112 7.15 -9.01 21.40
C VAL D 112 8.02 -7.75 21.26
N ASP D 113 7.72 -6.74 22.06
CA ASP D 113 8.68 -5.67 22.33
C ASP D 113 8.73 -5.51 23.85
N SER D 114 9.54 -4.58 24.33
CA SER D 114 9.71 -4.39 25.78
C SER D 114 8.41 -4.12 26.53
N ASP D 115 7.43 -3.54 25.86
CA ASP D 115 6.15 -3.27 26.51
C ASP D 115 5.33 -4.57 26.61
N THR D 116 5.05 -5.18 25.45
CA THR D 116 4.04 -6.24 25.36
C THR D 116 4.58 -7.65 25.62
N ILE D 117 3.82 -8.42 26.41
CA ILE D 117 4.20 -9.79 26.77
C ILE D 117 3.67 -10.84 25.78
N TRP D 118 4.13 -12.09 25.95
CA TRP D 118 3.61 -13.24 25.21
C TRP D 118 3.92 -14.54 25.90
N ASN D 119 2.89 -15.22 26.41
CA ASN D 119 3.03 -16.52 27.07
C ASN D 119 2.82 -17.61 26.05
N GLU D 120 3.86 -18.43 25.87
CA GLU D 120 3.92 -19.41 24.82
C GLU D 120 3.00 -20.61 25.04
N VAL D 121 2.51 -20.82 26.26
CA VAL D 121 1.52 -21.88 26.48
C VAL D 121 0.11 -21.35 26.42
N HIS D 122 -0.09 -20.09 26.81
CA HIS D 122 -1.41 -19.61 27.23
C HIS D 122 -2.00 -18.38 26.57
N SER D 123 -1.19 -17.53 25.96
CA SER D 123 -1.70 -16.28 25.41
C SER D 123 -2.59 -16.43 24.17
N ALA D 124 -2.17 -17.28 23.23
CA ALA D 124 -3.00 -17.49 22.04
C ALA D 124 -4.40 -17.92 22.42
N GLY D 125 -4.48 -18.91 23.33
CA GLY D 125 -5.77 -19.41 23.79
C GLY D 125 -6.57 -18.29 24.41
N ALA D 126 -5.92 -17.54 25.29
CA ALA D 126 -6.58 -16.45 26.00
C ALA D 126 -7.05 -15.37 25.04
N ALA D 127 -6.19 -14.95 24.11
CA ALA D 127 -6.56 -13.92 23.15
C ALA D 127 -7.76 -14.32 22.32
N ARG D 128 -7.85 -15.62 21.99
CA ARG D 128 -8.95 -16.12 21.16
C ARG D 128 -10.25 -16.35 21.92
N LEU D 129 -10.16 -16.59 23.22
CA LEU D 129 -11.34 -16.81 24.06
C LEU D 129 -11.99 -15.47 24.33
N ALA D 130 -11.17 -14.43 24.42
CA ALA D 130 -11.66 -13.05 24.56
C ALA D 130 -12.58 -12.69 23.40
N VAL D 131 -12.14 -12.99 22.18
CA VAL D 131 -12.92 -12.68 21.00
C VAL D 131 -14.17 -13.54 20.96
N GLY D 132 -13.99 -14.83 21.11
CA GLY D 132 -15.12 -15.77 21.10
C GLY D 132 -16.18 -15.50 22.16
N CYS D 133 -15.77 -15.01 23.33
CA CYS D 133 -16.74 -14.62 24.37
C CYS D 133 -17.61 -13.43 23.96
N VAL D 134 -16.97 -12.41 23.36
CA VAL D 134 -17.68 -11.22 22.90
C VAL D 134 -18.65 -11.64 21.83
N VAL D 135 -18.15 -12.30 20.81
CA VAL D 135 -18.95 -12.78 19.70
C VAL D 135 -20.19 -13.54 20.16
N GLU D 136 -20.02 -14.49 21.07
CA GLU D 136 -21.16 -15.28 21.56
C GLU D 136 -22.22 -14.39 22.17
N LEU D 137 -21.80 -13.50 23.07
CA LEU D 137 -22.72 -12.55 23.71
C LEU D 137 -23.38 -11.61 22.69
N VAL D 138 -22.60 -11.01 21.78
CA VAL D 138 -23.15 -10.09 20.78
C VAL D 138 -24.23 -10.74 19.92
N PHE D 139 -23.94 -11.92 19.40
CA PHE D 139 -24.93 -12.68 18.62
C PHE D 139 -26.19 -13.05 19.41
N LYS D 140 -26.04 -13.34 20.70
CA LYS D 140 -27.21 -13.69 21.50
C LYS D 140 -28.14 -12.50 21.68
N VAL D 141 -27.58 -11.31 21.82
CA VAL D 141 -28.39 -10.10 21.94
C VAL D 141 -28.96 -9.66 20.57
N ALA D 142 -28.21 -9.88 19.50
CA ALA D 142 -28.66 -9.43 18.19
C ALA D 142 -29.87 -10.22 17.68
N THR D 143 -29.87 -11.52 17.98
CA THR D 143 -30.98 -12.39 17.57
C THR D 143 -32.16 -12.33 18.54
N GLY D 144 -32.02 -11.56 19.61
CA GLY D 144 -33.14 -11.35 20.53
C GLY D 144 -33.29 -12.42 21.59
N GLU D 145 -32.28 -13.25 21.75
CA GLU D 145 -32.26 -14.24 22.83
C GLU D 145 -31.99 -13.58 24.20
N LEU D 146 -31.38 -12.38 24.19
CA LEU D 146 -31.17 -11.59 25.42
C LEU D 146 -31.41 -10.10 25.17
N LYS D 147 -31.76 -9.37 26.22
CA LYS D 147 -32.05 -7.94 26.12
C LYS D 147 -30.78 -7.15 25.79
N ASN D 148 -29.71 -7.42 26.52
CA ASN D 148 -28.45 -6.69 26.40
C ASN D 148 -27.34 -7.50 27.08
N GLY D 149 -26.14 -6.94 27.24
CA GLY D 149 -25.10 -7.65 28.00
C GLY D 149 -23.78 -6.92 28.28
N PHE D 150 -22.95 -7.58 29.10
CA PHE D 150 -21.63 -7.06 29.46
C PHE D 150 -20.58 -8.16 29.39
N ALA D 151 -19.51 -7.91 28.62
CA ALA D 151 -18.47 -8.92 28.42
C ALA D 151 -17.26 -8.59 29.29
N VAL D 152 -17.07 -9.38 30.34
CA VAL D 152 -15.91 -9.20 31.22
C VAL D 152 -14.76 -10.02 30.65
N VAL D 153 -13.97 -9.37 29.79
CA VAL D 153 -12.96 -10.06 28.99
C VAL D 153 -11.60 -9.39 29.05
N ARG D 154 -10.62 -10.11 28.52
CA ARG D 154 -9.21 -9.84 28.71
C ARG D 154 -8.49 -10.87 27.87
N PRO D 155 -7.48 -10.45 27.09
CA PRO D 155 -6.94 -9.11 26.90
C PRO D 155 -7.82 -8.19 26.06
N PRO D 156 -7.51 -6.88 26.08
CA PRO D 156 -8.31 -5.91 25.34
C PRO D 156 -8.05 -5.95 23.84
N GLY D 157 -8.86 -5.21 23.09
CA GLY D 157 -8.92 -5.36 21.64
C GLY D 157 -8.68 -4.15 20.78
N HIS D 158 -9.12 -2.97 21.20
CA HIS D 158 -9.35 -1.88 20.26
C HIS D 158 -8.14 -1.24 19.60
N HIS D 159 -6.93 -1.63 20.01
CA HIS D 159 -5.70 -1.13 19.40
C HIS D 159 -5.10 -2.07 18.40
N ALA D 160 -5.60 -3.31 18.36
CA ALA D 160 -5.10 -4.31 17.42
C ALA D 160 -5.44 -3.91 15.99
N GLU D 161 -4.41 -3.66 15.19
CA GLU D 161 -4.57 -3.39 13.77
C GLU D 161 -4.51 -4.68 12.93
N GLU D 162 -4.73 -4.54 11.63
CA GLU D 162 -4.76 -5.68 10.70
C GLU D 162 -3.60 -6.66 10.94
N SER D 163 -2.39 -6.13 11.04
CA SER D 163 -1.18 -6.94 11.18
C SER D 163 -0.23 -6.45 12.28
N THR D 164 -0.72 -5.69 13.24
CA THR D 164 0.12 -5.18 14.31
C THR D 164 -0.57 -5.23 15.67
N PRO D 165 0.01 -5.94 16.64
CA PRO D 165 -0.52 -5.84 17.99
C PRO D 165 0.06 -4.60 18.61
N MET D 166 -0.69 -3.95 19.49
CA MET D 166 -0.16 -2.82 20.23
C MET D 166 -1.09 -2.51 21.37
N GLY D 167 -0.60 -1.73 22.34
CA GLY D 167 -1.35 -1.38 23.53
C GLY D 167 -1.91 -2.58 24.28
N PHE D 168 -1.12 -3.64 24.36
CA PHE D 168 -1.51 -4.88 25.04
C PHE D 168 -2.69 -5.59 24.39
N CYS D 169 -2.96 -5.22 23.13
CA CYS D 169 -4.03 -5.84 22.36
C CYS D 169 -3.42 -6.70 21.28
N TYR D 170 -4.07 -7.85 21.04
CA TYR D 170 -3.59 -8.76 20.00
C TYR D 170 -4.64 -9.00 18.87
N PHE D 171 -5.90 -9.18 19.24
CA PHE D 171 -7.01 -9.24 18.28
C PHE D 171 -8.10 -8.28 18.69
N ASN D 172 -8.74 -7.63 17.72
CA ASN D 172 -9.76 -6.62 18.00
C ASN D 172 -11.11 -7.30 18.17
N SER D 173 -11.36 -7.77 19.40
CA SER D 173 -12.57 -8.54 19.70
C SER D 173 -13.85 -7.90 19.17
N VAL D 174 -14.00 -6.58 19.32
CA VAL D 174 -15.27 -5.92 18.98
C VAL D 174 -15.45 -5.80 17.47
N ALA D 175 -14.39 -5.42 16.76
CA ALA D 175 -14.44 -5.38 15.29
C ALA D 175 -14.87 -6.75 14.73
N VAL D 176 -14.28 -7.82 15.23
CA VAL D 176 -14.58 -9.15 14.72
C VAL D 176 -16.06 -9.47 14.94
N ALA D 177 -16.55 -9.20 16.14
CA ALA D 177 -17.97 -9.27 16.44
C ALA D 177 -18.84 -8.57 15.41
N ALA D 178 -18.44 -7.36 15.05
CA ALA D 178 -19.20 -6.54 14.10
C ALA D 178 -19.19 -7.19 12.72
N LYS D 179 -18.01 -7.62 12.28
CA LYS D 179 -17.90 -8.18 10.95
C LYS D 179 -18.76 -9.41 10.85
N LEU D 180 -18.68 -10.27 11.86
CA LEU D 180 -19.50 -11.47 11.88
C LEU D 180 -20.98 -11.15 11.85
N LEU D 181 -21.41 -10.13 12.60
CA LEU D 181 -22.78 -9.67 12.51
C LEU D 181 -23.20 -9.31 11.08
N GLN D 182 -22.31 -8.64 10.36
CA GLN D 182 -22.59 -8.31 8.96
C GLN D 182 -22.71 -9.58 8.11
N GLN D 183 -21.63 -10.36 8.09
CA GLN D 183 -21.56 -11.55 7.23
C GLN D 183 -22.59 -12.62 7.53
N ARG D 184 -22.83 -12.93 8.80
CA ARG D 184 -23.70 -14.06 9.12
C ARG D 184 -25.13 -13.70 9.48
N LEU D 185 -25.43 -12.41 9.68
CA LEU D 185 -26.80 -11.95 9.95
C LEU D 185 -27.30 -10.81 9.04
N SER D 186 -26.42 -10.28 8.19
CA SER D 186 -26.73 -9.15 7.33
C SER D 186 -27.33 -7.99 8.09
N VAL D 187 -26.76 -7.67 9.24
CA VAL D 187 -27.21 -6.52 10.02
C VAL D 187 -26.85 -5.21 9.30
N SER D 188 -27.87 -4.41 8.99
CA SER D 188 -27.74 -3.27 8.06
C SER D 188 -26.91 -2.14 8.59
N LYS D 189 -27.11 -1.81 9.88
CA LYS D 189 -26.42 -0.69 10.53
C LYS D 189 -25.93 -1.08 11.94
N ILE D 190 -24.64 -0.85 12.19
CA ILE D 190 -24.03 -1.11 13.50
C ILE D 190 -23.35 0.15 14.03
N LEU D 191 -23.59 0.45 15.30
CA LEU D 191 -22.90 1.55 16.00
C LEU D 191 -21.89 1.02 17.00
N ILE D 192 -20.65 1.49 16.87
CA ILE D 192 -19.61 1.19 17.84
C ILE D 192 -19.25 2.48 18.57
N VAL D 193 -19.48 2.49 19.87
CA VAL D 193 -19.11 3.61 20.74
C VAL D 193 -17.92 3.15 21.58
N ASP D 194 -16.86 3.94 21.56
CA ASP D 194 -15.62 3.62 22.25
C ASP D 194 -15.33 4.74 23.25
N TRP D 195 -15.76 4.54 24.50
CA TRP D 195 -15.54 5.52 25.55
C TRP D 195 -14.38 5.22 26.47
N ASP D 196 -13.53 4.24 26.13
CA ASP D 196 -12.20 4.11 26.73
C ASP D 196 -11.48 5.42 26.48
N VAL D 197 -10.69 5.87 27.46
CA VAL D 197 -9.99 7.15 27.36
C VAL D 197 -9.02 7.19 26.18
N HIS D 198 -8.54 6.03 25.70
CA HIS D 198 -7.64 5.96 24.54
C HIS D 198 -8.38 5.71 23.24
N HIS D 199 -7.85 6.27 22.13
CA HIS D 199 -8.46 6.10 20.79
C HIS D 199 -8.35 4.68 20.33
N GLY D 200 -9.38 4.18 19.66
CA GLY D 200 -9.38 2.80 19.17
C GLY D 200 -8.89 2.76 17.73
N ASN D 201 -7.59 2.98 17.56
CA ASN D 201 -6.97 3.01 16.23
C ASN D 201 -7.30 1.78 15.34
N GLY D 202 -7.46 0.62 15.96
CA GLY D 202 -7.79 -0.61 15.23
C GLY D 202 -9.18 -0.56 14.67
N THR D 203 -10.14 -0.15 15.50
CA THR D 203 -11.54 -0.15 15.09
C THR D 203 -11.73 0.89 14.00
N GLN D 204 -11.21 2.09 14.23
CA GLN D 204 -11.23 3.12 13.19
C GLN D 204 -10.75 2.55 11.85
N GLN D 205 -9.62 1.86 11.87
CA GLN D 205 -9.07 1.23 10.66
C GLN D 205 -10.06 0.25 10.03
N ALA D 206 -10.67 -0.59 10.85
CA ALA D 206 -11.49 -1.68 10.33
C ALA D 206 -12.79 -1.26 9.61
N PHE D 207 -13.26 -0.03 9.80
CA PHE D 207 -14.56 0.39 9.24
C PHE D 207 -14.55 1.78 8.60
N TYR D 208 -13.34 2.22 8.27
CA TYR D 208 -13.09 3.58 7.80
C TYR D 208 -13.80 3.87 6.50
N SER D 209 -13.95 2.86 5.66
CA SER D 209 -14.60 3.00 4.35
C SER D 209 -15.99 2.37 4.28
N ASP D 210 -16.45 1.82 5.41
CA ASP D 210 -17.76 1.19 5.51
C ASP D 210 -18.79 2.15 6.15
N PRO D 211 -19.84 2.53 5.39
CA PRO D 211 -20.90 3.38 5.92
C PRO D 211 -22.02 2.62 6.63
N SER D 212 -21.98 1.29 6.65
CA SER D 212 -22.93 0.50 7.46
C SER D 212 -22.44 0.26 8.89
N VAL D 213 -21.26 0.78 9.22
CA VAL D 213 -20.74 0.77 10.58
C VAL D 213 -20.20 2.15 10.92
N LEU D 214 -20.76 2.72 11.99
CA LEU D 214 -20.41 4.04 12.50
C LEU D 214 -19.62 3.89 13.79
N TYR D 215 -18.42 4.46 13.80
CA TYR D 215 -17.51 4.38 14.94
C TYR D 215 -17.38 5.74 15.58
N MET D 216 -17.74 5.84 16.87
CA MET D 216 -17.61 7.08 17.63
C MET D 216 -16.70 6.83 18.80
N SER D 217 -15.61 7.59 18.90
CA SER D 217 -14.72 7.50 20.05
C SER D 217 -14.69 8.82 20.80
N LEU D 218 -14.88 8.75 22.11
CA LEU D 218 -14.50 9.84 22.99
C LEU D 218 -13.14 9.44 23.55
N HIS D 219 -12.15 10.32 23.39
CA HIS D 219 -10.82 10.04 23.89
C HIS D 219 -10.00 11.28 24.06
N ARG D 220 -8.97 11.17 24.88
CA ARG D 220 -8.02 12.23 25.05
C ARG D 220 -7.08 12.26 23.83
N TYR D 221 -7.01 13.39 23.15
CA TYR D 221 -6.19 13.52 21.95
C TYR D 221 -5.00 14.43 22.17
N ASP D 222 -5.26 15.66 22.63
CA ASP D 222 -4.20 16.64 22.91
C ASP D 222 -3.24 16.82 21.74
N ASP D 223 -3.80 17.01 20.55
CA ASP D 223 -3.03 17.27 19.34
C ASP D 223 -1.92 16.25 19.10
N GLY D 224 -2.26 15.00 19.34
CA GLY D 224 -1.45 13.88 18.94
C GLY D 224 -0.52 13.36 20.03
N ASN D 225 -0.49 14.06 21.17
CA ASN D 225 0.53 13.83 22.21
C ASN D 225 0.17 12.74 23.24
N PHE D 226 -0.95 12.06 23.06
CA PHE D 226 -1.40 11.02 23.99
C PHE D 226 -1.50 9.70 23.25
N PHE D 227 -1.32 8.60 23.96
CA PHE D 227 -1.34 7.29 23.35
C PHE D 227 -2.74 7.00 22.80
N PRO D 228 -2.84 6.44 21.59
CA PRO D 228 -1.78 6.06 20.67
C PRO D 228 -1.46 7.10 19.59
N GLY D 229 -1.93 8.33 19.74
CA GLY D 229 -1.57 9.40 18.81
C GLY D 229 -2.40 9.49 17.54
N SER D 230 -3.40 8.63 17.39
CA SER D 230 -4.33 8.70 16.26
C SER D 230 -5.65 9.24 16.80
N GLY D 231 -6.64 9.40 15.93
CA GLY D 231 -7.99 9.79 16.34
C GLY D 231 -8.26 11.28 16.30
N ALA D 232 -7.74 11.97 15.28
CA ALA D 232 -7.96 13.40 15.11
C ALA D 232 -9.39 13.63 14.62
N PRO D 233 -9.99 14.80 14.97
CA PRO D 233 -11.37 15.10 14.59
C PRO D 233 -11.63 15.05 13.09
N ASP D 234 -10.67 15.51 12.30
CA ASP D 234 -10.88 15.60 10.84
C ASP D 234 -10.74 14.26 10.12
N GLU D 235 -10.29 13.23 10.84
CA GLU D 235 -10.41 11.85 10.33
C GLU D 235 -11.89 11.43 10.40
N VAL D 236 -12.55 11.44 9.25
CA VAL D 236 -14.01 11.32 9.16
C VAL D 236 -14.49 10.11 8.37
N GLY D 237 -13.56 9.41 7.72
CA GLY D 237 -13.90 8.26 6.88
C GLY D 237 -13.35 8.41 5.48
N THR D 238 -13.62 7.42 4.63
CA THR D 238 -13.15 7.44 3.26
C THR D 238 -14.15 6.75 2.33
N GLY D 239 -14.19 7.19 1.09
CA GLY D 239 -15.12 6.66 0.10
C GLY D 239 -16.57 6.81 0.57
N PRO D 240 -17.37 5.73 0.42
CA PRO D 240 -18.75 5.76 0.88
C PRO D 240 -18.83 5.89 2.38
N GLY D 241 -17.74 5.57 3.09
CA GLY D 241 -17.69 5.71 4.53
C GLY D 241 -17.56 7.13 5.08
N VAL D 242 -17.33 8.11 4.20
CA VAL D 242 -17.14 9.50 4.62
C VAL D 242 -18.30 9.93 5.52
N GLY D 243 -17.97 10.41 6.71
CA GLY D 243 -18.95 10.86 7.69
C GLY D 243 -19.33 9.84 8.75
N PHE D 244 -18.97 8.57 8.55
CA PHE D 244 -19.33 7.52 9.50
C PHE D 244 -18.16 7.13 10.42
N ASN D 245 -17.15 8.00 10.51
CA ASN D 245 -16.12 7.93 11.55
C ASN D 245 -16.06 9.22 12.33
N VAL D 246 -16.53 9.18 13.58
CA VAL D 246 -16.62 10.35 14.43
C VAL D 246 -15.64 10.29 15.60
N ASN D 247 -14.56 11.05 15.51
CA ASN D 247 -13.58 11.17 16.57
C ASN D 247 -13.87 12.35 17.48
N MET D 248 -14.61 12.12 18.56
CA MET D 248 -14.84 13.15 19.60
C MET D 248 -13.56 13.30 20.41
N ALA D 249 -12.65 14.15 19.90
CA ALA D 249 -11.31 14.27 20.41
C ALA D 249 -11.20 15.45 21.35
N PHE D 250 -10.76 15.20 22.58
CA PHE D 250 -10.54 16.26 23.57
C PHE D 250 -9.13 16.82 23.48
N THR D 251 -9.04 18.14 23.43
CA THR D 251 -7.78 18.84 23.32
C THR D 251 -7.66 19.83 24.47
N GLY D 252 -6.44 20.19 24.83
CA GLY D 252 -6.21 21.18 25.88
C GLY D 252 -5.42 20.68 27.07
N GLY D 253 -5.22 19.36 27.16
CA GLY D 253 -4.47 18.78 28.27
C GLY D 253 -5.30 18.67 29.53
N LEU D 254 -4.62 18.68 30.67
CA LEU D 254 -5.27 18.48 31.98
C LEU D 254 -5.48 19.80 32.73
N ASP D 255 -5.68 20.88 31.98
CA ASP D 255 -5.83 22.22 32.54
C ASP D 255 -7.16 22.88 32.19
N PRO D 256 -8.23 22.53 32.90
CA PRO D 256 -8.37 21.47 33.89
C PRO D 256 -8.67 20.11 33.27
N PRO D 257 -8.64 19.04 34.09
CA PRO D 257 -8.96 17.69 33.61
C PRO D 257 -10.43 17.55 33.29
N MET D 258 -10.75 16.70 32.32
CA MET D 258 -12.14 16.48 31.94
C MET D 258 -12.83 15.60 32.99
N GLY D 259 -14.14 15.83 33.18
CA GLY D 259 -14.93 15.04 34.13
C GLY D 259 -16.36 14.89 33.67
N ASP D 260 -17.23 14.54 34.61
CA ASP D 260 -18.64 14.23 34.30
C ASP D 260 -19.37 15.32 33.48
N ALA D 261 -19.21 16.58 33.86
CA ALA D 261 -19.89 17.67 33.16
C ALA D 261 -19.51 17.64 31.68
N GLU D 262 -18.22 17.49 31.41
CA GLU D 262 -17.70 17.52 30.04
C GLU D 262 -18.25 16.36 29.20
N TYR D 263 -18.16 15.15 29.75
CA TYR D 263 -18.62 13.99 29.04
C TYR D 263 -20.13 14.01 28.81
N LEU D 264 -20.90 14.37 29.84
CA LEU D 264 -22.35 14.46 29.69
C LEU D 264 -22.70 15.47 28.61
N ALA D 265 -21.97 16.58 28.60
CA ALA D 265 -22.16 17.60 27.56
C ALA D 265 -21.93 17.03 26.16
N ALA D 266 -20.83 16.33 25.98
CA ALA D 266 -20.50 15.74 24.69
C ALA D 266 -21.55 14.72 24.27
N PHE D 267 -22.04 13.91 25.20
CA PHE D 267 -23.10 12.95 24.86
C PHE D 267 -24.34 13.65 24.34
N ARG D 268 -24.83 14.64 25.08
CA ARG D 268 -26.07 15.33 24.70
C ARG D 268 -25.89 16.14 23.41
N THR D 269 -24.75 16.80 23.21
CA THR D 269 -24.61 17.69 22.04
C THR D 269 -23.96 17.04 20.78
N VAL D 270 -23.20 15.94 20.93
CA VAL D 270 -22.53 15.30 19.78
C VAL D 270 -22.82 13.82 19.58
N VAL D 271 -22.59 13.01 20.61
CA VAL D 271 -22.75 11.55 20.47
C VAL D 271 -24.20 11.11 20.21
N MET D 272 -25.12 11.50 21.07
CA MET D 272 -26.52 11.01 20.95
C MET D 272 -27.33 11.58 19.78
N PRO D 273 -27.11 12.86 19.42
CA PRO D 273 -27.79 13.35 18.23
C PRO D 273 -27.37 12.60 16.97
N ILE D 274 -26.07 12.39 16.81
CA ILE D 274 -25.57 11.63 15.64
C ILE D 274 -26.04 10.19 15.66
N ALA D 275 -25.91 9.52 16.81
CA ALA D 275 -26.34 8.11 16.94
C ALA D 275 -27.82 7.94 16.61
N SER D 276 -28.63 8.90 17.06
CA SER D 276 -30.08 8.86 16.79
C SER D 276 -30.40 9.00 15.30
N GLU D 277 -29.69 9.89 14.62
CA GLU D 277 -29.87 10.08 13.20
C GLU D 277 -29.51 8.78 12.46
N PHE D 278 -28.40 8.17 12.85
CA PHE D 278 -27.99 6.91 12.24
C PHE D 278 -29.02 5.80 12.43
N ALA D 279 -29.64 5.76 13.60
CA ALA D 279 -30.71 4.80 13.89
C ALA D 279 -30.27 3.36 13.65
N PRO D 280 -29.30 2.89 14.45
CA PRO D 280 -28.70 1.58 14.26
C PRO D 280 -29.53 0.40 14.79
N ASP D 281 -29.26 -0.77 14.23
CA ASP D 281 -29.98 -2.00 14.59
C ASP D 281 -29.35 -2.65 15.84
N VAL D 282 -28.06 -2.42 16.05
CA VAL D 282 -27.32 -2.96 17.20
C VAL D 282 -26.30 -1.91 17.61
N VAL D 283 -26.06 -1.78 18.91
CA VAL D 283 -25.00 -0.92 19.42
C VAL D 283 -23.93 -1.75 20.16
N LEU D 284 -22.67 -1.60 19.73
CA LEU D 284 -21.54 -2.24 20.43
C LEU D 284 -20.75 -1.17 21.15
N VAL D 285 -20.28 -1.47 22.36
CA VAL D 285 -19.52 -0.51 23.16
C VAL D 285 -18.16 -1.04 23.62
N SER D 286 -17.10 -0.39 23.13
CA SER D 286 -15.73 -0.62 23.66
C SER D 286 -15.68 0.11 25.00
N SER D 287 -15.92 -0.63 26.07
CA SER D 287 -16.17 -0.03 27.36
C SER D 287 -14.93 -0.07 28.24
N GLY D 288 -14.01 0.85 27.99
CA GLY D 288 -12.83 1.02 28.84
C GLY D 288 -13.17 1.98 29.95
N PHE D 289 -12.60 1.77 31.13
CA PHE D 289 -12.90 2.61 32.29
C PHE D 289 -11.69 3.40 32.78
N ASP D 290 -10.75 3.66 31.90
CA ASP D 290 -9.55 4.42 32.29
C ASP D 290 -9.78 5.91 32.38
N ALA D 291 -10.95 6.39 31.96
CA ALA D 291 -11.30 7.81 32.13
C ALA D 291 -11.62 8.17 33.60
N VAL D 292 -11.95 7.17 34.43
CA VAL D 292 -12.35 7.37 35.81
C VAL D 292 -11.25 7.97 36.69
N GLU D 293 -11.66 8.73 37.72
CA GLU D 293 -10.76 9.29 38.72
C GLU D 293 -9.86 8.21 39.27
N GLY D 294 -8.56 8.48 39.28
CA GLY D 294 -7.55 7.53 39.79
C GLY D 294 -6.70 6.86 38.71
N HIS D 295 -6.44 7.60 37.64
CA HIS D 295 -5.60 7.10 36.55
C HIS D 295 -4.62 8.18 36.21
N PRO D 296 -3.38 8.05 36.70
CA PRO D 296 -2.35 9.05 36.50
C PRO D 296 -2.10 9.43 35.05
N THR D 297 -1.48 10.59 34.86
CA THR D 297 -1.33 11.27 33.57
C THR D 297 -0.81 10.45 32.39
N PRO D 298 -0.03 9.38 32.64
CA PRO D 298 0.33 8.53 31.49
C PRO D 298 -0.83 7.67 31.01
N LEU D 299 -1.54 7.07 31.95
CA LEU D 299 -2.56 6.09 31.65
C LEU D 299 -3.92 6.75 31.39
N GLY D 300 -4.19 7.86 32.06
CA GLY D 300 -5.50 8.50 31.97
C GLY D 300 -5.41 10.00 32.13
N GLY D 301 -5.72 10.49 33.33
CA GLY D 301 -5.63 11.92 33.63
C GLY D 301 -6.96 12.57 33.90
N TYR D 302 -8.02 11.95 33.41
CA TYR D 302 -9.37 12.49 33.55
C TYR D 302 -10.03 12.03 34.86
N ASN D 303 -11.09 12.77 35.23
CA ASN D 303 -11.70 12.67 36.55
C ASN D 303 -13.18 12.27 36.53
N LEU D 304 -13.57 11.32 35.69
CA LEU D 304 -14.97 10.84 35.72
C LEU D 304 -15.24 10.02 36.98
N SER D 305 -16.51 9.97 37.36
CA SER D 305 -16.99 9.11 38.45
C SER D 305 -17.51 7.83 37.83
N ALA D 306 -17.44 6.74 38.57
CA ALA D 306 -18.02 5.46 38.11
C ALA D 306 -19.50 5.63 37.84
N ARG D 307 -20.22 6.22 38.80
CA ARG D 307 -21.67 6.48 38.66
C ARG D 307 -22.00 6.94 37.23
N CYS D 308 -21.19 7.87 36.71
CA CYS D 308 -21.45 8.48 35.42
C CYS D 308 -21.67 7.49 34.27
N PHE D 309 -20.91 6.41 34.28
CA PHE D 309 -21.05 5.40 33.25
C PHE D 309 -22.42 4.71 33.28
N GLY D 310 -23.08 4.71 34.43
CA GLY D 310 -24.48 4.27 34.51
C GLY D 310 -25.36 5.15 33.65
N TYR D 311 -25.16 6.46 33.72
CA TYR D 311 -25.90 7.42 32.90
C TYR D 311 -25.57 7.28 31.41
N LEU D 312 -24.32 7.00 31.08
CA LEU D 312 -23.94 6.81 29.66
C LEU D 312 -24.55 5.53 29.10
N THR D 313 -24.52 4.48 29.90
CA THR D 313 -25.16 3.22 29.51
C THR D 313 -26.66 3.44 29.27
N LYS D 314 -27.32 4.08 30.23
CA LYS D 314 -28.76 4.26 30.13
C LYS D 314 -29.13 5.03 28.86
N GLN D 315 -28.35 6.06 28.56
CA GLN D 315 -28.57 6.83 27.34
C GLN D 315 -28.46 5.97 26.08
N LEU D 316 -27.43 5.12 25.99
CA LEU D 316 -27.27 4.27 24.82
C LEU D 316 -28.36 3.20 24.75
N MET D 317 -28.92 2.83 25.91
CA MET D 317 -29.97 1.80 25.95
C MET D 317 -31.24 2.22 25.22
N GLY D 318 -31.42 3.52 25.05
CA GLY D 318 -32.54 4.03 24.26
C GLY D 318 -32.49 3.70 22.77
N LEU D 319 -31.29 3.42 22.26
CA LEU D 319 -31.08 3.12 20.84
C LEU D 319 -31.32 1.65 20.54
N ALA D 320 -31.44 1.31 19.25
CA ALA D 320 -31.44 -0.07 18.78
C ALA D 320 -32.43 -0.96 19.50
N GLY D 321 -33.53 -0.37 19.94
CA GLY D 321 -34.49 -1.10 20.76
C GLY D 321 -33.86 -1.79 21.96
N GLY D 322 -32.80 -1.20 22.51
CA GLY D 322 -32.14 -1.74 23.71
C GLY D 322 -31.06 -2.77 23.47
N ARG D 323 -30.85 -3.15 22.19
CA ARG D 323 -29.83 -4.14 21.84
C ARG D 323 -28.42 -3.55 21.92
N ILE D 324 -27.90 -3.51 23.15
CA ILE D 324 -26.61 -2.93 23.45
C ILE D 324 -25.73 -3.99 24.14
N VAL D 325 -24.45 -4.02 23.80
CA VAL D 325 -23.50 -4.93 24.44
C VAL D 325 -22.19 -4.20 24.71
N LEU D 326 -21.72 -4.28 25.95
CA LEU D 326 -20.49 -3.63 26.38
C LEU D 326 -19.39 -4.67 26.57
N ALA D 327 -18.21 -4.38 26.05
CA ALA D 327 -17.06 -5.27 26.20
C ALA D 327 -15.92 -4.50 26.85
N LEU D 328 -15.31 -5.11 27.87
CA LEU D 328 -14.18 -4.48 28.55
C LEU D 328 -13.00 -4.20 27.60
N GLU D 329 -12.44 -3.00 27.70
CA GLU D 329 -11.19 -2.67 27.05
C GLU D 329 -10.21 -2.31 28.17
N GLY D 330 -9.84 -1.03 28.29
CA GLY D 330 -8.88 -0.58 29.31
C GLY D 330 -9.51 -0.32 30.68
N GLY D 331 -8.71 0.27 31.57
CA GLY D 331 -9.10 0.51 32.97
C GLY D 331 -8.25 -0.34 33.91
N HIS D 332 -7.47 0.31 34.77
CA HIS D 332 -6.45 -0.37 35.62
C HIS D 332 -6.81 -0.43 37.08
N ASP D 333 -7.16 0.71 37.64
CA ASP D 333 -7.48 0.87 39.06
C ASP D 333 -8.65 -0.02 39.51
N LEU D 334 -8.40 -0.90 40.48
CA LEU D 334 -9.34 -1.96 40.80
C LEU D 334 -10.68 -1.47 41.34
N THR D 335 -10.63 -0.49 42.23
CA THR D 335 -11.86 0.08 42.77
C THR D 335 -12.67 0.75 41.65
N ALA D 336 -12.00 1.58 40.88
CA ALA D 336 -12.62 2.27 39.75
C ALA D 336 -13.32 1.29 38.79
N ILE D 337 -12.58 0.32 38.26
CA ILE D 337 -13.15 -0.54 37.21
C ILE D 337 -14.24 -1.44 37.76
N CYS D 338 -14.13 -1.81 39.03
CA CYS D 338 -15.21 -2.57 39.70
C CYS D 338 -16.44 -1.70 39.95
N ASP D 339 -16.22 -0.47 40.43
CA ASP D 339 -17.32 0.48 40.65
C ASP D 339 -18.06 0.74 39.34
N ALA D 340 -17.32 1.11 38.30
CA ALA D 340 -17.90 1.40 36.98
C ALA D 340 -18.66 0.20 36.43
N SER D 341 -18.04 -0.97 36.52
CA SER D 341 -18.71 -2.17 36.03
C SER D 341 -19.98 -2.40 36.80
N GLU D 342 -19.96 -2.13 38.11
CA GLU D 342 -21.16 -2.25 38.92
C GLU D 342 -22.26 -1.35 38.37
N ALA D 343 -21.92 -0.09 38.10
CA ALA D 343 -22.89 0.87 37.59
C ALA D 343 -23.52 0.41 36.26
N CYS D 344 -22.70 -0.09 35.34
CA CYS D 344 -23.18 -0.39 33.99
C CYS D 344 -24.14 -1.57 34.01
N VAL D 345 -23.74 -2.67 34.64
CA VAL D 345 -24.60 -3.85 34.72
C VAL D 345 -25.90 -3.54 35.45
N SER D 346 -25.78 -2.72 36.48
CA SER D 346 -26.96 -2.24 37.19
C SER D 346 -27.89 -1.46 36.24
N ALA D 347 -27.30 -0.62 35.39
CA ALA D 347 -28.06 0.14 34.38
C ALA D 347 -28.74 -0.79 33.38
N LEU D 348 -27.97 -1.71 32.83
CA LEU D 348 -28.45 -2.67 31.84
C LEU D 348 -29.63 -3.48 32.37
N LEU D 349 -29.61 -3.78 33.67
CA LEU D 349 -30.70 -4.54 34.29
C LEU D 349 -31.99 -3.73 34.44
N GLY D 350 -31.89 -2.41 34.52
CA GLY D 350 -33.06 -1.55 34.61
C GLY D 350 -33.24 -0.81 35.92
N ASN D 351 -32.27 -0.95 36.83
CA ASN D 351 -32.40 -0.32 38.15
C ASN D 351 -32.28 1.21 38.09
N GLU D 352 -32.78 1.87 39.14
CA GLU D 352 -32.62 3.31 39.33
C GLU D 352 -31.21 3.61 39.82
N LEU D 353 -30.45 4.37 39.04
CA LEU D 353 -29.10 4.74 39.39
C LEU D 353 -29.09 5.78 40.51
N ASP D 354 -28.13 5.67 41.42
CA ASP D 354 -27.94 6.67 42.48
C ASP D 354 -27.48 7.99 41.84
N PRO D 355 -28.39 8.98 41.71
CA PRO D 355 -28.21 10.13 40.83
C PRO D 355 -26.99 10.99 41.15
N LEU D 356 -26.52 11.73 40.14
CA LEU D 356 -25.23 12.36 40.22
C LEU D 356 -25.33 13.51 41.18
N PRO D 357 -24.20 13.89 41.81
CA PRO D 357 -24.19 15.02 42.72
C PRO D 357 -24.61 16.33 42.05
N GLU D 358 -25.38 17.13 42.77
CA GLU D 358 -25.80 18.42 42.25
C GLU D 358 -24.57 19.28 41.96
N LYS D 359 -23.46 19.11 42.70
CA LYS D 359 -22.23 19.90 42.44
C LYS D 359 -21.76 19.71 40.99
N VAL D 360 -21.90 18.49 40.46
CA VAL D 360 -21.54 18.17 39.07
C VAL D 360 -22.60 18.67 38.08
N LEU D 361 -23.86 18.34 38.36
CA LEU D 361 -24.99 18.80 37.54
C LEU D 361 -25.07 20.32 37.35
N GLN D 362 -24.38 21.10 38.19
CA GLN D 362 -24.31 22.55 38.02
C GLN D 362 -23.04 23.07 37.37
N GLN D 363 -22.12 22.18 36.99
CA GLN D 363 -20.85 22.63 36.47
C GLN D 363 -20.87 22.85 34.97
N ARG D 364 -20.50 24.06 34.54
CA ARG D 364 -20.37 24.35 33.11
C ARG D 364 -19.12 23.63 32.63
N PRO D 365 -19.20 22.97 31.46
CA PRO D 365 -18.02 22.31 30.90
C PRO D 365 -16.93 23.31 30.56
N ASN D 366 -15.70 22.90 30.77
CA ASN D 366 -14.59 23.83 30.69
C ASN D 366 -14.35 24.34 29.25
N ALA D 367 -13.58 25.42 29.14
CA ALA D 367 -13.34 26.10 27.88
C ALA D 367 -12.77 25.14 26.85
N ASN D 368 -11.79 24.33 27.28
CA ASN D 368 -11.18 23.30 26.43
C ASN D 368 -12.22 22.29 25.92
N ALA D 369 -13.08 21.82 26.81
CA ALA D 369 -14.14 20.90 26.45
C ALA D 369 -15.06 21.52 25.40
N VAL D 370 -15.45 22.77 25.61
CA VAL D 370 -16.31 23.44 24.65
C VAL D 370 -15.59 23.60 23.32
N ARG D 371 -14.34 24.08 23.34
CA ARG D 371 -13.61 24.32 22.10
C ARG D 371 -13.45 23.01 21.31
N SER D 372 -13.20 21.91 22.02
CA SER D 372 -13.07 20.58 21.42
C SER D 372 -14.37 20.12 20.78
N MET D 373 -15.48 20.38 21.47
CA MET D 373 -16.79 20.04 20.94
C MET D 373 -17.15 20.86 19.70
N GLU D 374 -16.76 22.14 19.66
CA GLU D 374 -17.14 22.99 18.53
C GLU D 374 -16.41 22.53 17.27
N LYS D 375 -15.18 22.06 17.42
CA LYS D 375 -14.39 21.67 16.26
C LYS D 375 -14.98 20.46 15.59
N VAL D 376 -15.35 19.46 16.40
CA VAL D 376 -15.98 18.26 15.87
C VAL D 376 -17.32 18.63 15.21
N MET D 377 -18.12 19.44 15.91
CA MET D 377 -19.42 19.84 15.40
C MET D 377 -19.30 20.53 14.04
N GLU D 378 -18.33 21.42 13.89
CA GLU D 378 -18.15 22.13 12.64
C GLU D 378 -17.80 21.14 11.54
N ILE D 379 -16.87 20.23 11.82
CA ILE D 379 -16.44 19.27 10.81
C ILE D 379 -17.58 18.38 10.37
N HIS D 380 -18.29 17.80 11.34
CA HIS D 380 -19.38 16.86 11.02
C HIS D 380 -20.69 17.50 10.69
N SER D 381 -20.71 18.82 10.67
CA SER D 381 -21.89 19.56 10.25
C SER D 381 -22.17 19.27 8.79
N LYS D 382 -21.09 19.05 8.03
CA LYS D 382 -21.15 18.71 6.63
C LYS D 382 -21.90 17.38 6.37
N TYR D 383 -21.95 16.48 7.34
CA TYR D 383 -22.48 15.13 7.09
C TYR D 383 -23.72 14.72 7.88
N TRP D 384 -24.14 15.53 8.84
CA TRP D 384 -25.28 15.17 9.73
C TRP D 384 -26.27 16.29 9.91
N ARG D 385 -27.54 16.02 9.61
CA ARG D 385 -28.58 17.05 9.65
C ARG D 385 -28.68 17.68 11.04
N CYS D 386 -28.58 16.83 12.07
CA CYS D 386 -28.78 17.27 13.45
C CYS D 386 -27.72 18.24 13.98
N LEU D 387 -26.61 18.41 13.26
CA LEU D 387 -25.58 19.37 13.69
C LEU D 387 -25.64 20.74 13.04
N GLN D 388 -26.46 20.93 12.01
CA GLN D 388 -26.46 22.19 11.28
C GLN D 388 -27.23 23.24 12.09
N ARG D 389 -27.10 24.50 11.69
CA ARG D 389 -28.00 25.55 12.19
C ARG D 389 -28.07 26.76 11.25
N HIS D 390 -29.32 27.11 10.90
CA HIS D 390 -29.66 28.24 10.03
C HIS D 390 -29.08 29.59 10.43
N HIS D 391 -28.64 29.72 11.67
CA HIS D 391 -27.95 30.92 12.12
C HIS D 391 -26.46 30.79 12.00
C1 KEE E . -14.66 -23.34 -22.46
C2 KEE E . -15.26 -22.04 -22.97
C3 KEE E . -15.89 -21.84 -24.37
C4 KEE E . -16.79 -21.94 -23.13
C5 KEE E . -15.55 -20.51 -24.97
C6 KEE E . -14.56 -20.53 -25.95
C7 KEE E . -14.15 -19.37 -26.58
C8 KEE E . -14.73 -18.16 -26.25
C9 KEE E . -15.71 -18.11 -25.26
C10 KEE E . -16.14 -19.29 -24.62
C11 KEE E . -17.69 -23.10 -23.14
C12 KEE E . -17.95 -23.78 -21.95
C13 KEE E . -18.85 -24.85 -21.95
C14 KEE E . -19.50 -25.23 -23.13
C15 KEE E . -19.26 -24.52 -24.31
C16 KEE E . -18.36 -23.45 -24.31
C17 KEE E . -14.22 -16.95 -26.96
O18 KEE E . -13.97 -15.72 -26.41
C19 KEE E . -13.45 -14.90 -27.41
N20 KEE E . -13.40 -15.62 -28.55
C21 KEE E . -13.85 -16.88 -28.31
O22 KEE E . -14.63 -24.43 -23.04
N23 KEE E . -14.09 -23.14 -21.27
O24 KEE E . -13.36 -24.12 -20.61
ZN ZN F . -12.99 -25.34 -22.37
ZN ZN G . -29.77 -15.28 -26.01
NA NA H . -6.95 -26.98 -18.63
NA NA I . -0.08 -22.70 -6.14
C1 KEE J . 17.47 27.93 6.87
C2 KEE J . 16.87 29.24 6.33
C3 KEE J . 16.51 29.28 4.83
C4 KEE J . 15.41 29.43 5.89
C5 KEE J . 16.97 30.49 4.05
C6 KEE J . 17.77 30.30 2.92
C7 KEE J . 18.23 31.36 2.15
C8 KEE J . 17.88 32.68 2.49
C9 KEE J . 17.09 32.87 3.62
C10 KEE J . 16.63 31.79 4.37
C11 KEE J . 14.43 28.31 5.88
C12 KEE J . 14.05 27.73 7.09
C13 KEE J . 13.12 26.66 7.12
C14 KEE J . 12.55 26.19 5.92
C15 KEE J . 12.94 26.79 4.72
C16 KEE J . 13.86 27.86 4.70
C17 KEE J . 18.37 33.87 1.70
O18 KEE J . 18.22 35.19 2.06
C19 KEE J . 18.81 35.97 1.07
N20 KEE J . 19.33 35.13 0.13
C21 KEE J . 19.08 33.84 0.50
O22 KEE J . 17.53 26.83 6.32
N23 KEE J . 18.09 28.10 8.03
O24 KEE J . 18.89 27.10 8.57
ZN ZN K . 19.36 26.09 6.69
ZN ZN L . 2.83 36.62 3.03
NA NA M . 25.44 24.32 10.31
NA NA N . 32.72 29.02 22.46
C1 KEE O . -2.39 4.83 -24.19
C2 KEE O . -3.61 4.21 -24.89
C3 KEE O . -5.02 4.83 -24.77
C4 KEE O . -4.28 4.81 -26.12
C5 KEE O . -6.15 3.86 -24.55
C6 KEE O . -6.92 3.95 -23.38
C7 KEE O . -7.98 3.07 -23.13
C8 KEE O . -8.29 2.06 -24.06
C9 KEE O . -7.53 1.94 -25.21
C10 KEE O . -6.48 2.83 -25.45
C11 KEE O . -3.88 6.10 -26.71
C12 KEE O . -2.64 6.20 -27.34
C13 KEE O . -2.27 7.41 -27.94
C14 KEE O . -3.15 8.51 -27.92
C15 KEE O . -4.39 8.38 -27.29
C16 KEE O . -4.76 7.18 -26.70
C17 KEE O . -9.41 1.11 -23.85
O18 KEE O . -9.78 0.12 -24.73
C19 KEE O . -10.86 -0.54 -24.18
N20 KEE O . -11.15 0.04 -22.98
C21 KEE O . -10.27 1.06 -22.76
O22 KEE O . -2.30 5.95 -23.71
N23 KEE O . -1.39 3.95 -24.12
O24 KEE O . -0.17 4.22 -23.54
ZN ZN P . -1.05 5.63 -22.16
ZN ZN Q . -11.83 5.70 -39.62
NA NA R . 3.88 3.19 -17.29
NA NA S . 13.47 -8.10 -16.19
C1 KEE T . -5.51 1.09 27.33
C2 KEE T . -4.02 0.75 27.23
C3 KEE T . -3.07 1.27 28.31
C4 KEE T . -3.31 -0.24 28.17
C5 KEE T . -1.84 1.91 27.76
C6 KEE T . -1.67 3.30 27.95
C7 KEE T . -0.55 3.95 27.44
C8 KEE T . 0.41 3.22 26.73
C9 KEE T . 0.25 1.85 26.54
C10 KEE T . -0.88 1.19 27.05
C11 KEE T . -3.93 -0.87 29.37
C12 KEE T . -4.92 -1.83 29.24
C13 KEE T . -5.47 -2.45 30.36
C14 KEE T . -5.03 -2.12 31.64
C15 KEE T . -4.02 -1.17 31.76
C16 KEE T . -3.46 -0.57 30.66
C17 KEE T . 1.61 3.86 26.17
O18 KEE T . 2.41 3.29 25.21
C19 KEE T . 3.43 4.19 24.95
N20 KEE T . 3.26 5.29 25.74
C21 KEE T . 2.14 5.11 26.49
O22 KEE T . -6.06 1.66 28.28
N23 KEE T . -6.16 0.78 26.22
O24 KEE T . -7.50 1.11 26.02
ZN ZN U . -7.46 2.78 27.39
ZN ZN V . 7.44 -10.18 33.07
NA NA W . -12.44 5.71 22.87
NA NA X . -17.51 3.45 9.06
#